data_1FE6
# 
_entry.id   1FE6 
# 
_audit_conform.dict_name       mmcif_pdbx.dic 
_audit_conform.dict_version    5.385 
_audit_conform.dict_location   http://mmcif.pdb.org/dictionaries/ascii/mmcif_pdbx.dic 
# 
loop_
_database_2.database_id 
_database_2.database_code 
_database_2.pdbx_database_accession 
_database_2.pdbx_DOI 
PDB   1FE6         pdb_00001fe6 10.2210/pdb1fe6/pdb 
RCSB  RCSB011508   ?            ?                   
WWPDB D_1000011508 ?            ?                   
# 
loop_
_pdbx_audit_revision_history.ordinal 
_pdbx_audit_revision_history.data_content_type 
_pdbx_audit_revision_history.major_revision 
_pdbx_audit_revision_history.minor_revision 
_pdbx_audit_revision_history.revision_date 
1 'Structure model' 1 0 2001-01-21 
2 'Structure model' 1 1 2008-04-27 
3 'Structure model' 1 2 2011-07-13 
4 'Structure model' 1 3 2024-02-07 
# 
_pdbx_audit_revision_details.ordinal             1 
_pdbx_audit_revision_details.revision_ordinal    1 
_pdbx_audit_revision_details.data_content_type   'Structure model' 
_pdbx_audit_revision_details.provider            repository 
_pdbx_audit_revision_details.type                'Initial release' 
_pdbx_audit_revision_details.description         ? 
_pdbx_audit_revision_details.details             ? 
# 
loop_
_pdbx_audit_revision_group.ordinal 
_pdbx_audit_revision_group.revision_ordinal 
_pdbx_audit_revision_group.data_content_type 
_pdbx_audit_revision_group.group 
1 2 'Structure model' 'Version format compliance' 
2 3 'Structure model' 'Version format compliance' 
3 4 'Structure model' 'Data collection'           
4 4 'Structure model' 'Database references'       
# 
loop_
_pdbx_audit_revision_category.ordinal 
_pdbx_audit_revision_category.revision_ordinal 
_pdbx_audit_revision_category.data_content_type 
_pdbx_audit_revision_category.category 
1 4 'Structure model' chem_comp_atom     
2 4 'Structure model' chem_comp_bond     
3 4 'Structure model' database_2         
4 4 'Structure model' diffrn_source      
5 4 'Structure model' struct_ref_seq_dif 
# 
loop_
_pdbx_audit_revision_item.ordinal 
_pdbx_audit_revision_item.revision_ordinal 
_pdbx_audit_revision_item.data_content_type 
_pdbx_audit_revision_item.item 
1 4 'Structure model' '_database_2.pdbx_DOI'                 
2 4 'Structure model' '_database_2.pdbx_database_accession'  
3 4 'Structure model' '_diffrn_source.pdbx_synchrotron_site' 
4 4 'Structure model' '_struct_ref_seq_dif.details'          
# 
_pdbx_database_status.status_code                     REL 
_pdbx_database_status.entry_id                        1FE6 
_pdbx_database_status.recvd_initial_deposition_date   2000-07-21 
_pdbx_database_status.deposit_site                    RCSB 
_pdbx_database_status.process_site                    RCSB 
_pdbx_database_status.SG_entry                        . 
_pdbx_database_status.pdb_format_compatible           Y 
_pdbx_database_status.status_code_mr                  ? 
_pdbx_database_status.status_code_sf                  ? 
_pdbx_database_status.status_code_cs                  ? 
_pdbx_database_status.status_code_nmr_data            ? 
_pdbx_database_status.methods_development_category    ? 
# 
_audit_author.name           'Stetefeld, J.' 
_audit_author.pdbx_ordinal   1 
# 
_citation.id                        primary 
_citation.title                     'Crystal structure of a naturally occurring parallel right-handed coiled coil tetramer.' 
_citation.journal_abbrev            Nat.Struct.Biol. 
_citation.journal_volume            7 
_citation.page_first                772 
_citation.page_last                 776 
_citation.year                      2000 
_citation.journal_id_ASTM           NSBIEW 
_citation.country                   US 
_citation.journal_id_ISSN           1072-8368 
_citation.journal_id_CSD            2024 
_citation.book_publisher            ? 
_citation.pdbx_database_id_PubMed   10966648 
_citation.pdbx_database_id_DOI      10.1038/79006 
# 
loop_
_citation_author.citation_id 
_citation_author.name 
_citation_author.ordinal 
_citation_author.identifier_ORCID 
primary 'Stetefeld, J.'  1 ? 
primary 'Jenny, M.'      2 ? 
primary 'Schulthess, T.' 3 ? 
primary 'Landwehr, R.'   4 ? 
primary 'Engel, J.'      5 ? 
primary 'Kammerer, R.A.' 6 ? 
# 
loop_
_entity.id 
_entity.type 
_entity.src_method 
_entity.pdbx_description 
_entity.formula_weight 
_entity.pdbx_number_of_molecules 
_entity.pdbx_ec 
_entity.pdbx_mutation 
_entity.pdbx_fragment 
_entity.details 
1 polymer nat TETRABRACHION 5842.614 4   ? ? 'RIGHT HANDED COILED COIL' ? 
2 water   nat water         18.015   277 ? ? ?                          ? 
# 
_entity_poly.entity_id                      1 
_entity_poly.type                           'polypeptide(L)' 
_entity_poly.nstd_linkage                   no 
_entity_poly.nstd_monomer                   no 
_entity_poly.pdbx_seq_one_letter_code       GSIINETADDIVYRLTVIIDDRYESLKNLITLRADRLEMIINDNVSTILASG 
_entity_poly.pdbx_seq_one_letter_code_can   GSIINETADDIVYRLTVIIDDRYESLKNLITLRADRLEMIINDNVSTILASG 
_entity_poly.pdbx_strand_id                 A,B,C,D 
_entity_poly.pdbx_target_identifier         ? 
# 
_pdbx_entity_nonpoly.entity_id   2 
_pdbx_entity_nonpoly.name        water 
_pdbx_entity_nonpoly.comp_id     HOH 
# 
loop_
_entity_poly_seq.entity_id 
_entity_poly_seq.num 
_entity_poly_seq.mon_id 
_entity_poly_seq.hetero 
1 1  GLY n 
1 2  SER n 
1 3  ILE n 
1 4  ILE n 
1 5  ASN n 
1 6  GLU n 
1 7  THR n 
1 8  ALA n 
1 9  ASP n 
1 10 ASP n 
1 11 ILE n 
1 12 VAL n 
1 13 TYR n 
1 14 ARG n 
1 15 LEU n 
1 16 THR n 
1 17 VAL n 
1 18 ILE n 
1 19 ILE n 
1 20 ASP n 
1 21 ASP n 
1 22 ARG n 
1 23 TYR n 
1 24 GLU n 
1 25 SER n 
1 26 LEU n 
1 27 LYS n 
1 28 ASN n 
1 29 LEU n 
1 30 ILE n 
1 31 THR n 
1 32 LEU n 
1 33 ARG n 
1 34 ALA n 
1 35 ASP n 
1 36 ARG n 
1 37 LEU n 
1 38 GLU n 
1 39 MET n 
1 40 ILE n 
1 41 ILE n 
1 42 ASN n 
1 43 ASP n 
1 44 ASN n 
1 45 VAL n 
1 46 SER n 
1 47 THR n 
1 48 ILE n 
1 49 LEU n 
1 50 ALA n 
1 51 SER n 
1 52 GLY n 
# 
_entity_src_nat.entity_id                  1 
_entity_src_nat.pdbx_src_id                1 
_entity_src_nat.pdbx_alt_source_flag       sample 
_entity_src_nat.pdbx_beg_seq_num           ? 
_entity_src_nat.pdbx_end_seq_num           ? 
_entity_src_nat.common_name                ? 
_entity_src_nat.pdbx_organism_scientific   'Staphylothermus marinus' 
_entity_src_nat.pdbx_ncbi_taxonomy_id      2280 
_entity_src_nat.genus                      Staphylothermus 
_entity_src_nat.species                    ? 
_entity_src_nat.strain                     ? 
_entity_src_nat.tissue                     ? 
_entity_src_nat.tissue_fraction            ? 
_entity_src_nat.pdbx_secretion             ? 
_entity_src_nat.pdbx_fragment              ? 
_entity_src_nat.pdbx_variant               ? 
_entity_src_nat.pdbx_cell_line             ? 
_entity_src_nat.pdbx_atcc                  ? 
_entity_src_nat.pdbx_cellular_location     ? 
_entity_src_nat.pdbx_organ                 ? 
_entity_src_nat.pdbx_organelle             ? 
_entity_src_nat.pdbx_cell                  ? 
_entity_src_nat.pdbx_plasmid_name          ? 
_entity_src_nat.pdbx_plasmid_details       ? 
_entity_src_nat.details                    ? 
# 
loop_
_chem_comp.id 
_chem_comp.type 
_chem_comp.mon_nstd_flag 
_chem_comp.name 
_chem_comp.pdbx_synonyms 
_chem_comp.formula 
_chem_comp.formula_weight 
ALA 'L-peptide linking' y ALANINE         ? 'C3 H7 N O2'     89.093  
ARG 'L-peptide linking' y ARGININE        ? 'C6 H15 N4 O2 1' 175.209 
ASN 'L-peptide linking' y ASPARAGINE      ? 'C4 H8 N2 O3'    132.118 
ASP 'L-peptide linking' y 'ASPARTIC ACID' ? 'C4 H7 N O4'     133.103 
GLU 'L-peptide linking' y 'GLUTAMIC ACID' ? 'C5 H9 N O4'     147.129 
GLY 'peptide linking'   y GLYCINE         ? 'C2 H5 N O2'     75.067  
HOH non-polymer         . WATER           ? 'H2 O'           18.015  
ILE 'L-peptide linking' y ISOLEUCINE      ? 'C6 H13 N O2'    131.173 
LEU 'L-peptide linking' y LEUCINE         ? 'C6 H13 N O2'    131.173 
LYS 'L-peptide linking' y LYSINE          ? 'C6 H15 N2 O2 1' 147.195 
MET 'L-peptide linking' y METHIONINE      ? 'C5 H11 N O2 S'  149.211 
SER 'L-peptide linking' y SERINE          ? 'C3 H7 N O3'     105.093 
THR 'L-peptide linking' y THREONINE       ? 'C4 H9 N O3'     119.119 
TYR 'L-peptide linking' y TYROSINE        ? 'C9 H11 N O3'    181.189 
VAL 'L-peptide linking' y VALINE          ? 'C5 H11 N O2'    117.146 
# 
loop_
_pdbx_poly_seq_scheme.asym_id 
_pdbx_poly_seq_scheme.entity_id 
_pdbx_poly_seq_scheme.seq_id 
_pdbx_poly_seq_scheme.mon_id 
_pdbx_poly_seq_scheme.ndb_seq_num 
_pdbx_poly_seq_scheme.pdb_seq_num 
_pdbx_poly_seq_scheme.auth_seq_num 
_pdbx_poly_seq_scheme.pdb_mon_id 
_pdbx_poly_seq_scheme.auth_mon_id 
_pdbx_poly_seq_scheme.pdb_strand_id 
_pdbx_poly_seq_scheme.pdb_ins_code 
_pdbx_poly_seq_scheme.hetero 
A 1 1  GLY 1  1  1  GLY GLY A . n 
A 1 2  SER 2  2  2  SER SER A . n 
A 1 3  ILE 3  3  3  ILE ILE A . n 
A 1 4  ILE 4  4  4  ILE ILE A . n 
A 1 5  ASN 5  5  5  ASN ASN A . n 
A 1 6  GLU 6  6  6  GLU GLU A . n 
A 1 7  THR 7  7  7  THR THR A . n 
A 1 8  ALA 8  8  8  ALA ALA A . n 
A 1 9  ASP 9  9  9  ASP ASP A . n 
A 1 10 ASP 10 10 10 ASP ASP A . n 
A 1 11 ILE 11 11 11 ILE ILE A . n 
A 1 12 VAL 12 12 12 VAL VAL A . n 
A 1 13 TYR 13 13 13 TYR TYR A . n 
A 1 14 ARG 14 14 14 ARG ARG A . n 
A 1 15 LEU 15 15 15 LEU LEU A . n 
A 1 16 THR 16 16 16 THR THR A . n 
A 1 17 VAL 17 17 17 VAL VAL A . n 
A 1 18 ILE 18 18 18 ILE ILE A . n 
A 1 19 ILE 19 19 19 ILE ILE A . n 
A 1 20 ASP 20 20 20 ASP ASP A . n 
A 1 21 ASP 21 21 21 ASP ASP A . n 
A 1 22 ARG 22 22 22 ARG ARG A . n 
A 1 23 TYR 23 23 23 TYR TYR A . n 
A 1 24 GLU 24 24 24 GLU GLU A . n 
A 1 25 SER 25 25 25 SER SER A . n 
A 1 26 LEU 26 26 26 LEU LEU A . n 
A 1 27 LYS 27 27 27 LYS LYS A . n 
A 1 28 ASN 28 28 28 ASN ASN A . n 
A 1 29 LEU 29 29 29 LEU LEU A . n 
A 1 30 ILE 30 30 30 ILE ILE A . n 
A 1 31 THR 31 31 31 THR THR A . n 
A 1 32 LEU 32 32 32 LEU LEU A . n 
A 1 33 ARG 33 33 33 ARG ARG A . n 
A 1 34 ALA 34 34 34 ALA ALA A . n 
A 1 35 ASP 35 35 35 ASP ASP A . n 
A 1 36 ARG 36 36 36 ARG ARG A . n 
A 1 37 LEU 37 37 37 LEU LEU A . n 
A 1 38 GLU 38 38 38 GLU GLU A . n 
A 1 39 MET 39 39 39 MET MET A . n 
A 1 40 ILE 40 40 40 ILE ILE A . n 
A 1 41 ILE 41 41 41 ILE ILE A . n 
A 1 42 ASN 42 42 42 ASN ASN A . n 
A 1 43 ASP 43 43 43 ASP ASP A . n 
A 1 44 ASN 44 44 44 ASN ASN A . n 
A 1 45 VAL 45 45 45 VAL VAL A . n 
A 1 46 SER 46 46 46 SER SER A . n 
A 1 47 THR 47 47 47 THR THR A . n 
A 1 48 ILE 48 48 48 ILE ILE A . n 
A 1 49 LEU 49 49 49 LEU LEU A . n 
A 1 50 ALA 50 50 50 ALA ALA A . n 
A 1 51 SER 51 51 51 SER SER A . n 
A 1 52 GLY 52 52 52 GLY GLY A . n 
B 1 1  GLY 1  1  1  GLY GLY B . n 
B 1 2  SER 2  2  2  SER SER B . n 
B 1 3  ILE 3  3  3  ILE ILE B . n 
B 1 4  ILE 4  4  4  ILE ILE B . n 
B 1 5  ASN 5  5  5  ASN ASN B . n 
B 1 6  GLU 6  6  6  GLU GLU B . n 
B 1 7  THR 7  7  7  THR THR B . n 
B 1 8  ALA 8  8  8  ALA ALA B . n 
B 1 9  ASP 9  9  9  ASP ASP B . n 
B 1 10 ASP 10 10 10 ASP ASP B . n 
B 1 11 ILE 11 11 11 ILE ILE B . n 
B 1 12 VAL 12 12 12 VAL VAL B . n 
B 1 13 TYR 13 13 13 TYR TYR B . n 
B 1 14 ARG 14 14 14 ARG ARG B . n 
B 1 15 LEU 15 15 15 LEU LEU B . n 
B 1 16 THR 16 16 16 THR THR B . n 
B 1 17 VAL 17 17 17 VAL VAL B . n 
B 1 18 ILE 18 18 18 ILE ILE B . n 
B 1 19 ILE 19 19 19 ILE ILE B . n 
B 1 20 ASP 20 20 20 ASP ASP B . n 
B 1 21 ASP 21 21 21 ASP ASP B . n 
B 1 22 ARG 22 22 22 ARG ARG B . n 
B 1 23 TYR 23 23 23 TYR TYR B . n 
B 1 24 GLU 24 24 24 GLU GLU B . n 
B 1 25 SER 25 25 25 SER SER B . n 
B 1 26 LEU 26 26 26 LEU LEU B . n 
B 1 27 LYS 27 27 27 LYS LYS B . n 
B 1 28 ASN 28 28 28 ASN ASN B . n 
B 1 29 LEU 29 29 29 LEU LEU B . n 
B 1 30 ILE 30 30 30 ILE ILE B . n 
B 1 31 THR 31 31 31 THR THR B . n 
B 1 32 LEU 32 32 32 LEU LEU B . n 
B 1 33 ARG 33 33 33 ARG ARG B . n 
B 1 34 ALA 34 34 34 ALA ALA B . n 
B 1 35 ASP 35 35 35 ASP ASP B . n 
B 1 36 ARG 36 36 36 ARG ARG B . n 
B 1 37 LEU 37 37 37 LEU LEU B . n 
B 1 38 GLU 38 38 38 GLU GLU B . n 
B 1 39 MET 39 39 39 MET MET B . n 
B 1 40 ILE 40 40 40 ILE ILE B . n 
B 1 41 ILE 41 41 41 ILE ILE B . n 
B 1 42 ASN 42 42 42 ASN ASN B . n 
B 1 43 ASP 43 43 43 ASP ASP B . n 
B 1 44 ASN 44 44 44 ASN ASN B . n 
B 1 45 VAL 45 45 45 VAL VAL B . n 
B 1 46 SER 46 46 46 SER SER B . n 
B 1 47 THR 47 47 47 THR THR B . n 
B 1 48 ILE 48 48 48 ILE ILE B . n 
B 1 49 LEU 49 49 49 LEU LEU B . n 
B 1 50 ALA 50 50 50 ALA ALA B . n 
B 1 51 SER 51 51 51 SER SER B . n 
B 1 52 GLY 52 52 52 GLY GLY B . n 
C 1 1  GLY 1  1  ?  ?   ?   C . n 
C 1 2  SER 2  2  ?  ?   ?   C . n 
C 1 3  ILE 3  3  ?  ?   ?   C . n 
C 1 4  ILE 4  4  4  ILE ILE C . n 
C 1 5  ASN 5  5  5  ASN ASN C . n 
C 1 6  GLU 6  6  6  GLU GLU C . n 
C 1 7  THR 7  7  7  THR THR C . n 
C 1 8  ALA 8  8  8  ALA ALA C . n 
C 1 9  ASP 9  9  9  ASP ASP C . n 
C 1 10 ASP 10 10 10 ASP ASP C . n 
C 1 11 ILE 11 11 11 ILE ILE C . n 
C 1 12 VAL 12 12 12 VAL VAL C . n 
C 1 13 TYR 13 13 13 TYR TYR C . n 
C 1 14 ARG 14 14 14 ARG ARG C . n 
C 1 15 LEU 15 15 15 LEU LEU C . n 
C 1 16 THR 16 16 16 THR THR C . n 
C 1 17 VAL 17 17 17 VAL VAL C . n 
C 1 18 ILE 18 18 18 ILE ILE C . n 
C 1 19 ILE 19 19 19 ILE ILE C . n 
C 1 20 ASP 20 20 20 ASP ASP C . n 
C 1 21 ASP 21 21 21 ASP ASP C . n 
C 1 22 ARG 22 22 22 ARG ARG C . n 
C 1 23 TYR 23 23 23 TYR TYR C . n 
C 1 24 GLU 24 24 24 GLU GLU C . n 
C 1 25 SER 25 25 25 SER SER C . n 
C 1 26 LEU 26 26 26 LEU LEU C . n 
C 1 27 LYS 27 27 27 LYS LYS C . n 
C 1 28 ASN 28 28 28 ASN ASN C . n 
C 1 29 LEU 29 29 29 LEU LEU C . n 
C 1 30 ILE 30 30 30 ILE ILE C . n 
C 1 31 THR 31 31 31 THR THR C . n 
C 1 32 LEU 32 32 32 LEU LEU C . n 
C 1 33 ARG 33 33 33 ARG ARG C . n 
C 1 34 ALA 34 34 34 ALA ALA C . n 
C 1 35 ASP 35 35 35 ASP ASP C . n 
C 1 36 ARG 36 36 36 ARG ARG C . n 
C 1 37 LEU 37 37 37 LEU LEU C . n 
C 1 38 GLU 38 38 38 GLU GLU C . n 
C 1 39 MET 39 39 39 MET MET C . n 
C 1 40 ILE 40 40 40 ILE ILE C . n 
C 1 41 ILE 41 41 41 ILE ILE C . n 
C 1 42 ASN 42 42 42 ASN ASN C . n 
C 1 43 ASP 43 43 43 ASP ASP C . n 
C 1 44 ASN 44 44 44 ASN ASN C . n 
C 1 45 VAL 45 45 45 VAL VAL C . n 
C 1 46 SER 46 46 46 SER SER C . n 
C 1 47 THR 47 47 47 THR THR C . n 
C 1 48 ILE 48 48 48 ILE ILE C . n 
C 1 49 LEU 49 49 49 LEU LEU C . n 
C 1 50 ALA 50 50 50 ALA ALA C . n 
C 1 51 SER 51 51 51 SER SER C . n 
C 1 52 GLY 52 52 52 GLY GLY C . n 
D 1 1  GLY 1  1  1  GLY GLY D . n 
D 1 2  SER 2  2  2  SER SER D . n 
D 1 3  ILE 3  3  3  ILE ILE D . n 
D 1 4  ILE 4  4  4  ILE ILE D . n 
D 1 5  ASN 5  5  5  ASN ASN D . n 
D 1 6  GLU 6  6  6  GLU GLU D . n 
D 1 7  THR 7  7  7  THR THR D . n 
D 1 8  ALA 8  8  8  ALA ALA D . n 
D 1 9  ASP 9  9  9  ASP ASP D . n 
D 1 10 ASP 10 10 10 ASP ASP D . n 
D 1 11 ILE 11 11 11 ILE ILE D . n 
D 1 12 VAL 12 12 12 VAL VAL D . n 
D 1 13 TYR 13 13 13 TYR TYR D . n 
D 1 14 ARG 14 14 14 ARG ARG D . n 
D 1 15 LEU 15 15 15 LEU LEU D . n 
D 1 16 THR 16 16 16 THR THR D . n 
D 1 17 VAL 17 17 17 VAL VAL D . n 
D 1 18 ILE 18 18 18 ILE ILE D . n 
D 1 19 ILE 19 19 19 ILE ILE D . n 
D 1 20 ASP 20 20 20 ASP ASP D . n 
D 1 21 ASP 21 21 21 ASP ASP D . n 
D 1 22 ARG 22 22 22 ARG ARG D . n 
D 1 23 TYR 23 23 23 TYR TYR D . n 
D 1 24 GLU 24 24 24 GLU GLU D . n 
D 1 25 SER 25 25 25 SER SER D . n 
D 1 26 LEU 26 26 26 LEU LEU D . n 
D 1 27 LYS 27 27 27 LYS LYS D . n 
D 1 28 ASN 28 28 28 ASN ASN D . n 
D 1 29 LEU 29 29 29 LEU LEU D . n 
D 1 30 ILE 30 30 30 ILE ILE D . n 
D 1 31 THR 31 31 31 THR THR D . n 
D 1 32 LEU 32 32 32 LEU LEU D . n 
D 1 33 ARG 33 33 33 ARG ARG D . n 
D 1 34 ALA 34 34 34 ALA ALA D . n 
D 1 35 ASP 35 35 35 ASP ASP D . n 
D 1 36 ARG 36 36 36 ARG ARG D . n 
D 1 37 LEU 37 37 37 LEU LEU D . n 
D 1 38 GLU 38 38 38 GLU GLU D . n 
D 1 39 MET 39 39 39 MET MET D . n 
D 1 40 ILE 40 40 40 ILE ILE D . n 
D 1 41 ILE 41 41 41 ILE ILE D . n 
D 1 42 ASN 42 42 42 ASN ASN D . n 
D 1 43 ASP 43 43 43 ASP ASP D . n 
D 1 44 ASN 44 44 44 ASN ASN D . n 
D 1 45 VAL 45 45 45 VAL VAL D . n 
D 1 46 SER 46 46 46 SER SER D . n 
D 1 47 THR 47 47 47 THR THR D . n 
D 1 48 ILE 48 48 48 ILE ILE D . n 
D 1 49 LEU 49 49 49 LEU LEU D . n 
D 1 50 ALA 50 50 50 ALA ALA D . n 
D 1 51 SER 51 51 51 SER SER D . n 
D 1 52 GLY 52 52 52 GLY GLY D . n 
# 
loop_
_pdbx_nonpoly_scheme.asym_id 
_pdbx_nonpoly_scheme.entity_id 
_pdbx_nonpoly_scheme.mon_id 
_pdbx_nonpoly_scheme.ndb_seq_num 
_pdbx_nonpoly_scheme.pdb_seq_num 
_pdbx_nonpoly_scheme.auth_seq_num 
_pdbx_nonpoly_scheme.pdb_mon_id 
_pdbx_nonpoly_scheme.auth_mon_id 
_pdbx_nonpoly_scheme.pdb_strand_id 
_pdbx_nonpoly_scheme.pdb_ins_code 
E 2 HOH 1  110 110 HOH TIP A . 
E 2 HOH 2  114 114 HOH TIP A . 
E 2 HOH 3  117 117 HOH TIP A . 
E 2 HOH 4  118 118 HOH TIP A . 
E 2 HOH 5  121 121 HOH TIP A . 
E 2 HOH 6  122 122 HOH TIP A . 
E 2 HOH 7  123 123 HOH TIP A . 
E 2 HOH 8  126 126 HOH TIP A . 
E 2 HOH 9  128 128 HOH TIP A . 
E 2 HOH 10 131 131 HOH TIP A . 
E 2 HOH 11 133 133 HOH TIP A . 
E 2 HOH 12 135 135 HOH TIP A . 
E 2 HOH 13 139 139 HOH TIP A . 
E 2 HOH 14 140 140 HOH TIP A . 
E 2 HOH 15 143 143 HOH TIP A . 
E 2 HOH 16 145 145 HOH TIP A . 
E 2 HOH 17 151 151 HOH TIP A . 
E 2 HOH 18 159 159 HOH TIP A . 
E 2 HOH 19 162 162 HOH TIP A . 
E 2 HOH 20 168 168 HOH TIP A . 
E 2 HOH 21 169 169 HOH TIP A . 
E 2 HOH 22 173 173 HOH TIP A . 
E 2 HOH 23 176 176 HOH TIP A . 
E 2 HOH 24 182 182 HOH TIP A . 
E 2 HOH 25 183 183 HOH TIP A . 
E 2 HOH 26 184 184 HOH TIP A . 
E 2 HOH 27 187 187 HOH TIP A . 
E 2 HOH 28 196 196 HOH TIP A . 
E 2 HOH 29 215 215 HOH TIP A . 
E 2 HOH 30 220 220 HOH TIP A . 
E 2 HOH 31 223 223 HOH TIP A . 
E 2 HOH 32 226 226 HOH TIP A . 
E 2 HOH 33 234 234 HOH TIP A . 
E 2 HOH 34 237 237 HOH TIP A . 
E 2 HOH 35 238 238 HOH TIP A . 
E 2 HOH 36 239 239 HOH TIP A . 
E 2 HOH 37 241 241 HOH TIP A . 
E 2 HOH 38 250 250 HOH TIP A . 
E 2 HOH 39 260 260 HOH TIP A . 
E 2 HOH 40 262 262 HOH TIP A . 
E 2 HOH 41 267 267 HOH TIP A . 
E 2 HOH 42 270 270 HOH TIP A . 
E 2 HOH 43 274 274 HOH TIP A . 
E 2 HOH 44 282 282 HOH TIP A . 
E 2 HOH 45 285 285 HOH TIP A . 
E 2 HOH 46 286 286 HOH TIP A . 
E 2 HOH 47 287 287 HOH TIP A . 
E 2 HOH 48 289 289 HOH TIP A . 
E 2 HOH 49 297 297 HOH TIP A . 
E 2 HOH 50 300 300 HOH TIP A . 
E 2 HOH 51 303 303 HOH TIP A . 
E 2 HOH 52 305 305 HOH TIP A . 
E 2 HOH 53 306 306 HOH TIP A . 
E 2 HOH 54 307 307 HOH TIP A . 
E 2 HOH 55 311 311 HOH TIP A . 
E 2 HOH 56 312 312 HOH TIP A . 
E 2 HOH 57 315 315 HOH TIP A . 
E 2 HOH 58 320 320 HOH TIP A . 
E 2 HOH 59 322 322 HOH TIP A . 
E 2 HOH 60 330 330 HOH TIP A . 
E 2 HOH 61 331 331 HOH TIP A . 
E 2 HOH 62 332 332 HOH TIP A . 
E 2 HOH 63 333 333 HOH TIP A . 
E 2 HOH 64 334 334 HOH TIP A . 
E 2 HOH 65 335 335 HOH TIP A . 
E 2 HOH 66 336 336 HOH TIP A . 
E 2 HOH 67 337 337 HOH TIP A . 
E 2 HOH 68 338 338 HOH TIP A . 
E 2 HOH 69 340 340 HOH TIP A . 
E 2 HOH 70 341 341 HOH TIP A . 
E 2 HOH 71 342 342 HOH TIP A . 
E 2 HOH 72 343 343 HOH TIP A . 
E 2 HOH 73 344 344 HOH TIP A . 
E 2 HOH 74 345 345 HOH TIP A . 
E 2 HOH 75 346 346 HOH TIP A . 
E 2 HOH 76 347 347 HOH TIP A . 
F 2 HOH 1  103 103 HOH TIP B . 
F 2 HOH 2  108 108 HOH TIP B . 
F 2 HOH 3  112 112 HOH TIP B . 
F 2 HOH 4  127 127 HOH TIP B . 
F 2 HOH 5  147 147 HOH TIP B . 
F 2 HOH 6  148 148 HOH TIP B . 
F 2 HOH 7  150 150 HOH TIP B . 
F 2 HOH 8  153 153 HOH TIP B . 
F 2 HOH 9  156 156 HOH TIP B . 
F 2 HOH 10 157 157 HOH TIP B . 
F 2 HOH 11 166 166 HOH TIP B . 
F 2 HOH 12 167 167 HOH TIP B . 
F 2 HOH 13 181 181 HOH TIP B . 
F 2 HOH 14 185 185 HOH TIP B . 
F 2 HOH 15 186 186 HOH TIP B . 
F 2 HOH 16 188 188 HOH TIP B . 
F 2 HOH 17 191 191 HOH TIP B . 
F 2 HOH 18 198 198 HOH TIP B . 
F 2 HOH 19 200 200 HOH TIP B . 
F 2 HOH 20 206 206 HOH TIP B . 
F 2 HOH 21 210 210 HOH TIP B . 
F 2 HOH 22 211 211 HOH TIP B . 
F 2 HOH 23 212 212 HOH TIP B . 
F 2 HOH 24 214 214 HOH TIP B . 
F 2 HOH 25 222 222 HOH TIP B . 
F 2 HOH 26 224 224 HOH TIP B . 
F 2 HOH 27 235 235 HOH TIP B . 
F 2 HOH 28 236 236 HOH TIP B . 
F 2 HOH 29 242 242 HOH TIP B . 
F 2 HOH 30 243 243 HOH TIP B . 
F 2 HOH 31 244 244 HOH TIP B . 
F 2 HOH 32 248 248 HOH TIP B . 
F 2 HOH 33 249 249 HOH TIP B . 
F 2 HOH 34 254 254 HOH TIP B . 
F 2 HOH 35 266 266 HOH TIP B . 
F 2 HOH 36 269 269 HOH TIP B . 
F 2 HOH 37 281 281 HOH TIP B . 
F 2 HOH 38 292 292 HOH TIP B . 
F 2 HOH 39 299 299 HOH TIP B . 
F 2 HOH 40 308 308 HOH TIP B . 
F 2 HOH 41 309 309 HOH TIP B . 
F 2 HOH 42 310 310 HOH TIP B . 
F 2 HOH 43 321 321 HOH TIP B . 
F 2 HOH 44 323 323 HOH TIP B . 
F 2 HOH 45 326 326 HOH TIP B . 
F 2 HOH 46 327 327 HOH TIP B . 
F 2 HOH 47 328 328 HOH TIP B . 
F 2 HOH 48 329 329 HOH TIP B . 
F 2 HOH 49 339 339 HOH TIP B . 
F 2 HOH 50 349 349 HOH TIP B . 
F 2 HOH 51 350 350 HOH TIP B . 
F 2 HOH 52 351 351 HOH TIP B . 
F 2 HOH 53 352 352 HOH TIP B . 
F 2 HOH 54 353 353 HOH TIP B . 
F 2 HOH 55 354 354 HOH TIP B . 
F 2 HOH 56 355 355 HOH TIP B . 
F 2 HOH 57 356 356 HOH TIP B . 
F 2 HOH 58 357 357 HOH TIP B . 
G 2 HOH 1  102 102 HOH TIP C . 
G 2 HOH 2  106 106 HOH TIP C . 
G 2 HOH 3  113 113 HOH TIP C . 
G 2 HOH 4  116 116 HOH TIP C . 
G 2 HOH 5  132 132 HOH TIP C . 
G 2 HOH 6  134 134 HOH TIP C . 
G 2 HOH 7  136 136 HOH TIP C . 
G 2 HOH 8  137 137 HOH TIP C . 
G 2 HOH 9  141 141 HOH TIP C . 
G 2 HOH 10 142 142 HOH TIP C . 
G 2 HOH 11 149 149 HOH TIP C . 
G 2 HOH 12 163 163 HOH TIP C . 
G 2 HOH 13 170 170 HOH TIP C . 
G 2 HOH 14 172 172 HOH TIP C . 
G 2 HOH 15 178 178 HOH TIP C . 
G 2 HOH 16 192 192 HOH TIP C . 
G 2 HOH 17 197 197 HOH TIP C . 
G 2 HOH 18 201 201 HOH TIP C . 
G 2 HOH 19 203 203 HOH TIP C . 
G 2 HOH 20 205 205 HOH TIP C . 
G 2 HOH 21 207 207 HOH TIP C . 
G 2 HOH 22 209 209 HOH TIP C . 
G 2 HOH 23 213 213 HOH TIP C . 
G 2 HOH 24 217 217 HOH TIP C . 
G 2 HOH 25 225 225 HOH TIP C . 
G 2 HOH 26 229 229 HOH TIP C . 
G 2 HOH 27 231 231 HOH TIP C . 
G 2 HOH 28 233 233 HOH TIP C . 
G 2 HOH 29 246 246 HOH TIP C . 
G 2 HOH 30 252 252 HOH TIP C . 
G 2 HOH 31 253 253 HOH TIP C . 
G 2 HOH 32 256 256 HOH TIP C . 
G 2 HOH 33 258 258 HOH TIP C . 
G 2 HOH 34 261 261 HOH TIP C . 
G 2 HOH 35 265 265 HOH TIP C . 
G 2 HOH 36 283 283 HOH TIP C . 
G 2 HOH 37 284 284 HOH TIP C . 
G 2 HOH 38 288 288 HOH TIP C . 
G 2 HOH 39 290 290 HOH TIP C . 
G 2 HOH 40 291 291 HOH TIP C . 
G 2 HOH 41 293 293 HOH TIP C . 
G 2 HOH 42 294 294 HOH TIP C . 
G 2 HOH 43 301 301 HOH TIP C . 
G 2 HOH 44 313 313 HOH TIP C . 
G 2 HOH 45 318 318 HOH TIP C . 
G 2 HOH 46 319 319 HOH TIP C . 
G 2 HOH 47 324 324 HOH TIP C . 
G 2 HOH 48 360 360 HOH TIP C . 
G 2 HOH 49 361 361 HOH TIP C . 
G 2 HOH 50 362 362 HOH TIP C . 
G 2 HOH 51 363 363 HOH TIP C . 
G 2 HOH 52 365 365 HOH TIP C . 
G 2 HOH 53 366 366 HOH TIP C . 
G 2 HOH 54 367 367 HOH TIP C . 
G 2 HOH 55 368 368 HOH TIP C . 
G 2 HOH 56 369 369 HOH TIP C . 
G 2 HOH 57 370 370 HOH TIP C . 
G 2 HOH 58 376 376 HOH TIP C . 
G 2 HOH 59 386 386 HOH TIP C . 
G 2 HOH 60 387 387 HOH TIP C . 
H 2 HOH 1  100 100 HOH TIP D . 
H 2 HOH 2  101 101 HOH TIP D . 
H 2 HOH 3  104 104 HOH TIP D . 
H 2 HOH 4  105 105 HOH TIP D . 
H 2 HOH 5  107 107 HOH TIP D . 
H 2 HOH 6  109 109 HOH TIP D . 
H 2 HOH 7  111 111 HOH TIP D . 
H 2 HOH 8  115 115 HOH TIP D . 
H 2 HOH 9  119 119 HOH TIP D . 
H 2 HOH 10 120 120 HOH TIP D . 
H 2 HOH 11 124 124 HOH TIP D . 
H 2 HOH 12 125 125 HOH TIP D . 
H 2 HOH 13 129 129 HOH TIP D . 
H 2 HOH 14 130 130 HOH TIP D . 
H 2 HOH 15 138 138 HOH TIP D . 
H 2 HOH 16 144 144 HOH TIP D . 
H 2 HOH 17 146 146 HOH TIP D . 
H 2 HOH 18 152 152 HOH TIP D . 
H 2 HOH 19 155 155 HOH TIP D . 
H 2 HOH 20 158 158 HOH TIP D . 
H 2 HOH 21 160 160 HOH TIP D . 
H 2 HOH 22 161 161 HOH TIP D . 
H 2 HOH 23 164 164 HOH TIP D . 
H 2 HOH 24 165 165 HOH TIP D . 
H 2 HOH 25 174 174 HOH TIP D . 
H 2 HOH 26 175 175 HOH TIP D . 
H 2 HOH 27 177 177 HOH TIP D . 
H 2 HOH 28 179 179 HOH TIP D . 
H 2 HOH 29 180 180 HOH TIP D . 
H 2 HOH 30 189 189 HOH TIP D . 
H 2 HOH 31 190 190 HOH TIP D . 
H 2 HOH 32 193 193 HOH TIP D . 
H 2 HOH 33 194 194 HOH TIP D . 
H 2 HOH 34 195 195 HOH TIP D . 
H 2 HOH 35 199 199 HOH TIP D . 
H 2 HOH 36 202 202 HOH TIP D . 
H 2 HOH 37 204 204 HOH TIP D . 
H 2 HOH 38 208 208 HOH TIP D . 
H 2 HOH 39 216 216 HOH TIP D . 
H 2 HOH 40 218 218 HOH TIP D . 
H 2 HOH 41 221 221 HOH TIP D . 
H 2 HOH 42 227 227 HOH TIP D . 
H 2 HOH 43 228 228 HOH TIP D . 
H 2 HOH 44 230 230 HOH TIP D . 
H 2 HOH 45 232 232 HOH TIP D . 
H 2 HOH 46 240 240 HOH TIP D . 
H 2 HOH 47 245 245 HOH TIP D . 
H 2 HOH 48 247 247 HOH TIP D . 
H 2 HOH 49 251 251 HOH TIP D . 
H 2 HOH 50 255 255 HOH TIP D . 
H 2 HOH 51 257 257 HOH TIP D . 
H 2 HOH 52 263 263 HOH TIP D . 
H 2 HOH 53 264 264 HOH TIP D . 
H 2 HOH 54 271 271 HOH TIP D . 
H 2 HOH 55 272 272 HOH TIP D . 
H 2 HOH 56 273 273 HOH TIP D . 
H 2 HOH 57 275 275 HOH TIP D . 
H 2 HOH 58 276 276 HOH TIP D . 
H 2 HOH 59 277 277 HOH TIP D . 
H 2 HOH 60 278 278 HOH TIP D . 
H 2 HOH 61 279 279 HOH TIP D . 
H 2 HOH 62 280 280 HOH TIP D . 
H 2 HOH 63 295 295 HOH TIP D . 
H 2 HOH 64 296 296 HOH TIP D . 
H 2 HOH 65 298 298 HOH TIP D . 
H 2 HOH 66 302 302 HOH TIP D . 
H 2 HOH 67 304 304 HOH TIP D . 
H 2 HOH 68 314 314 HOH TIP D . 
H 2 HOH 69 316 316 HOH TIP D . 
H 2 HOH 70 317 317 HOH TIP D . 
H 2 HOH 71 325 325 HOH TIP D . 
H 2 HOH 72 359 359 HOH TIP D . 
H 2 HOH 73 364 364 HOH TIP D . 
H 2 HOH 74 371 371 HOH TIP D . 
H 2 HOH 75 372 372 HOH TIP D . 
H 2 HOH 76 373 373 HOH TIP D . 
H 2 HOH 77 378 378 HOH TIP D . 
H 2 HOH 78 381 381 HOH TIP D . 
H 2 HOH 79 382 382 HOH TIP D . 
H 2 HOH 80 383 383 HOH TIP D . 
H 2 HOH 81 384 384 HOH TIP D . 
H 2 HOH 82 385 385 HOH TIP D . 
H 2 HOH 83 388 388 HOH TIP D . 
# 
loop_
_software.name 
_software.classification 
_software.version 
_software.citation_id 
_software.pdbx_ordinal 
SHARP  phasing          .         ? 1 
CNS    refinement       1.0       ? 2 
MOSFLM 'data reduction' .         ? 3 
CCP4   'data scaling'   '(SCALA)' ? 4 
# 
_cell.entry_id           1FE6 
_cell.length_a           110.243 
_cell.length_b           110.243 
_cell.length_c           70.932 
_cell.angle_alpha        90.00 
_cell.angle_beta         90.00 
_cell.angle_gamma        120.00 
_cell.Z_PDB              24 
_cell.pdbx_unique_axis   ? 
# 
_symmetry.entry_id                         1FE6 
_symmetry.space_group_name_H-M             'P 31 2 1' 
_symmetry.pdbx_full_space_group_name_H-M   ? 
_symmetry.cell_setting                     ? 
_symmetry.Int_Tables_number                152 
# 
_exptl.entry_id          1FE6 
_exptl.method            'X-RAY DIFFRACTION' 
_exptl.crystals_number   1 
# 
_exptl_crystal.id                    1 
_exptl_crystal.density_meas          ? 
_exptl_crystal.density_percent_sol   76.90 
_exptl_crystal.density_Matthews      5.32 
_exptl_crystal.description           ? 
# 
_exptl_crystal_grow.crystal_id      1 
_exptl_crystal_grow.method          'VAPOR DIFFUSION, HANGING DROP' 
_exptl_crystal_grow.pH              8.5 
_exptl_crystal_grow.temp            298 
_exptl_crystal_grow.temp_details    ? 
_exptl_crystal_grow.pdbx_details    'ammonium sulphate, pH 8.5, VAPOR DIFFUSION, HANGING DROP, temperature 298K' 
_exptl_crystal_grow.pdbx_pH_range   . 
# 
_diffrn.id                     1 
_diffrn.ambient_temp           100 
_diffrn.ambient_temp_details   ? 
_diffrn.crystal_id             1 
# 
_diffrn_detector.diffrn_id              1 
_diffrn_detector.detector               'IMAGE PLATE' 
_diffrn_detector.type                   MARRESEARCH 
_diffrn_detector.pdbx_collection_date   ? 
_diffrn_detector.details                ? 
# 
_diffrn_radiation.diffrn_id                        1 
_diffrn_radiation.wavelength_id                    1 
_diffrn_radiation.monochromator                    ? 
_diffrn_radiation.pdbx_monochromatic_or_laue_m_l   M 
_diffrn_radiation.pdbx_diffrn_protocol             'SINGLE WAVELENGTH' 
_diffrn_radiation.pdbx_scattering_type             x-ray 
# 
_diffrn_radiation_wavelength.id           1 
_diffrn_radiation_wavelength.wavelength   . 
_diffrn_radiation_wavelength.wt           1.0 
# 
_diffrn_source.diffrn_id                   1 
_diffrn_source.source                      SYNCHROTRON 
_diffrn_source.type                        'EMBL/DESY, HAMBURG BEAMLINE BW7B' 
_diffrn_source.pdbx_wavelength             ? 
_diffrn_source.pdbx_synchrotron_site       'EMBL/DESY, HAMBURG' 
_diffrn_source.pdbx_synchrotron_beamline   BW7B 
_diffrn_source.pdbx_wavelength_list        ? 
# 
_reflns.entry_id                     1FE6 
_reflns.observed_criterion_sigma_I   ? 
_reflns.observed_criterion_sigma_F   ? 
_reflns.d_resolution_low             ? 
_reflns.d_resolution_high            ? 
_reflns.number_obs                   ? 
_reflns.number_all                   ? 
_reflns.percent_possible_obs         ? 
_reflns.pdbx_Rmerge_I_obs            ? 
_reflns.pdbx_Rsym_value              ? 
_reflns.pdbx_netI_over_sigmaI        ? 
_reflns.B_iso_Wilson_estimate        25.0 
_reflns.pdbx_redundancy              ? 
_reflns.R_free_details               ? 
_reflns.limit_h_max                  ? 
_reflns.limit_h_min                  ? 
_reflns.limit_k_max                  ? 
_reflns.limit_k_min                  ? 
_reflns.limit_l_max                  ? 
_reflns.limit_l_min                  ? 
_reflns.observed_criterion_F_max     ? 
_reflns.observed_criterion_F_min     ? 
_reflns.pdbx_diffrn_id               1 
_reflns.pdbx_ordinal                 1 
# 
_reflns_shell.d_res_high             1.8 
_reflns_shell.d_res_low              30 
_reflns_shell.percent_possible_obs   ? 
_reflns_shell.percent_possible_all   ? 
_reflns_shell.Rmerge_I_obs           ? 
_reflns_shell.meanI_over_sigI_obs    ? 
_reflns_shell.pdbx_Rsym_value        ? 
_reflns_shell.pdbx_redundancy        ? 
_reflns_shell.number_unique_all      ? 
_reflns_shell.pdbx_diffrn_id         ? 
_reflns_shell.pdbx_ordinal           1 
# 
_refine.entry_id                                 1FE6 
_refine.ls_number_reflns_obs                     44935 
_refine.ls_number_reflns_all                     ? 
_refine.pdbx_ls_sigma_I                          ? 
_refine.pdbx_ls_sigma_F                          0.0 
_refine.pdbx_data_cutoff_high_absF               1170888.43 
_refine.pdbx_data_cutoff_low_absF                0.00 
_refine.ls_d_res_low                             6.00 
_refine.ls_d_res_high                            1.80 
_refine.ls_percent_reflns_obs                    99.7 
_refine.ls_R_factor_obs                          0.1980000 
_refine.ls_R_factor_all                          ? 
_refine.ls_R_factor_R_work                       0.1980000 
_refine.ls_R_factor_R_free                       0.2160000 
_refine.ls_R_factor_R_free_error                 0.003 
_refine.ls_R_factor_R_free_error_details         ? 
_refine.ls_percent_reflns_R_free                 10.1 
_refine.ls_number_reflns_R_free                  4520 
_refine.ls_number_parameters                     ? 
_refine.ls_number_restraints                     ? 
_refine.occupancy_min                            ? 
_refine.occupancy_max                            ? 
_refine.B_iso_mean                               29.7 
_refine.aniso_B[1][1]                            1.72 
_refine.aniso_B[2][2]                            1.72 
_refine.aniso_B[3][3]                            -3.43 
_refine.aniso_B[1][2]                            0.48 
_refine.aniso_B[1][3]                            0.00 
_refine.aniso_B[2][3]                            0.00 
_refine.solvent_model_details                    'FLAT MODEL' 
_refine.solvent_model_param_ksol                 0.714 
_refine.solvent_model_param_bsol                 130.3 
_refine.pdbx_ls_cross_valid_method               THROUGHOUT 
_refine.details                                  ? 
_refine.pdbx_starting_model                      ? 
_refine.pdbx_method_to_determine_struct          ? 
_refine.pdbx_isotropic_thermal_model             RESTRAINED 
_refine.pdbx_stereochemistry_target_values       ? 
_refine.pdbx_stereochem_target_val_spec_case     ? 
_refine.pdbx_R_Free_selection_details            RANDOM 
_refine.pdbx_overall_ESU_R_Free                  ? 
_refine.overall_SU_B                             ? 
_refine.ls_redundancy_reflns_obs                 ? 
_refine.B_iso_min                                ? 
_refine.B_iso_max                                ? 
_refine.overall_SU_ML                            ? 
_refine.pdbx_overall_ESU_R                       ? 
_refine.pdbx_data_cutoff_high_rms_absF           ? 
_refine.correlation_coeff_Fo_to_Fc               ? 
_refine.correlation_coeff_Fo_to_Fc_free          ? 
_refine.overall_SU_R_Cruickshank_DPI             ? 
_refine.overall_SU_R_free                        ? 
_refine.pdbx_refine_id                           'X-RAY DIFFRACTION' 
_refine.pdbx_diffrn_id                           1 
_refine.pdbx_TLS_residual_ADP_flag               ? 
_refine.pdbx_solvent_vdw_probe_radii             ? 
_refine.pdbx_solvent_ion_probe_radii             ? 
_refine.pdbx_solvent_shrinkage_radii             ? 
_refine.pdbx_overall_phase_error                 ? 
_refine.pdbx_overall_SU_R_free_Cruickshank_DPI   ? 
_refine.pdbx_overall_SU_R_Blow_DPI               ? 
_refine.pdbx_overall_SU_R_free_Blow_DPI          ? 
# 
_refine_analyze.entry_id                        1FE6 
_refine_analyze.Luzzati_coordinate_error_obs    0.19 
_refine_analyze.Luzzati_sigma_a_obs             0.10 
_refine_analyze.Luzzati_d_res_low_obs           5.00 
_refine_analyze.Luzzati_coordinate_error_free   0.21 
_refine_analyze.Luzzati_sigma_a_free            0.12 
_refine_analyze.Luzzati_d_res_low_free          ? 
_refine_analyze.number_disordered_residues      ? 
_refine_analyze.occupancy_sum_hydrogen          ? 
_refine_analyze.occupancy_sum_non_hydrogen      ? 
_refine_analyze.pdbx_Luzzati_d_res_high_obs     ? 
_refine_analyze.pdbx_refine_id                  'X-RAY DIFFRACTION' 
# 
_refine_hist.pdbx_refine_id                   'X-RAY DIFFRACTION' 
_refine_hist.cycle_id                         LAST 
_refine_hist.pdbx_number_atoms_protein        1618 
_refine_hist.pdbx_number_atoms_nucleic_acid   0 
_refine_hist.pdbx_number_atoms_ligand         0 
_refine_hist.number_atoms_solvent             277 
_refine_hist.number_atoms_total               1895 
_refine_hist.d_res_high                       1.80 
_refine_hist.d_res_low                        6.00 
# 
loop_
_refine_ls_restr.type 
_refine_ls_restr.dev_ideal 
_refine_ls_restr.dev_ideal_target 
_refine_ls_restr.weight 
_refine_ls_restr.number 
_refine_ls_restr.pdbx_refine_id 
_refine_ls_restr.pdbx_restraint_function 
c_bond_d                0.004 ? ? ? 'X-RAY DIFFRACTION' ? 
c_bond_d_na             ?     ? ? ? 'X-RAY DIFFRACTION' ? 
c_bond_d_prot           ?     ? ? ? 'X-RAY DIFFRACTION' ? 
c_angle_d               ?     ? ? ? 'X-RAY DIFFRACTION' ? 
c_angle_d_na            ?     ? ? ? 'X-RAY DIFFRACTION' ? 
c_angle_d_prot          ?     ? ? ? 'X-RAY DIFFRACTION' ? 
c_angle_deg             0.7   ? ? ? 'X-RAY DIFFRACTION' ? 
c_angle_deg_na          ?     ? ? ? 'X-RAY DIFFRACTION' ? 
c_angle_deg_prot        ?     ? ? ? 'X-RAY DIFFRACTION' ? 
c_dihedral_angle_d      13.8  ? ? ? 'X-RAY DIFFRACTION' ? 
c_dihedral_angle_d_na   ?     ? ? ? 'X-RAY DIFFRACTION' ? 
c_dihedral_angle_d_prot ?     ? ? ? 'X-RAY DIFFRACTION' ? 
c_improper_angle_d      0.63  ? ? ? 'X-RAY DIFFRACTION' ? 
c_improper_angle_d_na   ?     ? ? ? 'X-RAY DIFFRACTION' ? 
c_improper_angle_d_prot ?     ? ? ? 'X-RAY DIFFRACTION' ? 
c_mcbond_it             ?     ? ? ? 'X-RAY DIFFRACTION' ? 
c_mcangle_it            ?     ? ? ? 'X-RAY DIFFRACTION' ? 
c_scbond_it             ?     ? ? ? 'X-RAY DIFFRACTION' ? 
c_scangle_it            ?     ? ? ? 'X-RAY DIFFRACTION' ? 
# 
_refine_ls_shell.pdbx_total_number_of_bins_used   6 
_refine_ls_shell.d_res_high                       1.80 
_refine_ls_shell.d_res_low                        1.91 
_refine_ls_shell.number_reflns_R_work             773 
_refine_ls_shell.R_factor_R_work                  0.2320000 
_refine_ls_shell.percent_reflns_obs               100.0 
_refine_ls_shell.R_factor_R_free                  0.2500000 
_refine_ls_shell.R_factor_R_free_error            0.009 
_refine_ls_shell.percent_reflns_R_free            10.4 
_refine_ls_shell.number_reflns_R_free             6642 
_refine_ls_shell.redundancy_reflns_obs            ? 
_refine_ls_shell.number_reflns_all                ? 
_refine_ls_shell.number_reflns_obs                ? 
_refine_ls_shell.pdbx_refine_id                   'X-RAY DIFFRACTION' 
_refine_ls_shell.R_factor_all                     ? 
# 
loop_
_pdbx_xplor_file.serial_no 
_pdbx_xplor_file.param_file 
_pdbx_xplor_file.topol_file 
_pdbx_xplor_file.pdbx_refine_id 
1 PROTEIN_REP.PARAM PROTEIN.TOP 'X-RAY DIFFRACTION' 
2 WATER_REP.PARAM   ?           'X-RAY DIFFRACTION' 
3 ION.PARAM         ?           'X-RAY DIFFRACTION' 
# 
_struct.entry_id                  1FE6 
_struct.title                     'CRYSTAL STRUCTURE OF A NATURALLY OCCURING PARALLEL RIGHT-HANDED COILED-COIL TETRAMER' 
_struct.pdbx_model_details        ? 
_struct.pdbx_CASP_flag            ? 
_struct.pdbx_model_type_details   ? 
# 
_struct_keywords.entry_id        1FE6 
_struct_keywords.pdbx_keywords   'PROTEIN BINDING' 
_struct_keywords.text            'right handed coiled coil, PROTEIN BINDING' 
# 
loop_
_struct_asym.id 
_struct_asym.pdbx_blank_PDB_chainid_flag 
_struct_asym.pdbx_modified 
_struct_asym.entity_id 
_struct_asym.details 
A N N 1 ? 
B N N 1 ? 
C N N 1 ? 
D N N 1 ? 
E N N 2 ? 
F N N 2 ? 
G N N 2 ? 
H N N 2 ? 
# 
_struct_ref.id                         1 
_struct_ref.db_name                    UNP 
_struct_ref.db_code                    Q54436_STAMA 
_struct_ref.pdbx_db_accession          Q54436 
_struct_ref.entity_id                  1 
_struct_ref.pdbx_seq_one_letter_code   IINETADDIVYRLTVIIDDRYESLKNLITLRADRLEMIINDNVSTILAS 
_struct_ref.pdbx_align_begin           1238 
_struct_ref.pdbx_db_isoform            ? 
# 
loop_
_struct_ref_seq.align_id 
_struct_ref_seq.ref_id 
_struct_ref_seq.pdbx_PDB_id_code 
_struct_ref_seq.pdbx_strand_id 
_struct_ref_seq.seq_align_beg 
_struct_ref_seq.pdbx_seq_align_beg_ins_code 
_struct_ref_seq.seq_align_end 
_struct_ref_seq.pdbx_seq_align_end_ins_code 
_struct_ref_seq.pdbx_db_accession 
_struct_ref_seq.db_align_beg 
_struct_ref_seq.pdbx_db_align_beg_ins_code 
_struct_ref_seq.db_align_end 
_struct_ref_seq.pdbx_db_align_end_ins_code 
_struct_ref_seq.pdbx_auth_seq_align_beg 
_struct_ref_seq.pdbx_auth_seq_align_end 
1 1 1FE6 A 3 ? 51 ? Q54436 1238 ? 1286 ? 3 51 
2 1 1FE6 B 3 ? 51 ? Q54436 1238 ? 1286 ? 3 51 
3 1 1FE6 C 3 ? 51 ? Q54436 1238 ? 1286 ? 3 51 
4 1 1FE6 D 3 ? 51 ? Q54436 1238 ? 1286 ? 3 51 
# 
loop_
_struct_ref_seq_dif.align_id 
_struct_ref_seq_dif.pdbx_pdb_id_code 
_struct_ref_seq_dif.mon_id 
_struct_ref_seq_dif.pdbx_pdb_strand_id 
_struct_ref_seq_dif.seq_num 
_struct_ref_seq_dif.pdbx_pdb_ins_code 
_struct_ref_seq_dif.pdbx_seq_db_name 
_struct_ref_seq_dif.pdbx_seq_db_accession_code 
_struct_ref_seq_dif.db_mon_id 
_struct_ref_seq_dif.pdbx_seq_db_seq_num 
_struct_ref_seq_dif.details 
_struct_ref_seq_dif.pdbx_auth_seq_num 
_struct_ref_seq_dif.pdbx_ordinal 
1 1FE6 GLY A 1  ? UNP Q54436 ? ? 'cloning artifact' 1  1  
1 1FE6 SER A 2  ? UNP Q54436 ? ? 'cloning artifact' 2  2  
1 1FE6 GLY A 52 ? UNP Q54436 ? ? 'cloning artifact' 52 3  
2 1FE6 GLY B 1  ? UNP Q54436 ? ? 'cloning artifact' 1  4  
2 1FE6 SER B 2  ? UNP Q54436 ? ? 'cloning artifact' 2  5  
2 1FE6 GLY B 52 ? UNP Q54436 ? ? 'cloning artifact' 52 6  
3 1FE6 GLY C 1  ? UNP Q54436 ? ? 'cloning artifact' 1  7  
3 1FE6 SER C 2  ? UNP Q54436 ? ? 'cloning artifact' 2  8  
3 1FE6 GLY C 52 ? UNP Q54436 ? ? 'cloning artifact' 52 9  
4 1FE6 GLY D 1  ? UNP Q54436 ? ? 'cloning artifact' 1  10 
4 1FE6 SER D 2  ? UNP Q54436 ? ? 'cloning artifact' 2  11 
4 1FE6 GLY D 52 ? UNP Q54436 ? ? 'cloning artifact' 52 12 
# 
_pdbx_struct_assembly.id                   1 
_pdbx_struct_assembly.details              author_and_software_defined_assembly 
_pdbx_struct_assembly.method_details       PISA 
_pdbx_struct_assembly.oligomeric_details   tetrameric 
_pdbx_struct_assembly.oligomeric_count     4 
# 
loop_
_pdbx_struct_assembly_prop.biol_id 
_pdbx_struct_assembly_prop.type 
_pdbx_struct_assembly_prop.value 
_pdbx_struct_assembly_prop.details 
1 'ABSA (A^2)' 8810  ? 
1 MORE         -79   ? 
1 'SSA (A^2)'  10520 ? 
# 
_pdbx_struct_assembly_gen.assembly_id       1 
_pdbx_struct_assembly_gen.oper_expression   1 
_pdbx_struct_assembly_gen.asym_id_list      A,B,C,D,E,F,G,H 
# 
_pdbx_struct_oper_list.id                   1 
_pdbx_struct_oper_list.type                 'identity operation' 
_pdbx_struct_oper_list.name                 1_555 
_pdbx_struct_oper_list.symmetry_operation   x,y,z 
_pdbx_struct_oper_list.matrix[1][1]         1.0000000000 
_pdbx_struct_oper_list.matrix[1][2]         0.0000000000 
_pdbx_struct_oper_list.matrix[1][3]         0.0000000000 
_pdbx_struct_oper_list.vector[1]            0.0000000000 
_pdbx_struct_oper_list.matrix[2][1]         0.0000000000 
_pdbx_struct_oper_list.matrix[2][2]         1.0000000000 
_pdbx_struct_oper_list.matrix[2][3]         0.0000000000 
_pdbx_struct_oper_list.vector[2]            0.0000000000 
_pdbx_struct_oper_list.matrix[3][1]         0.0000000000 
_pdbx_struct_oper_list.matrix[3][2]         0.0000000000 
_pdbx_struct_oper_list.matrix[3][3]         1.0000000000 
_pdbx_struct_oper_list.vector[3]            0.0000000000 
# 
_struct_biol.id                    1 
_struct_biol.pdbx_parent_biol_id   ? 
_struct_biol.details               ? 
# 
loop_
_struct_conf.conf_type_id 
_struct_conf.id 
_struct_conf.pdbx_PDB_helix_id 
_struct_conf.beg_label_comp_id 
_struct_conf.beg_label_asym_id 
_struct_conf.beg_label_seq_id 
_struct_conf.pdbx_beg_PDB_ins_code 
_struct_conf.end_label_comp_id 
_struct_conf.end_label_asym_id 
_struct_conf.end_label_seq_id 
_struct_conf.pdbx_end_PDB_ins_code 
_struct_conf.beg_auth_comp_id 
_struct_conf.beg_auth_asym_id 
_struct_conf.beg_auth_seq_id 
_struct_conf.end_auth_comp_id 
_struct_conf.end_auth_asym_id 
_struct_conf.end_auth_seq_id 
_struct_conf.pdbx_PDB_helix_class 
_struct_conf.details 
_struct_conf.pdbx_PDB_helix_length 
HELX_P HELX_P1 1 SER A 2 ? GLY A 52 ? SER A 2 GLY A 52 1 ? 51 
HELX_P HELX_P2 2 SER B 2 ? GLY B 52 ? SER B 2 GLY B 52 1 ? 51 
HELX_P HELX_P3 3 ILE C 4 ? GLY C 52 ? ILE C 4 GLY C 52 1 ? 49 
HELX_P HELX_P4 4 SER D 2 ? ALA D 50 ? SER D 2 ALA D 50 1 ? 49 
# 
_struct_conf_type.id          HELX_P 
_struct_conf_type.criteria    ? 
_struct_conf_type.reference   ? 
# 
loop_
_pdbx_unobs_or_zero_occ_residues.id 
_pdbx_unobs_or_zero_occ_residues.PDB_model_num 
_pdbx_unobs_or_zero_occ_residues.polymer_flag 
_pdbx_unobs_or_zero_occ_residues.occupancy_flag 
_pdbx_unobs_or_zero_occ_residues.auth_asym_id 
_pdbx_unobs_or_zero_occ_residues.auth_comp_id 
_pdbx_unobs_or_zero_occ_residues.auth_seq_id 
_pdbx_unobs_or_zero_occ_residues.PDB_ins_code 
_pdbx_unobs_or_zero_occ_residues.label_asym_id 
_pdbx_unobs_or_zero_occ_residues.label_comp_id 
_pdbx_unobs_or_zero_occ_residues.label_seq_id 
1 1 Y 1 C GLY 1 ? C GLY 1 
2 1 Y 1 C SER 2 ? C SER 2 
3 1 Y 1 C ILE 3 ? C ILE 3 
# 
loop_
_chem_comp_atom.comp_id 
_chem_comp_atom.atom_id 
_chem_comp_atom.type_symbol 
_chem_comp_atom.pdbx_aromatic_flag 
_chem_comp_atom.pdbx_stereo_config 
_chem_comp_atom.pdbx_ordinal 
ALA N    N N N 1   
ALA CA   C N S 2   
ALA C    C N N 3   
ALA O    O N N 4   
ALA CB   C N N 5   
ALA OXT  O N N 6   
ALA H    H N N 7   
ALA H2   H N N 8   
ALA HA   H N N 9   
ALA HB1  H N N 10  
ALA HB2  H N N 11  
ALA HB3  H N N 12  
ALA HXT  H N N 13  
ARG N    N N N 14  
ARG CA   C N S 15  
ARG C    C N N 16  
ARG O    O N N 17  
ARG CB   C N N 18  
ARG CG   C N N 19  
ARG CD   C N N 20  
ARG NE   N N N 21  
ARG CZ   C N N 22  
ARG NH1  N N N 23  
ARG NH2  N N N 24  
ARG OXT  O N N 25  
ARG H    H N N 26  
ARG H2   H N N 27  
ARG HA   H N N 28  
ARG HB2  H N N 29  
ARG HB3  H N N 30  
ARG HG2  H N N 31  
ARG HG3  H N N 32  
ARG HD2  H N N 33  
ARG HD3  H N N 34  
ARG HE   H N N 35  
ARG HH11 H N N 36  
ARG HH12 H N N 37  
ARG HH21 H N N 38  
ARG HH22 H N N 39  
ARG HXT  H N N 40  
ASN N    N N N 41  
ASN CA   C N S 42  
ASN C    C N N 43  
ASN O    O N N 44  
ASN CB   C N N 45  
ASN CG   C N N 46  
ASN OD1  O N N 47  
ASN ND2  N N N 48  
ASN OXT  O N N 49  
ASN H    H N N 50  
ASN H2   H N N 51  
ASN HA   H N N 52  
ASN HB2  H N N 53  
ASN HB3  H N N 54  
ASN HD21 H N N 55  
ASN HD22 H N N 56  
ASN HXT  H N N 57  
ASP N    N N N 58  
ASP CA   C N S 59  
ASP C    C N N 60  
ASP O    O N N 61  
ASP CB   C N N 62  
ASP CG   C N N 63  
ASP OD1  O N N 64  
ASP OD2  O N N 65  
ASP OXT  O N N 66  
ASP H    H N N 67  
ASP H2   H N N 68  
ASP HA   H N N 69  
ASP HB2  H N N 70  
ASP HB3  H N N 71  
ASP HD2  H N N 72  
ASP HXT  H N N 73  
GLU N    N N N 74  
GLU CA   C N S 75  
GLU C    C N N 76  
GLU O    O N N 77  
GLU CB   C N N 78  
GLU CG   C N N 79  
GLU CD   C N N 80  
GLU OE1  O N N 81  
GLU OE2  O N N 82  
GLU OXT  O N N 83  
GLU H    H N N 84  
GLU H2   H N N 85  
GLU HA   H N N 86  
GLU HB2  H N N 87  
GLU HB3  H N N 88  
GLU HG2  H N N 89  
GLU HG3  H N N 90  
GLU HE2  H N N 91  
GLU HXT  H N N 92  
GLY N    N N N 93  
GLY CA   C N N 94  
GLY C    C N N 95  
GLY O    O N N 96  
GLY OXT  O N N 97  
GLY H    H N N 98  
GLY H2   H N N 99  
GLY HA2  H N N 100 
GLY HA3  H N N 101 
GLY HXT  H N N 102 
HOH O    O N N 103 
HOH H1   H N N 104 
HOH H2   H N N 105 
ILE N    N N N 106 
ILE CA   C N S 107 
ILE C    C N N 108 
ILE O    O N N 109 
ILE CB   C N S 110 
ILE CG1  C N N 111 
ILE CG2  C N N 112 
ILE CD1  C N N 113 
ILE OXT  O N N 114 
ILE H    H N N 115 
ILE H2   H N N 116 
ILE HA   H N N 117 
ILE HB   H N N 118 
ILE HG12 H N N 119 
ILE HG13 H N N 120 
ILE HG21 H N N 121 
ILE HG22 H N N 122 
ILE HG23 H N N 123 
ILE HD11 H N N 124 
ILE HD12 H N N 125 
ILE HD13 H N N 126 
ILE HXT  H N N 127 
LEU N    N N N 128 
LEU CA   C N S 129 
LEU C    C N N 130 
LEU O    O N N 131 
LEU CB   C N N 132 
LEU CG   C N N 133 
LEU CD1  C N N 134 
LEU CD2  C N N 135 
LEU OXT  O N N 136 
LEU H    H N N 137 
LEU H2   H N N 138 
LEU HA   H N N 139 
LEU HB2  H N N 140 
LEU HB3  H N N 141 
LEU HG   H N N 142 
LEU HD11 H N N 143 
LEU HD12 H N N 144 
LEU HD13 H N N 145 
LEU HD21 H N N 146 
LEU HD22 H N N 147 
LEU HD23 H N N 148 
LEU HXT  H N N 149 
LYS N    N N N 150 
LYS CA   C N S 151 
LYS C    C N N 152 
LYS O    O N N 153 
LYS CB   C N N 154 
LYS CG   C N N 155 
LYS CD   C N N 156 
LYS CE   C N N 157 
LYS NZ   N N N 158 
LYS OXT  O N N 159 
LYS H    H N N 160 
LYS H2   H N N 161 
LYS HA   H N N 162 
LYS HB2  H N N 163 
LYS HB3  H N N 164 
LYS HG2  H N N 165 
LYS HG3  H N N 166 
LYS HD2  H N N 167 
LYS HD3  H N N 168 
LYS HE2  H N N 169 
LYS HE3  H N N 170 
LYS HZ1  H N N 171 
LYS HZ2  H N N 172 
LYS HZ3  H N N 173 
LYS HXT  H N N 174 
MET N    N N N 175 
MET CA   C N S 176 
MET C    C N N 177 
MET O    O N N 178 
MET CB   C N N 179 
MET CG   C N N 180 
MET SD   S N N 181 
MET CE   C N N 182 
MET OXT  O N N 183 
MET H    H N N 184 
MET H2   H N N 185 
MET HA   H N N 186 
MET HB2  H N N 187 
MET HB3  H N N 188 
MET HG2  H N N 189 
MET HG3  H N N 190 
MET HE1  H N N 191 
MET HE2  H N N 192 
MET HE3  H N N 193 
MET HXT  H N N 194 
SER N    N N N 195 
SER CA   C N S 196 
SER C    C N N 197 
SER O    O N N 198 
SER CB   C N N 199 
SER OG   O N N 200 
SER OXT  O N N 201 
SER H    H N N 202 
SER H2   H N N 203 
SER HA   H N N 204 
SER HB2  H N N 205 
SER HB3  H N N 206 
SER HG   H N N 207 
SER HXT  H N N 208 
THR N    N N N 209 
THR CA   C N S 210 
THR C    C N N 211 
THR O    O N N 212 
THR CB   C N R 213 
THR OG1  O N N 214 
THR CG2  C N N 215 
THR OXT  O N N 216 
THR H    H N N 217 
THR H2   H N N 218 
THR HA   H N N 219 
THR HB   H N N 220 
THR HG1  H N N 221 
THR HG21 H N N 222 
THR HG22 H N N 223 
THR HG23 H N N 224 
THR HXT  H N N 225 
TYR N    N N N 226 
TYR CA   C N S 227 
TYR C    C N N 228 
TYR O    O N N 229 
TYR CB   C N N 230 
TYR CG   C Y N 231 
TYR CD1  C Y N 232 
TYR CD2  C Y N 233 
TYR CE1  C Y N 234 
TYR CE2  C Y N 235 
TYR CZ   C Y N 236 
TYR OH   O N N 237 
TYR OXT  O N N 238 
TYR H    H N N 239 
TYR H2   H N N 240 
TYR HA   H N N 241 
TYR HB2  H N N 242 
TYR HB3  H N N 243 
TYR HD1  H N N 244 
TYR HD2  H N N 245 
TYR HE1  H N N 246 
TYR HE2  H N N 247 
TYR HH   H N N 248 
TYR HXT  H N N 249 
VAL N    N N N 250 
VAL CA   C N S 251 
VAL C    C N N 252 
VAL O    O N N 253 
VAL CB   C N N 254 
VAL CG1  C N N 255 
VAL CG2  C N N 256 
VAL OXT  O N N 257 
VAL H    H N N 258 
VAL H2   H N N 259 
VAL HA   H N N 260 
VAL HB   H N N 261 
VAL HG11 H N N 262 
VAL HG12 H N N 263 
VAL HG13 H N N 264 
VAL HG21 H N N 265 
VAL HG22 H N N 266 
VAL HG23 H N N 267 
VAL HXT  H N N 268 
# 
loop_
_chem_comp_bond.comp_id 
_chem_comp_bond.atom_id_1 
_chem_comp_bond.atom_id_2 
_chem_comp_bond.value_order 
_chem_comp_bond.pdbx_aromatic_flag 
_chem_comp_bond.pdbx_stereo_config 
_chem_comp_bond.pdbx_ordinal 
ALA N   CA   sing N N 1   
ALA N   H    sing N N 2   
ALA N   H2   sing N N 3   
ALA CA  C    sing N N 4   
ALA CA  CB   sing N N 5   
ALA CA  HA   sing N N 6   
ALA C   O    doub N N 7   
ALA C   OXT  sing N N 8   
ALA CB  HB1  sing N N 9   
ALA CB  HB2  sing N N 10  
ALA CB  HB3  sing N N 11  
ALA OXT HXT  sing N N 12  
ARG N   CA   sing N N 13  
ARG N   H    sing N N 14  
ARG N   H2   sing N N 15  
ARG CA  C    sing N N 16  
ARG CA  CB   sing N N 17  
ARG CA  HA   sing N N 18  
ARG C   O    doub N N 19  
ARG C   OXT  sing N N 20  
ARG CB  CG   sing N N 21  
ARG CB  HB2  sing N N 22  
ARG CB  HB3  sing N N 23  
ARG CG  CD   sing N N 24  
ARG CG  HG2  sing N N 25  
ARG CG  HG3  sing N N 26  
ARG CD  NE   sing N N 27  
ARG CD  HD2  sing N N 28  
ARG CD  HD3  sing N N 29  
ARG NE  CZ   sing N N 30  
ARG NE  HE   sing N N 31  
ARG CZ  NH1  sing N N 32  
ARG CZ  NH2  doub N N 33  
ARG NH1 HH11 sing N N 34  
ARG NH1 HH12 sing N N 35  
ARG NH2 HH21 sing N N 36  
ARG NH2 HH22 sing N N 37  
ARG OXT HXT  sing N N 38  
ASN N   CA   sing N N 39  
ASN N   H    sing N N 40  
ASN N   H2   sing N N 41  
ASN CA  C    sing N N 42  
ASN CA  CB   sing N N 43  
ASN CA  HA   sing N N 44  
ASN C   O    doub N N 45  
ASN C   OXT  sing N N 46  
ASN CB  CG   sing N N 47  
ASN CB  HB2  sing N N 48  
ASN CB  HB3  sing N N 49  
ASN CG  OD1  doub N N 50  
ASN CG  ND2  sing N N 51  
ASN ND2 HD21 sing N N 52  
ASN ND2 HD22 sing N N 53  
ASN OXT HXT  sing N N 54  
ASP N   CA   sing N N 55  
ASP N   H    sing N N 56  
ASP N   H2   sing N N 57  
ASP CA  C    sing N N 58  
ASP CA  CB   sing N N 59  
ASP CA  HA   sing N N 60  
ASP C   O    doub N N 61  
ASP C   OXT  sing N N 62  
ASP CB  CG   sing N N 63  
ASP CB  HB2  sing N N 64  
ASP CB  HB3  sing N N 65  
ASP CG  OD1  doub N N 66  
ASP CG  OD2  sing N N 67  
ASP OD2 HD2  sing N N 68  
ASP OXT HXT  sing N N 69  
GLU N   CA   sing N N 70  
GLU N   H    sing N N 71  
GLU N   H2   sing N N 72  
GLU CA  C    sing N N 73  
GLU CA  CB   sing N N 74  
GLU CA  HA   sing N N 75  
GLU C   O    doub N N 76  
GLU C   OXT  sing N N 77  
GLU CB  CG   sing N N 78  
GLU CB  HB2  sing N N 79  
GLU CB  HB3  sing N N 80  
GLU CG  CD   sing N N 81  
GLU CG  HG2  sing N N 82  
GLU CG  HG3  sing N N 83  
GLU CD  OE1  doub N N 84  
GLU CD  OE2  sing N N 85  
GLU OE2 HE2  sing N N 86  
GLU OXT HXT  sing N N 87  
GLY N   CA   sing N N 88  
GLY N   H    sing N N 89  
GLY N   H2   sing N N 90  
GLY CA  C    sing N N 91  
GLY CA  HA2  sing N N 92  
GLY CA  HA3  sing N N 93  
GLY C   O    doub N N 94  
GLY C   OXT  sing N N 95  
GLY OXT HXT  sing N N 96  
HOH O   H1   sing N N 97  
HOH O   H2   sing N N 98  
ILE N   CA   sing N N 99  
ILE N   H    sing N N 100 
ILE N   H2   sing N N 101 
ILE CA  C    sing N N 102 
ILE CA  CB   sing N N 103 
ILE CA  HA   sing N N 104 
ILE C   O    doub N N 105 
ILE C   OXT  sing N N 106 
ILE CB  CG1  sing N N 107 
ILE CB  CG2  sing N N 108 
ILE CB  HB   sing N N 109 
ILE CG1 CD1  sing N N 110 
ILE CG1 HG12 sing N N 111 
ILE CG1 HG13 sing N N 112 
ILE CG2 HG21 sing N N 113 
ILE CG2 HG22 sing N N 114 
ILE CG2 HG23 sing N N 115 
ILE CD1 HD11 sing N N 116 
ILE CD1 HD12 sing N N 117 
ILE CD1 HD13 sing N N 118 
ILE OXT HXT  sing N N 119 
LEU N   CA   sing N N 120 
LEU N   H    sing N N 121 
LEU N   H2   sing N N 122 
LEU CA  C    sing N N 123 
LEU CA  CB   sing N N 124 
LEU CA  HA   sing N N 125 
LEU C   O    doub N N 126 
LEU C   OXT  sing N N 127 
LEU CB  CG   sing N N 128 
LEU CB  HB2  sing N N 129 
LEU CB  HB3  sing N N 130 
LEU CG  CD1  sing N N 131 
LEU CG  CD2  sing N N 132 
LEU CG  HG   sing N N 133 
LEU CD1 HD11 sing N N 134 
LEU CD1 HD12 sing N N 135 
LEU CD1 HD13 sing N N 136 
LEU CD2 HD21 sing N N 137 
LEU CD2 HD22 sing N N 138 
LEU CD2 HD23 sing N N 139 
LEU OXT HXT  sing N N 140 
LYS N   CA   sing N N 141 
LYS N   H    sing N N 142 
LYS N   H2   sing N N 143 
LYS CA  C    sing N N 144 
LYS CA  CB   sing N N 145 
LYS CA  HA   sing N N 146 
LYS C   O    doub N N 147 
LYS C   OXT  sing N N 148 
LYS CB  CG   sing N N 149 
LYS CB  HB2  sing N N 150 
LYS CB  HB3  sing N N 151 
LYS CG  CD   sing N N 152 
LYS CG  HG2  sing N N 153 
LYS CG  HG3  sing N N 154 
LYS CD  CE   sing N N 155 
LYS CD  HD2  sing N N 156 
LYS CD  HD3  sing N N 157 
LYS CE  NZ   sing N N 158 
LYS CE  HE2  sing N N 159 
LYS CE  HE3  sing N N 160 
LYS NZ  HZ1  sing N N 161 
LYS NZ  HZ2  sing N N 162 
LYS NZ  HZ3  sing N N 163 
LYS OXT HXT  sing N N 164 
MET N   CA   sing N N 165 
MET N   H    sing N N 166 
MET N   H2   sing N N 167 
MET CA  C    sing N N 168 
MET CA  CB   sing N N 169 
MET CA  HA   sing N N 170 
MET C   O    doub N N 171 
MET C   OXT  sing N N 172 
MET CB  CG   sing N N 173 
MET CB  HB2  sing N N 174 
MET CB  HB3  sing N N 175 
MET CG  SD   sing N N 176 
MET CG  HG2  sing N N 177 
MET CG  HG3  sing N N 178 
MET SD  CE   sing N N 179 
MET CE  HE1  sing N N 180 
MET CE  HE2  sing N N 181 
MET CE  HE3  sing N N 182 
MET OXT HXT  sing N N 183 
SER N   CA   sing N N 184 
SER N   H    sing N N 185 
SER N   H2   sing N N 186 
SER CA  C    sing N N 187 
SER CA  CB   sing N N 188 
SER CA  HA   sing N N 189 
SER C   O    doub N N 190 
SER C   OXT  sing N N 191 
SER CB  OG   sing N N 192 
SER CB  HB2  sing N N 193 
SER CB  HB3  sing N N 194 
SER OG  HG   sing N N 195 
SER OXT HXT  sing N N 196 
THR N   CA   sing N N 197 
THR N   H    sing N N 198 
THR N   H2   sing N N 199 
THR CA  C    sing N N 200 
THR CA  CB   sing N N 201 
THR CA  HA   sing N N 202 
THR C   O    doub N N 203 
THR C   OXT  sing N N 204 
THR CB  OG1  sing N N 205 
THR CB  CG2  sing N N 206 
THR CB  HB   sing N N 207 
THR OG1 HG1  sing N N 208 
THR CG2 HG21 sing N N 209 
THR CG2 HG22 sing N N 210 
THR CG2 HG23 sing N N 211 
THR OXT HXT  sing N N 212 
TYR N   CA   sing N N 213 
TYR N   H    sing N N 214 
TYR N   H2   sing N N 215 
TYR CA  C    sing N N 216 
TYR CA  CB   sing N N 217 
TYR CA  HA   sing N N 218 
TYR C   O    doub N N 219 
TYR C   OXT  sing N N 220 
TYR CB  CG   sing N N 221 
TYR CB  HB2  sing N N 222 
TYR CB  HB3  sing N N 223 
TYR CG  CD1  doub Y N 224 
TYR CG  CD2  sing Y N 225 
TYR CD1 CE1  sing Y N 226 
TYR CD1 HD1  sing N N 227 
TYR CD2 CE2  doub Y N 228 
TYR CD2 HD2  sing N N 229 
TYR CE1 CZ   doub Y N 230 
TYR CE1 HE1  sing N N 231 
TYR CE2 CZ   sing Y N 232 
TYR CE2 HE2  sing N N 233 
TYR CZ  OH   sing N N 234 
TYR OH  HH   sing N N 235 
TYR OXT HXT  sing N N 236 
VAL N   CA   sing N N 237 
VAL N   H    sing N N 238 
VAL N   H2   sing N N 239 
VAL CA  C    sing N N 240 
VAL CA  CB   sing N N 241 
VAL CA  HA   sing N N 242 
VAL C   O    doub N N 243 
VAL C   OXT  sing N N 244 
VAL CB  CG1  sing N N 245 
VAL CB  CG2  sing N N 246 
VAL CB  HB   sing N N 247 
VAL CG1 HG11 sing N N 248 
VAL CG1 HG12 sing N N 249 
VAL CG1 HG13 sing N N 250 
VAL CG2 HG21 sing N N 251 
VAL CG2 HG22 sing N N 252 
VAL CG2 HG23 sing N N 253 
VAL OXT HXT  sing N N 254 
# 
_atom_sites.entry_id                    1FE6 
_atom_sites.fract_transf_matrix[1][1]   0.00754680 
_atom_sites.fract_transf_matrix[1][2]   -0.00622614 
_atom_sites.fract_transf_matrix[1][3]   0.00374036 
_atom_sites.fract_transf_matrix[2][1]   -0.00082294 
_atom_sites.fract_transf_matrix[2][2]   -0.00401763 
_atom_sites.fract_transf_matrix[2][3]   0.00963774 
_atom_sites.fract_transf_matrix[3][1]   -0.00667414 
_atom_sites.fract_transf_matrix[3][2]   -0.01124939 
_atom_sites.fract_transf_matrix[3][3]   -0.00525936 
_atom_sites.fract_transf_vector[1]      0.552076 
_atom_sites.fract_transf_vector[2]      0.245986 
_atom_sites.fract_transf_vector[3]      0.183762 
# 
loop_
_atom_type.symbol 
C 
N 
O 
S 
# 
loop_
_atom_site.group_PDB 
_atom_site.id 
_atom_site.type_symbol 
_atom_site.label_atom_id 
_atom_site.label_alt_id 
_atom_site.label_comp_id 
_atom_site.label_asym_id 
_atom_site.label_entity_id 
_atom_site.label_seq_id 
_atom_site.pdbx_PDB_ins_code 
_atom_site.Cartn_x 
_atom_site.Cartn_y 
_atom_site.Cartn_z 
_atom_site.occupancy 
_atom_site.B_iso_or_equiv 
_atom_site.pdbx_formal_charge 
_atom_site.auth_seq_id 
_atom_site.auth_comp_id 
_atom_site.auth_asym_id 
_atom_site.auth_atom_id 
_atom_site.pdbx_PDB_model_num 
ATOM   1    N N   . GLY A 1 1  ? 8.606   15.441  -31.847 1.00 24.28 ? 1   GLY A N   1 
ATOM   2    C CA  . GLY A 1 1  ? 7.324   14.916  -32.401 1.00 24.65 ? 1   GLY A CA  1 
ATOM   3    C C   . GLY A 1 1  ? 6.314   16.021  -32.647 1.00 24.57 ? 1   GLY A C   1 
ATOM   4    O O   . GLY A 1 1  ? 6.611   17.198  -32.441 1.00 25.69 ? 1   GLY A O   1 
ATOM   5    N N   . SER A 1 2  ? 5.117   15.644  -33.083 1.00 22.45 ? 2   SER A N   1 
ATOM   6    C CA  . SER A 1 2  ? 4.069   16.619  -33.353 1.00 21.96 ? 2   SER A CA  1 
ATOM   7    C C   . SER A 1 2  ? 3.610   17.242  -32.042 1.00 21.73 ? 2   SER A C   1 
ATOM   8    O O   . SER A 1 2  ? 3.908   16.728  -30.965 1.00 20.32 ? 2   SER A O   1 
ATOM   9    C CB  . SER A 1 2  ? 2.883   15.948  -34.045 1.00 24.18 ? 2   SER A CB  1 
ATOM   10   O OG  . SER A 1 2  ? 2.277   14.995  -33.191 1.00 23.17 ? 2   SER A OG  1 
ATOM   11   N N   . ILE A 1 3  ? 2.882   18.349  -32.143 1.00 19.88 ? 3   ILE A N   1 
ATOM   12   C CA  . ILE A 1 3  ? 2.385   19.049  -30.969 1.00 22.50 ? 3   ILE A CA  1 
ATOM   13   C C   . ILE A 1 3  ? 1.534   18.142  -30.083 1.00 22.44 ? 3   ILE A C   1 
ATOM   14   O O   . ILE A 1 3  ? 1.748   18.065  -28.871 1.00 21.66 ? 3   ILE A O   1 
ATOM   15   C CB  . ILE A 1 3  ? 1.542   20.283  -31.378 1.00 22.14 ? 3   ILE A CB  1 
ATOM   16   C CG1 . ILE A 1 3  ? 2.433   21.308  -32.086 1.00 25.43 ? 3   ILE A CG1 1 
ATOM   17   C CG2 . ILE A 1 3  ? 0.880   20.905  -30.157 1.00 23.27 ? 3   ILE A CG2 1 
ATOM   18   C CD1 . ILE A 1 3  ? 3.580   21.813  -31.246 1.00 29.26 ? 3   ILE A CD1 1 
ATOM   19   N N   . ILE A 1 4  ? 0.578   17.446  -30.689 1.00 22.29 ? 4   ILE A N   1 
ATOM   20   C CA  . ILE A 1 4  ? -0.305  16.575  -29.924 1.00 22.96 ? 4   ILE A CA  1 
ATOM   21   C C   . ILE A 1 4  ? 0.440   15.385  -29.317 1.00 24.01 ? 4   ILE A C   1 
ATOM   22   O O   . ILE A 1 4  ? 0.128   14.952  -28.206 1.00 23.46 ? 4   ILE A O   1 
ATOM   23   C CB  . ILE A 1 4  ? -1.498  16.081  -30.792 1.00 25.20 ? 4   ILE A CB  1 
ATOM   24   C CG1 . ILE A 1 4  ? -2.572  15.458  -29.899 1.00 27.81 ? 4   ILE A CG1 1 
ATOM   25   C CG2 . ILE A 1 4  ? -1.032  15.067  -31.823 1.00 24.98 ? 4   ILE A CG2 1 
ATOM   26   C CD1 . ILE A 1 4  ? -3.226  16.437  -28.961 1.00 34.82 ? 4   ILE A CD1 1 
ATOM   27   N N   . ASN A 1 5  ? 1.431   14.865  -30.036 1.00 22.95 ? 5   ASN A N   1 
ATOM   28   C CA  . ASN A 1 5  ? 2.213   13.736  -29.537 1.00 24.64 ? 5   ASN A CA  1 
ATOM   29   C C   . ASN A 1 5  ? 3.074   14.169  -28.353 1.00 23.28 ? 5   ASN A C   1 
ATOM   30   O O   . ASN A 1 5  ? 3.217   13.434  -27.374 1.00 22.58 ? 5   ASN A O   1 
ATOM   31   C CB  . ASN A 1 5  ? 3.122   13.184  -30.637 1.00 29.65 ? 5   ASN A CB  1 
ATOM   32   C CG  . ASN A 1 5  ? 3.903   11.964  -30.187 1.00 36.31 ? 5   ASN A CG  1 
ATOM   33   O OD1 . ASN A 1 5  ? 3.335   10.892  -29.984 1.00 43.74 ? 5   ASN A OD1 1 
ATOM   34   N ND2 . ASN A 1 5  ? 5.212   12.124  -30.022 1.00 41.22 ? 5   ASN A ND2 1 
ATOM   35   N N   . GLU A 1 6  ? 3.655   15.362  -28.442 1.00 21.19 ? 6   GLU A N   1 
ATOM   36   C CA  . GLU A 1 6  ? 4.496   15.850  -27.353 1.00 23.73 ? 6   GLU A CA  1 
ATOM   37   C C   . GLU A 1 6  ? 3.663   16.175  -26.120 1.00 23.12 ? 6   GLU A C   1 
ATOM   38   O O   . GLU A 1 6  ? 4.115   15.978  -24.988 1.00 22.87 ? 6   GLU A O   1 
ATOM   39   C CB  . GLU A 1 6  ? 5.286   17.084  -27.795 1.00 26.87 ? 6   GLU A CB  1 
ATOM   40   C CG  . GLU A 1 6  ? 6.194   16.814  -28.985 1.00 33.33 ? 6   GLU A CG  1 
ATOM   41   C CD  . GLU A 1 6  ? 7.469   17.630  -28.952 1.00 41.12 ? 6   GLU A CD  1 
ATOM   42   O OE1 . GLU A 1 6  ? 7.398   18.835  -28.627 1.00 44.96 ? 6   GLU A OE1 1 
ATOM   43   O OE2 . GLU A 1 6  ? 8.542   17.067  -29.260 1.00 43.77 ? 6   GLU A OE2 1 
ATOM   44   N N   . THR A 1 7  ? 2.449   16.670  -26.338 1.00 23.14 ? 7   THR A N   1 
ATOM   45   C CA  . THR A 1 7  ? 1.560   16.997  -25.231 1.00 24.75 ? 7   THR A CA  1 
ATOM   46   C C   . THR A 1 7  ? 1.185   15.710  -24.500 1.00 26.30 ? 7   THR A C   1 
ATOM   47   O O   . THR A 1 7  ? 1.161   15.667  -23.267 1.00 24.74 ? 7   THR A O   1 
ATOM   48   C CB  . THR A 1 7  ? 0.272   17.684  -25.723 1.00 29.04 ? 7   THR A CB  1 
ATOM   49   O OG1 . THR A 1 7  ? 0.612   18.851  -26.483 1.00 31.15 ? 7   THR A OG1 1 
ATOM   50   C CG2 . THR A 1 7  ? -0.590  18.103  -24.534 1.00 30.16 ? 7   THR A CG2 1 
ATOM   51   N N   . ALA A 1 8  ? 0.896   14.661  -25.265 1.00 24.46 ? 8   ALA A N   1 
ATOM   52   C CA  . ALA A 1 8  ? 0.546   13.373  -24.675 1.00 24.46 ? 8   ALA A CA  1 
ATOM   53   C C   . ALA A 1 8  ? 1.722   12.863  -23.849 1.00 24.43 ? 8   ALA A C   1 
ATOM   54   O O   . ALA A 1 8  ? 1.546   12.398  -22.723 1.00 24.21 ? 8   ALA A O   1 
ATOM   55   C CB  . ALA A 1 8  ? 0.193   12.364  -25.771 1.00 24.99 ? 8   ALA A CB  1 
ATOM   56   N N   . ASP A 1 9  ? 2.928   12.954  -24.408 1.00 22.48 ? 9   ASP A N   1 
ATOM   57   C CA  . ASP A 1 9  ? 4.122   12.509  -23.699 1.00 24.76 ? 9   ASP A CA  1 
ATOM   58   C C   . ASP A 1 9  ? 4.305   13.308  -22.411 1.00 22.66 ? 9   ASP A C   1 
ATOM   59   O O   . ASP A 1 9  ? 4.696   12.760  -21.381 1.00 24.29 ? 9   ASP A O   1 
ATOM   60   C CB  . ASP A 1 9  ? 5.367   12.672  -24.580 1.00 24.87 ? 9   ASP A CB  1 
ATOM   61   C CG  . ASP A 1 9  ? 5.521   11.554  -25.598 1.00 29.49 ? 9   ASP A CG  1 
ATOM   62   O OD1 . ASP A 1 9  ? 6.429   11.655  -26.452 1.00 28.22 ? 9   ASP A OD1 1 
ATOM   63   O OD2 . ASP A 1 9  ? 4.747   10.576  -25.545 1.00 28.35 ? 9   ASP A OD2 1 
ATOM   64   N N   . ASP A 1 10 ? 4.024   14.604  -22.477 1.00 21.44 ? 10  ASP A N   1 
ATOM   65   C CA  . ASP A 1 10 ? 4.160   15.482  -21.317 1.00 22.98 ? 10  ASP A CA  1 
ATOM   66   C C   . ASP A 1 10 ? 3.188   15.080  -20.208 1.00 23.44 ? 10  ASP A C   1 
ATOM   67   O O   . ASP A 1 10 ? 3.564   15.007  -19.035 1.00 21.61 ? 10  ASP A O   1 
ATOM   68   C CB  . ASP A 1 10 ? 3.900   16.933  -21.730 1.00 26.27 ? 10  ASP A CB  1 
ATOM   69   C CG  . ASP A 1 10 ? 4.069   17.909  -20.580 1.00 31.12 ? 10  ASP A CG  1 
ATOM   70   O OD1 . ASP A 1 10 ? 3.100   18.635  -20.269 1.00 37.78 ? 10  ASP A OD1 1 
ATOM   71   O OD2 . ASP A 1 10 ? 5.169   17.954  -19.996 1.00 33.55 ? 10  ASP A OD2 1 
ATOM   72   N N   . ILE A 1 11 ? 1.939   14.826  -20.586 1.00 22.09 ? 11  ILE A N   1 
ATOM   73   C CA  . ILE A 1 11 ? 0.911   14.431  -19.629 1.00 23.25 ? 11  ILE A CA  1 
ATOM   74   C C   . ILE A 1 11 ? 1.286   13.107  -18.967 1.00 24.35 ? 11  ILE A C   1 
ATOM   75   O O   . ILE A 1 11 ? 1.237   12.980  -17.741 1.00 24.51 ? 11  ILE A O   1 
ATOM   76   C CB  . ILE A 1 11 ? -0.463  14.292  -20.322 1.00 20.40 ? 11  ILE A CB  1 
ATOM   77   C CG1 . ILE A 1 11 ? -0.952  15.674  -20.764 1.00 22.87 ? 11  ILE A CG1 1 
ATOM   78   C CG2 . ILE A 1 11 ? -1.478  13.648  -19.381 1.00 21.42 ? 11  ILE A CG2 1 
ATOM   79   C CD1 . ILE A 1 11 ? -2.180  15.637  -21.639 1.00 25.49 ? 11  ILE A CD1 1 
ATOM   80   N N   . VAL A 1 12 ? 1.664   12.128  -19.781 1.00 22.49 ? 12  VAL A N   1 
ATOM   81   C CA  . VAL A 1 12 ? 2.053   10.818  -19.266 1.00 23.26 ? 12  VAL A CA  1 
ATOM   82   C C   . VAL A 1 12 ? 3.299   10.909  -18.387 1.00 24.79 ? 12  VAL A C   1 
ATOM   83   O O   . VAL A 1 12 ? 3.371   10.284  -17.325 1.00 23.35 ? 12  VAL A O   1 
ATOM   84   C CB  . VAL A 1 12 ? 2.314   9.824   -20.423 1.00 23.24 ? 12  VAL A CB  1 
ATOM   85   C CG1 . VAL A 1 12 ? 2.825   8.497   -19.873 1.00 22.59 ? 12  VAL A CG1 1 
ATOM   86   C CG2 . VAL A 1 12 ? 1.032   9.614   -21.216 1.00 22.60 ? 12  VAL A CG2 1 
ATOM   87   N N   . TYR A 1 13 ? 4.282   11.689  -18.821 1.00 22.67 ? 13  TYR A N   1 
ATOM   88   C CA  . TYR A 1 13 ? 5.505   11.837  -18.044 1.00 24.32 ? 13  TYR A CA  1 
ATOM   89   C C   . TYR A 1 13 ? 5.240   12.456  -16.677 1.00 23.08 ? 13  TYR A C   1 
ATOM   90   O O   . TYR A 1 13 ? 5.659   11.923  -15.650 1.00 24.07 ? 13  TYR A O   1 
ATOM   91   C CB  . TYR A 1 13 ? 6.521   12.706  -18.787 1.00 26.64 ? 13  TYR A CB  1 
ATOM   92   C CG  . TYR A 1 13 ? 7.765   12.983  -17.972 1.00 31.31 ? 13  TYR A CG  1 
ATOM   93   C CD1 . TYR A 1 13 ? 8.724   11.991  -17.764 1.00 36.01 ? 13  TYR A CD1 1 
ATOM   94   C CD2 . TYR A 1 13 ? 7.967   14.228  -17.379 1.00 34.84 ? 13  TYR A CD2 1 
ATOM   95   C CE1 . TYR A 1 13 ? 9.856   12.236  -16.983 1.00 38.51 ? 13  TYR A CE1 1 
ATOM   96   C CE2 . TYR A 1 13 ? 9.092   14.481  -16.597 1.00 37.20 ? 13  TYR A CE2 1 
ATOM   97   C CZ  . TYR A 1 13 ? 10.029  13.483  -16.404 1.00 38.46 ? 13  TYR A CZ  1 
ATOM   98   O OH  . TYR A 1 13 ? 11.140  13.736  -15.632 1.00 42.68 ? 13  TYR A OH  1 
ATOM   99   N N   . ARG A 1 14 ? 4.549   13.590  -16.670 1.00 23.96 ? 14  ARG A N   1 
ATOM   100  C CA  . ARG A 1 14 ? 4.256   14.283  -15.425 1.00 24.37 ? 14  ARG A CA  1 
ATOM   101  C C   . ARG A 1 14 ? 3.453   13.454  -14.431 1.00 23.72 ? 14  ARG A C   1 
ATOM   102  O O   . ARG A 1 14 ? 3.754   13.454  -13.234 1.00 23.10 ? 14  ARG A O   1 
ATOM   103  C CB  . ARG A 1 14 ? 3.540   15.605  -15.710 1.00 25.16 ? 14  ARG A CB  1 
ATOM   104  C CG  . ARG A 1 14 ? 4.479   16.679  -16.246 1.00 29.39 ? 14  ARG A CG  1 
ATOM   105  C CD  . ARG A 1 14 ? 3.904   18.067  -16.029 1.00 35.12 ? 14  ARG A CD  1 
ATOM   106  N NE  . ARG A 1 14 ? 2.935   18.436  -17.050 1.00 37.82 ? 14  ARG A NE  1 
ATOM   107  C CZ  . ARG A 1 14 ? 2.100   19.463  -16.944 1.00 39.26 ? 14  ARG A CZ  1 
ATOM   108  N NH1 . ARG A 1 14 ? 1.255   19.736  -17.927 1.00 38.47 ? 14  ARG A NH1 1 
ATOM   109  N NH2 . ARG A 1 14 ? 2.096   20.205  -15.845 1.00 41.50 ? 14  ARG A NH2 1 
ATOM   110  N N   . LEU A 1 15 ? 2.438   12.746  -14.912 1.00 22.10 ? 15  LEU A N   1 
ATOM   111  C CA  . LEU A 1 15 ? 1.636   11.927  -14.012 1.00 21.45 ? 15  LEU A CA  1 
ATOM   112  C C   . LEU A 1 15 ? 2.401   10.683  -13.577 1.00 23.57 ? 15  LEU A C   1 
ATOM   113  O O   . LEU A 1 15 ? 2.172   10.162  -12.487 1.00 22.99 ? 15  LEU A O   1 
ATOM   114  C CB  . LEU A 1 15 ? 0.300   11.561  -14.666 1.00 21.24 ? 15  LEU A CB  1 
ATOM   115  C CG  . LEU A 1 15 ? -0.700  12.728  -14.652 1.00 22.21 ? 15  LEU A CG  1 
ATOM   116  C CD1 . LEU A 1 15 ? -1.897  12.415  -15.529 1.00 20.03 ? 15  LEU A CD1 1 
ATOM   117  C CD2 . LEU A 1 15 ? -1.148  12.997  -13.212 1.00 21.66 ? 15  LEU A CD2 1 
ATOM   118  N N   . THR A 1 16 ? 3.317   10.209  -14.418 1.00 22.07 ? 16  THR A N   1 
ATOM   119  C CA  . THR A 1 16 ? 4.109   9.041   -14.046 1.00 23.60 ? 16  THR A CA  1 
ATOM   120  C C   . THR A 1 16 ? 5.021   9.437   -12.885 1.00 24.74 ? 16  THR A C   1 
ATOM   121  O O   . THR A 1 16 ? 5.226   8.658   -11.954 1.00 23.39 ? 16  THR A O   1 
ATOM   122  C CB  . THR A 1 16 ? 4.958   8.518   -15.228 1.00 23.46 ? 16  THR A CB  1 
ATOM   123  O OG1 . THR A 1 16 ? 4.092   7.992   -16.243 1.00 21.92 ? 16  THR A OG1 1 
ATOM   124  C CG2 . THR A 1 16 ? 5.899   7.409   -14.759 1.00 24.59 ? 16  THR A CG2 1 
ATOM   125  N N   . VAL A 1 17 ? 5.554   10.656  -12.931 1.00 24.31 ? 17  VAL A N   1 
ATOM   126  C CA  . VAL A 1 17 ? 6.421   11.138  -11.857 1.00 24.98 ? 17  VAL A CA  1 
ATOM   127  C C   . VAL A 1 17 ? 5.624   11.177  -10.553 1.00 24.79 ? 17  VAL A C   1 
ATOM   128  O O   . VAL A 1 17 ? 6.108   10.735  -9.508  1.00 25.77 ? 17  VAL A O   1 
ATOM   129  C CB  . VAL A 1 17 ? 6.968   12.556  -12.151 1.00 27.63 ? 17  VAL A CB  1 
ATOM   130  C CG1 . VAL A 1 17 ? 7.718   13.090  -10.931 1.00 29.33 ? 17  VAL A CG1 1 
ATOM   131  C CG2 . VAL A 1 17 ? 7.901   12.517  -13.358 1.00 28.69 ? 17  VAL A CG2 1 
ATOM   132  N N   . ILE A 1 18 ? 4.404   11.708  -10.625 1.00 22.85 ? 18  ILE A N   1 
ATOM   133  C CA  . ILE A 1 18 ? 3.524   11.800  -9.461  1.00 24.11 ? 18  ILE A CA  1 
ATOM   134  C C   . ILE A 1 18 ? 3.183   10.404  -8.942  1.00 25.49 ? 18  ILE A C   1 
ATOM   135  O O   . ILE A 1 18 ? 3.284   10.127  -7.744  1.00 23.17 ? 18  ILE A O   1 
ATOM   136  C CB  . ILE A 1 18 ? 2.199   12.529  -9.815  1.00 25.89 ? 18  ILE A CB  1 
ATOM   137  C CG1 . ILE A 1 18 ? 2.482   13.988  -10.186 1.00 28.83 ? 18  ILE A CG1 1 
ATOM   138  C CG2 . ILE A 1 18 ? 1.224   12.447  -8.645  1.00 25.42 ? 18  ILE A CG2 1 
ATOM   139  C CD1 . ILE A 1 18 ? 3.140   14.791  -9.080  1.00 32.53 ? 18  ILE A CD1 1 
ATOM   140  N N   . ILE A 1 19 ? 2.771   9.527   -9.852  1.00 22.82 ? 19  ILE A N   1 
ATOM   141  C CA  . ILE A 1 19 ? 2.417   8.163   -9.480  1.00 22.97 ? 19  ILE A CA  1 
ATOM   142  C C   . ILE A 1 19 ? 3.601   7.443   -8.844  1.00 22.48 ? 19  ILE A C   1 
ATOM   143  O O   . ILE A 1 19 ? 3.457   6.797   -7.805  1.00 22.65 ? 19  ILE A O   1 
ATOM   144  C CB  . ILE A 1 19 ? 1.929   7.371   -10.713 1.00 22.99 ? 19  ILE A CB  1 
ATOM   145  C CG1 . ILE A 1 19 ? 0.569   7.916   -11.159 1.00 22.93 ? 19  ILE A CG1 1 
ATOM   146  C CG2 . ILE A 1 19 ? 1.837   5.884   -10.387 1.00 22.92 ? 19  ILE A CG2 1 
ATOM   147  C CD1 . ILE A 1 19 ? 0.099   7.387   -12.501 1.00 24.29 ? 19  ILE A CD1 1 
ATOM   148  N N   . ASP A 1 20 ? 4.768   7.556   -9.475  1.00 21.34 ? 20  ASP A N   1 
ATOM   149  C CA  . ASP A 1 20 ? 5.983   6.919   -8.967  1.00 22.59 ? 20  ASP A CA  1 
ATOM   150  C C   . ASP A 1 20 ? 6.348   7.422   -7.578  1.00 21.93 ? 20  ASP A C   1 
ATOM   151  O O   . ASP A 1 20 ? 6.744   6.639   -6.712  1.00 22.35 ? 20  ASP A O   1 
ATOM   152  C CB  . ASP A 1 20 ? 7.162   7.179   -9.911  1.00 23.95 ? 20  ASP A CB  1 
ATOM   153  C CG  . ASP A 1 20 ? 7.119   6.317   -11.155 1.00 26.55 ? 20  ASP A CG  1 
ATOM   154  O OD1 . ASP A 1 20 ? 7.972   6.526   -12.044 1.00 30.52 ? 20  ASP A OD1 1 
ATOM   155  O OD2 . ASP A 1 20 ? 6.248   5.428   -11.245 1.00 28.40 ? 20  ASP A OD2 1 
ATOM   156  N N   . ASP A 1 21 ? 6.222   8.729   -7.367  1.00 21.26 ? 21  ASP A N   1 
ATOM   157  C CA  . ASP A 1 21 ? 6.553   9.313   -6.072  1.00 25.50 ? 21  ASP A CA  1 
ATOM   158  C C   . ASP A 1 21 ? 5.659   8.783   -4.960  1.00 23.20 ? 21  ASP A C   1 
ATOM   159  O O   . ASP A 1 21 ? 6.149   8.405   -3.892  1.00 22.77 ? 21  ASP A O   1 
ATOM   160  C CB  . ASP A 1 21 ? 6.448   10.840  -6.114  1.00 30.25 ? 21  ASP A CB  1 
ATOM   161  C CG  . ASP A 1 21 ? 7.481   11.471  -7.022  1.00 39.54 ? 21  ASP A CG  1 
ATOM   162  O OD1 . ASP A 1 21 ? 8.639   11.002  -7.023  1.00 42.93 ? 21  ASP A OD1 1 
ATOM   163  O OD2 . ASP A 1 21 ? 7.138   12.444  -7.728  1.00 46.78 ? 21  ASP A OD2 1 
ATOM   164  N N   . ARG A 1 22 ? 4.353   8.763   -5.202  1.00 22.36 ? 22  ARG A N   1 
ATOM   165  C CA  . ARG A 1 22 ? 3.416   8.270   -4.194  1.00 21.68 ? 22  ARG A CA  1 
ATOM   166  C C   . ARG A 1 22 ? 3.647   6.782   -3.972  1.00 22.65 ? 22  ARG A C   1 
ATOM   167  O O   . ARG A 1 22 ? 3.559   6.292   -2.846  1.00 20.25 ? 22  ARG A O   1 
ATOM   168  C CB  . ARG A 1 22 ? 1.970   8.520   -4.632  1.00 22.72 ? 22  ARG A CB  1 
ATOM   169  C CG  . ARG A 1 22 ? 1.658   9.983   -4.920  1.00 24.79 ? 22  ARG A CG  1 
ATOM   170  C CD  . ARG A 1 22 ? 1.908   10.874  -3.714  1.00 30.07 ? 22  ARG A CD  1 
ATOM   171  N NE  . ARG A 1 22 ? 1.593   12.274  -4.002  1.00 34.60 ? 22  ARG A NE  1 
ATOM   172  C CZ  . ARG A 1 22 ? 2.339   13.074  -4.758  1.00 36.97 ? 22  ARG A CZ  1 
ATOM   173  N NH1 . ARG A 1 22 ? 1.964   14.330  -4.967  1.00 36.76 ? 22  ARG A NH1 1 
ATOM   174  N NH2 . ARG A 1 22 ? 3.466   12.628  -5.293  1.00 40.75 ? 22  ARG A NH2 1 
ATOM   175  N N   . TYR A 1 23 ? 3.940   6.066   -5.052  1.00 20.24 ? 23  TYR A N   1 
ATOM   176  C CA  . TYR A 1 23 ? 4.211   4.636   -4.963  1.00 21.35 ? 23  TYR A CA  1 
ATOM   177  C C   . TYR A 1 23 ? 5.427   4.392   -4.068  1.00 21.90 ? 23  TYR A C   1 
ATOM   178  O O   . TYR A 1 23 ? 5.386   3.564   -3.156  1.00 20.88 ? 23  TYR A O   1 
ATOM   179  C CB  . TYR A 1 23 ? 4.493   4.055   -6.351  1.00 21.23 ? 23  TYR A CB  1 
ATOM   180  C CG  . TYR A 1 23 ? 5.197   2.721   -6.291  1.00 21.25 ? 23  TYR A CG  1 
ATOM   181  C CD1 . TYR A 1 23 ? 4.506   1.558   -5.953  1.00 21.30 ? 23  TYR A CD1 1 
ATOM   182  C CD2 . TYR A 1 23 ? 6.572   2.630   -6.518  1.00 21.06 ? 23  TYR A CD2 1 
ATOM   183  C CE1 . TYR A 1 23 ? 5.165   0.336   -5.839  1.00 21.70 ? 23  TYR A CE1 1 
ATOM   184  C CE2 . TYR A 1 23 ? 7.242   1.415   -6.406  1.00 23.75 ? 23  TYR A CE2 1 
ATOM   185  C CZ  . TYR A 1 23 ? 6.532   0.273   -6.065  1.00 26.61 ? 23  TYR A CZ  1 
ATOM   186  O OH  . TYR A 1 23 ? 7.195   -0.926  -5.934  1.00 25.64 ? 23  TYR A OH  1 
ATOM   187  N N   . GLU A 1 24 ? 6.513   5.110   -4.339  1.00 20.17 ? 24  GLU A N   1 
ATOM   188  C CA  . GLU A 1 24 ? 7.729   4.952   -3.552  1.00 22.60 ? 24  GLU A CA  1 
ATOM   189  C C   . GLU A 1 24 ? 7.478   5.264   -2.084  1.00 20.53 ? 24  GLU A C   1 
ATOM   190  O O   . GLU A 1 24 ? 8.003   4.583   -1.204  1.00 20.07 ? 24  GLU A O   1 
ATOM   191  C CB  . GLU A 1 24 ? 8.843   5.849   -4.100  1.00 24.61 ? 24  GLU A CB  1 
ATOM   192  C CG  . GLU A 1 24 ? 9.363   5.395   -5.455  1.00 26.52 ? 24  GLU A CG  1 
ATOM   193  C CD  . GLU A 1 24 ? 10.079  4.059   -5.391  1.00 31.32 ? 24  GLU A CD  1 
ATOM   194  O OE1 . GLU A 1 24 ? 10.145  3.373   -6.430  1.00 33.72 ? 24  GLU A OE1 1 
ATOM   195  O OE2 . GLU A 1 24 ? 10.587  3.697   -4.309  1.00 35.91 ? 24  GLU A OE2 1 
ATOM   196  N N   . SER A 1 25 ? 6.673   6.288   -1.820  1.00 20.05 ? 25  SER A N   1 
ATOM   197  C CA  . SER A 1 25 ? 6.361   6.657   -0.444  1.00 22.42 ? 25  SER A CA  1 
ATOM   198  C C   . SER A 1 25 ? 5.601   5.539   0.272   1.00 21.39 ? 25  SER A C   1 
ATOM   199  O O   . SER A 1 25 ? 5.892   5.225   1.426   1.00 20.06 ? 25  SER A O   1 
ATOM   200  C CB  . SER A 1 25 ? 5.542   7.950   -0.417  1.00 25.29 ? 25  SER A CB  1 
ATOM   201  O OG  . SER A 1 25 ? 5.201   8.298   0.911   1.00 38.61 ? 25  SER A OG  1 
ATOM   202  N N   . LEU A 1 26 ? 4.621   4.942   -0.404  1.00 18.28 ? 26  LEU A N   1 
ATOM   203  C CA  . LEU A 1 26 ? 3.852   3.855   0.201   1.00 20.01 ? 26  LEU A CA  1 
ATOM   204  C C   . LEU A 1 26 ? 4.729   2.622   0.375   1.00 19.65 ? 26  LEU A C   1 
ATOM   205  O O   . LEU A 1 26 ? 4.650   1.932   1.393   1.00 17.77 ? 26  LEU A O   1 
ATOM   206  C CB  . LEU A 1 26 ? 2.630   3.510   -0.662  1.00 20.08 ? 26  LEU A CB  1 
ATOM   207  C CG  . LEU A 1 26 ? 1.519   4.565   -0.695  1.00 21.14 ? 26  LEU A CG  1 
ATOM   208  C CD1 . LEU A 1 26 ? 0.416   4.109   -1.637  1.00 25.21 ? 26  LEU A CD1 1 
ATOM   209  C CD2 . LEU A 1 26 ? 0.961   4.781   0.716   1.00 22.00 ? 26  LEU A CD2 1 
ATOM   210  N N   . LYS A 1 27 ? 5.565   2.344   -0.622  1.00 18.74 ? 27  LYS A N   1 
ATOM   211  C CA  . LYS A 1 27 ? 6.464   1.197   -0.549  1.00 18.30 ? 27  LYS A CA  1 
ATOM   212  C C   . LYS A 1 27 ? 7.386   1.358   0.655   1.00 19.19 ? 27  LYS A C   1 
ATOM   213  O O   . LYS A 1 27 ? 7.581   0.423   1.434   1.00 19.43 ? 27  LYS A O   1 
ATOM   214  C CB  . LYS A 1 27 ? 7.307   1.089   -1.827  1.00 20.36 ? 27  LYS A CB  1 
ATOM   215  C CG  . LYS A 1 27 ? 8.334   -0.037  -1.791  1.00 25.64 ? 27  LYS A CG  1 
ATOM   216  C CD  . LYS A 1 27 ? 9.180   -0.081  -3.060  1.00 32.22 ? 27  LYS A CD  1 
ATOM   217  C CE  . LYS A 1 27 ? 10.594  0.431   -2.818  1.00 39.63 ? 27  LYS A CE  1 
ATOM   218  N NZ  . LYS A 1 27 ? 10.632  1.863   -2.409  1.00 42.08 ? 27  LYS A NZ  1 
ATOM   219  N N   . ASN A 1 28 ? 7.948   2.552   0.810   1.00 18.44 ? 28  ASN A N   1 
ATOM   220  C CA  . ASN A 1 28 ? 8.846   2.805   1.926   1.00 19.06 ? 28  ASN A CA  1 
ATOM   221  C C   . ASN A 1 28 ? 8.141   2.684   3.270   1.00 17.32 ? 28  ASN A C   1 
ATOM   222  O O   . ASN A 1 28 ? 8.712   2.159   4.223   1.00 18.95 ? 28  ASN A O   1 
ATOM   223  C CB  . ASN A 1 28 ? 9.493   4.187   1.796   1.00 19.77 ? 28  ASN A CB  1 
ATOM   224  C CG  . ASN A 1 28 ? 10.477  4.256   0.643   1.00 23.05 ? 28  ASN A CG  1 
ATOM   225  O OD1 . ASN A 1 28 ? 11.078  3.251   0.271   1.00 24.46 ? 28  ASN A OD1 1 
ATOM   226  N ND2 . ASN A 1 28 ? 10.663  5.447   0.086   1.00 26.82 ? 28  ASN A ND2 1 
ATOM   227  N N   . LEU A 1 29 ? 6.901   3.157   3.341   1.00 17.51 ? 29  LEU A N   1 
ATOM   228  C CA  . LEU A 1 29 ? 6.131   3.093   4.582   1.00 18.54 ? 29  LEU A CA  1 
ATOM   229  C C   . LEU A 1 29 ? 5.818   1.648   4.961   1.00 17.41 ? 29  LEU A C   1 
ATOM   230  O O   . LEU A 1 29 ? 5.991   1.240   6.109   1.00 17.08 ? 29  LEU A O   1 
ATOM   231  C CB  . LEU A 1 29 ? 4.828   3.880   4.436   1.00 18.65 ? 29  LEU A CB  1 
ATOM   232  C CG  . LEU A 1 29 ? 3.875   3.856   5.635   1.00 17.95 ? 29  LEU A CG  1 
ATOM   233  C CD1 . LEU A 1 29 ? 4.524   4.554   6.818   1.00 21.48 ? 29  LEU A CD1 1 
ATOM   234  C CD2 . LEU A 1 29 ? 2.564   4.548   5.259   1.00 20.88 ? 29  LEU A CD2 1 
ATOM   235  N N   . ILE A 1 30 ? 5.349   0.874   3.991   1.00 15.69 ? 30  ILE A N   1 
ATOM   236  C CA  . ILE A 1 30 ? 5.017   -0.523  4.228   1.00 16.74 ? 30  ILE A CA  1 
ATOM   237  C C   . ILE A 1 30 ? 6.258   -1.269  4.695   1.00 16.99 ? 30  ILE A C   1 
ATOM   238  O O   . ILE A 1 30 ? 6.217   -2.044  5.651   1.00 18.73 ? 30  ILE A O   1 
ATOM   239  C CB  . ILE A 1 30 ? 4.485   -1.177  2.936   1.00 17.71 ? 30  ILE A CB  1 
ATOM   240  C CG1 . ILE A 1 30 ? 3.107   -0.599  2.613   1.00 18.20 ? 30  ILE A CG1 1 
ATOM   241  C CG2 . ILE A 1 30 ? 4.437   -2.699  3.091   1.00 20.54 ? 30  ILE A CG2 1 
ATOM   242  C CD1 . ILE A 1 30 ? 2.626   -0.902  1.211   1.00 22.28 ? 30  ILE A CD1 1 
ATOM   243  N N   . THR A 1 31 ? 7.368   -1.019  4.017   1.00 17.14 ? 31  THR A N   1 
ATOM   244  C CA  . THR A 1 31 ? 8.621   -1.666  4.356   1.00 15.79 ? 31  THR A CA  1 
ATOM   245  C C   . THR A 1 31 ? 9.079   -1.273  5.754   1.00 17.65 ? 31  THR A C   1 
ATOM   246  O O   . THR A 1 31 ? 9.474   -2.128  6.548   1.00 17.51 ? 31  THR A O   1 
ATOM   247  C CB  . THR A 1 31 ? 9.705   -1.310  3.328   1.00 20.53 ? 31  THR A CB  1 
ATOM   248  O OG1 . THR A 1 31 ? 9.297   -1.789  2.036   1.00 20.40 ? 31  THR A OG1 1 
ATOM   249  C CG2 . THR A 1 31 ? 11.032  -1.965  3.702   1.00 20.51 ? 31  THR A CG2 1 
ATOM   250  N N   . LEU A 1 32 ? 9.019   0.019   6.052   1.00 15.95 ? 32  LEU A N   1 
ATOM   251  C CA  . LEU A 1 32 ? 9.419   0.516   7.365   1.00 18.73 ? 32  LEU A CA  1 
ATOM   252  C C   . LEU A 1 32 ? 8.579   -0.082  8.490   1.00 17.38 ? 32  LEU A C   1 
ATOM   253  O O   . LEU A 1 32 ? 9.117   -0.553  9.497   1.00 16.83 ? 32  LEU A O   1 
ATOM   254  C CB  . LEU A 1 32 ? 9.292   2.040   7.414   1.00 18.27 ? 32  LEU A CB  1 
ATOM   255  C CG  . LEU A 1 32 ? 9.605   2.674   8.774   1.00 22.42 ? 32  LEU A CG  1 
ATOM   256  C CD1 . LEU A 1 32 ? 11.093  2.542   9.068   1.00 21.66 ? 32  LEU A CD1 1 
ATOM   257  C CD2 . LEU A 1 32 ? 9.187   4.135   8.771   1.00 21.31 ? 32  LEU A CD2 1 
ATOM   258  N N   . ARG A 1 33 ? 7.259   -0.067  8.328   1.00 15.03 ? 33  ARG A N   1 
ATOM   259  C CA  . ARG A 1 33 ? 6.397   -0.590  9.380   1.00 16.68 ? 33  ARG A CA  1 
ATOM   260  C C   . ARG A 1 33 ? 6.539   -2.099  9.535   1.00 17.39 ? 33  ARG A C   1 
ATOM   261  O O   . ARG A 1 33 ? 6.571   -2.607  10.658  1.00 17.78 ? 33  ARG A O   1 
ATOM   262  C CB  . ARG A 1 33 ? 4.927   -0.215  9.129   1.00 16.70 ? 33  ARG A CB  1 
ATOM   263  C CG  . ARG A 1 33 ? 4.641   1.295   9.077   1.00 16.10 ? 33  ARG A CG  1 
ATOM   264  C CD  . ARG A 1 33 ? 5.261   2.061   10.256  1.00 17.05 ? 33  ARG A CD  1 
ATOM   265  N NE  . ARG A 1 33 ? 4.776   1.608   11.560  1.00 19.18 ? 33  ARG A NE  1 
ATOM   266  C CZ  . ARG A 1 33 ? 3.786   2.176   12.245  1.00 19.21 ? 33  ARG A CZ  1 
ATOM   267  N NH1 . ARG A 1 33 ? 3.152   3.241   11.767  1.00 20.17 ? 33  ARG A NH1 1 
ATOM   268  N NH2 . ARG A 1 33 ? 3.429   1.676   13.422  1.00 19.08 ? 33  ARG A NH2 1 
ATOM   269  N N   . ALA A 1 34 ? 6.637   -2.819  8.420   1.00 16.83 ? 34  ALA A N   1 
ATOM   270  C CA  . ALA A 1 34 ? 6.789   -4.273  8.492   1.00 17.72 ? 34  ALA A CA  1 
ATOM   271  C C   . ALA A 1 34 ? 8.138   -4.621  9.122   1.00 18.89 ? 34  ALA A C   1 
ATOM   272  O O   . ALA A 1 34 ? 8.236   -5.548  9.925   1.00 17.71 ? 34  ALA A O   1 
ATOM   273  C CB  . ALA A 1 34 ? 6.686   -4.893  7.092   1.00 17.37 ? 34  ALA A CB  1 
ATOM   274  N N   . ASP A 1 35 ? 9.177   -3.879  8.749   1.00 16.78 ? 35  ASP A N   1 
ATOM   275  C CA  . ASP A 1 35 ? 10.499  -4.121  9.306   1.00 18.34 ? 35  ASP A CA  1 
ATOM   276  C C   . ASP A 1 35 ? 10.487  -3.903  10.809  1.00 17.37 ? 35  ASP A C   1 
ATOM   277  O O   . ASP A 1 35 ? 11.101  -4.670  11.549  1.00 18.56 ? 35  ASP A O   1 
ATOM   278  C CB  . ASP A 1 35 ? 11.540  -3.192  8.680   1.00 19.75 ? 35  ASP A CB  1 
ATOM   279  C CG  . ASP A 1 35 ? 12.031  -3.682  7.334   1.00 22.31 ? 35  ASP A CG  1 
ATOM   280  O OD1 . ASP A 1 35 ? 12.809  -2.945  6.696   1.00 19.47 ? 35  ASP A OD1 1 
ATOM   281  O OD2 . ASP A 1 35 ? 11.651  -4.798  6.917   1.00 20.62 ? 35  ASP A OD2 1 
ATOM   282  N N   . ARG A 1 36 ? 9.788   -2.866  11.263  1.00 17.13 ? 36  ARG A N   1 
ATOM   283  C CA  . ARG A 1 36 ? 9.740   -2.580  12.695  1.00 17.57 ? 36  ARG A CA  1 
ATOM   284  C C   . ARG A 1 36 ? 8.981   -3.656  13.451  1.00 19.24 ? 36  ARG A C   1 
ATOM   285  O O   . ARG A 1 36 ? 9.365   -4.026  14.561  1.00 19.48 ? 36  ARG A O   1 
ATOM   286  C CB  . ARG A 1 36 ? 9.102   -1.217  12.971  1.00 16.99 ? 36  ARG A CB  1 
ATOM   287  C CG  . ARG A 1 36 ? 9.333   -0.743  14.406  1.00 18.12 ? 36  ARG A CG  1 
ATOM   288  C CD  . ARG A 1 36 ? 8.546   0.517   14.704  1.00 19.44 ? 36  ARG A CD  1 
ATOM   289  N NE  . ARG A 1 36 ? 8.887   1.603   13.798  1.00 18.95 ? 36  ARG A NE  1 
ATOM   290  C CZ  . ARG A 1 36 ? 8.062   2.596   13.490  1.00 18.32 ? 36  ARG A CZ  1 
ATOM   291  N NH1 . ARG A 1 36 ? 8.450   3.555   12.660  1.00 18.82 ? 36  ARG A NH1 1 
ATOM   292  N NH2 . ARG A 1 36 ? 6.836   2.617   13.997  1.00 18.92 ? 36  ARG A NH2 1 
ATOM   293  N N   . LEU A 1 37 ? 7.896   -4.157  12.863  1.00 16.81 ? 37  LEU A N   1 
ATOM   294  C CA  . LEU A 1 37 ? 7.137   -5.208  13.520  1.00 17.55 ? 37  LEU A CA  1 
ATOM   295  C C   . LEU A 1 37 ? 8.027   -6.442  13.689  1.00 18.35 ? 37  LEU A C   1 
ATOM   296  O O   . LEU A 1 37 ? 7.984   -7.099  14.726  1.00 18.85 ? 37  LEU A O   1 
ATOM   297  C CB  . LEU A 1 37 ? 5.881   -5.557  12.714  1.00 17.95 ? 37  LEU A CB  1 
ATOM   298  C CG  . LEU A 1 37 ? 4.741   -4.529  12.775  1.00 19.89 ? 37  LEU A CG  1 
ATOM   299  C CD1 . LEU A 1 37 ? 3.657   -4.902  11.776  1.00 20.51 ? 37  LEU A CD1 1 
ATOM   300  C CD2 . LEU A 1 37 ? 4.167   -4.471  14.190  1.00 21.93 ? 37  LEU A CD2 1 
ATOM   301  N N   . GLU A 1 38 ? 8.838   -6.751  12.679  1.00 19.52 ? 38  GLU A N   1 
ATOM   302  C CA  . GLU A 1 38 ? 9.731   -7.905  12.780  1.00 19.15 ? 38  GLU A CA  1 
ATOM   303  C C   . GLU A 1 38 ? 10.778  -7.673  13.874  1.00 19.87 ? 38  GLU A C   1 
ATOM   304  O O   . GLU A 1 38 ? 11.114  -8.592  14.617  1.00 21.64 ? 38  GLU A O   1 
ATOM   305  C CB  . GLU A 1 38 ? 10.415  -8.191  11.435  1.00 20.03 ? 38  GLU A CB  1 
ATOM   306  C CG  . GLU A 1 38 ? 9.445   -8.673  10.357  1.00 20.58 ? 38  GLU A CG  1 
ATOM   307  C CD  . GLU A 1 38 ? 10.135  -9.245  9.126   1.00 23.90 ? 38  GLU A CD  1 
ATOM   308  O OE1 . GLU A 1 38 ? 9.444   -9.444  8.105   1.00 23.20 ? 38  GLU A OE1 1 
ATOM   309  O OE2 . GLU A 1 38 ? 11.357  -9.508  9.179   1.00 22.40 ? 38  GLU A OE2 1 
ATOM   310  N N   . MET A 1 39 ? 11.286  -6.445  13.976  1.00 18.93 ? 39  MET A N   1 
ATOM   311  C CA  . MET A 1 39 ? 12.274  -6.118  15.005  1.00 21.50 ? 39  MET A CA  1 
ATOM   312  C C   . MET A 1 39 ? 11.674  -6.296  16.393  1.00 21.37 ? 39  MET A C   1 
ATOM   313  O O   . MET A 1 39 ? 12.294  -6.882  17.287  1.00 20.73 ? 39  MET A O   1 
ATOM   314  C CB  . MET A 1 39 ? 12.751  -4.670  14.869  1.00 24.17 ? 39  MET A CB  1 
ATOM   315  C CG  . MET A 1 39 ? 13.684  -4.403  13.711  1.00 35.20 ? 39  MET A CG  1 
ATOM   316  S SD  . MET A 1 39 ? 14.437  -2.766  13.886  1.00 46.51 ? 39  MET A SD  1 
ATOM   317  C CE  . MET A 1 39 ? 13.278  -1.749  12.998  1.00 37.47 ? 39  MET A CE  1 
ATOM   318  N N   . ILE A 1 40 ? 10.468  -5.771  16.571  1.00 18.21 ? 40  ILE A N   1 
ATOM   319  C CA  . ILE A 1 40 ? 9.771   -5.865  17.849  1.00 19.15 ? 40  ILE A CA  1 
ATOM   320  C C   . ILE A 1 40 ? 9.533   -7.328  18.220  1.00 19.58 ? 40  ILE A C   1 
ATOM   321  O O   . ILE A 1 40 ? 9.854   -7.757  19.330  1.00 20.86 ? 40  ILE A O   1 
ATOM   322  C CB  . ILE A 1 40 ? 8.421   -5.099  17.787  1.00 18.72 ? 40  ILE A CB  1 
ATOM   323  C CG1 . ILE A 1 40 ? 8.697   -3.593  17.679  1.00 19.02 ? 40  ILE A CG1 1 
ATOM   324  C CG2 . ILE A 1 40 ? 7.574   -5.408  19.014  1.00 20.15 ? 40  ILE A CG2 1 
ATOM   325  C CD1 . ILE A 1 40 ? 7.463   -2.753  17.326  1.00 20.57 ? 40  ILE A CD1 1 
ATOM   326  N N   . ILE A 1 41 ? 8.980   -8.094  17.288  1.00 18.91 ? 41  ILE A N   1 
ATOM   327  C CA  . ILE A 1 41 ? 8.707   -9.503  17.535  1.00 20.50 ? 41  ILE A CA  1 
ATOM   328  C C   . ILE A 1 41 ? 9.992   -10.254 17.880  1.00 21.80 ? 41  ILE A C   1 
ATOM   329  O O   . ILE A 1 41 ? 10.018  -11.049 18.824  1.00 21.46 ? 41  ILE A O   1 
ATOM   330  C CB  . ILE A 1 41 ? 8.023   -10.149 16.312  1.00 19.02 ? 41  ILE A CB  1 
ATOM   331  C CG1 . ILE A 1 41 ? 6.609   -9.570  16.162  1.00 21.65 ? 41  ILE A CG1 1 
ATOM   332  C CG2 . ILE A 1 41 ? 7.974   -11.666 16.471  1.00 23.21 ? 41  ILE A CG2 1 
ATOM   333  C CD1 . ILE A 1 41 ? 5.868   -10.041 14.928  1.00 26.73 ? 41  ILE A CD1 1 
ATOM   334  N N   . ASN A 1 42 ? 11.058  -9.991  17.128  1.00 21.71 ? 42  ASN A N   1 
ATOM   335  C CA  . ASN A 1 42 ? 12.343  -10.649 17.380  1.00 25.54 ? 42  ASN A CA  1 
ATOM   336  C C   . ASN A 1 42 ? 12.823  -10.378 18.802  1.00 25.93 ? 42  ASN A C   1 
ATOM   337  O O   . ASN A 1 42 ? 13.214  -11.296 19.521  1.00 24.80 ? 42  ASN A O   1 
ATOM   338  C CB  . ASN A 1 42 ? 13.416  -10.163 16.399  1.00 29.98 ? 42  ASN A CB  1 
ATOM   339  C CG  . ASN A 1 42 ? 13.198  -10.671 14.989  1.00 39.65 ? 42  ASN A CG  1 
ATOM   340  O OD1 . ASN A 1 42 ? 12.901  -11.845 14.782  1.00 44.22 ? 42  ASN A OD1 1 
ATOM   341  N ND2 . ASN A 1 42 ? 13.363  -9.790  14.007  1.00 42.94 ? 42  ASN A ND2 1 
ATOM   342  N N   . ASP A 1 43 ? 12.792  -9.110  19.201  1.00 24.22 ? 43  ASP A N   1 
ATOM   343  C CA  . ASP A 1 43 ? 13.235  -8.732  20.538  1.00 25.80 ? 43  ASP A CA  1 
ATOM   344  C C   . ASP A 1 43 ? 12.351  -9.344  21.616  1.00 24.88 ? 43  ASP A C   1 
ATOM   345  O O   . ASP A 1 43 ? 12.847  -9.874  22.613  1.00 23.42 ? 43  ASP A O   1 
ATOM   346  C CB  . ASP A 1 43 ? 13.231  -7.210  20.696  1.00 25.62 ? 43  ASP A CB  1 
ATOM   347  C CG  . ASP A 1 43 ? 13.749  -6.765  22.054  1.00 30.21 ? 43  ASP A CG  1 
ATOM   348  O OD1 . ASP A 1 43 ? 13.039  -6.004  22.743  1.00 31.67 ? 43  ASP A OD1 1 
ATOM   349  O OD2 . ASP A 1 43 ? 14.866  -7.179  22.432  1.00 30.55 ? 43  ASP A OD2 1 
ATOM   350  N N   . ASN A 1 44 ? 11.040  -9.271  21.412  1.00 22.12 ? 44  ASN A N   1 
ATOM   351  C CA  . ASN A 1 44 ? 10.097  -9.812  22.383  1.00 22.31 ? 44  ASN A CA  1 
ATOM   352  C C   . ASN A 1 44 ? 10.239  -11.314 22.580  1.00 23.87 ? 44  ASN A C   1 
ATOM   353  O O   . ASN A 1 44 ? 10.160  -11.804 23.709  1.00 23.53 ? 44  ASN A O   1 
ATOM   354  C CB  . ASN A 1 44 ? 8.663   -9.479  21.979  1.00 23.45 ? 44  ASN A CB  1 
ATOM   355  C CG  . ASN A 1 44 ? 8.369   -7.994  22.051  1.00 23.72 ? 44  ASN A CG  1 
ATOM   356  O OD1 . ASN A 1 44 ? 9.079   -7.235  22.717  1.00 27.69 ? 44  ASN A OD1 1 
ATOM   357  N ND2 . ASN A 1 44 ? 7.312   -7.573  21.380  1.00 22.24 ? 44  ASN A ND2 1 
ATOM   358  N N   . VAL A 1 45 ? 10.434  -12.047 21.488  1.00 22.84 ? 45  VAL A N   1 
ATOM   359  C CA  . VAL A 1 45 ? 10.594  -13.497 21.585  1.00 24.69 ? 45  VAL A CA  1 
ATOM   360  C C   . VAL A 1 45 ? 11.847  -13.816 22.397  1.00 24.63 ? 45  VAL A C   1 
ATOM   361  O O   . VAL A 1 45 ? 11.860  -14.753 23.200  1.00 26.33 ? 45  VAL A O   1 
ATOM   362  C CB  . VAL A 1 45 ? 10.702  -14.143 20.187  1.00 25.42 ? 45  VAL A CB  1 
ATOM   363  C CG1 . VAL A 1 45 ? 11.079  -15.616 20.314  1.00 27.74 ? 45  VAL A CG1 1 
ATOM   364  C CG2 . VAL A 1 45 ? 9.373   -14.010 19.462  1.00 26.67 ? 45  VAL A CG2 1 
ATOM   365  N N   . SER A 1 46 ? 12.900  -13.032 22.190  1.00 25.76 ? 46  SER A N   1 
ATOM   366  C CA  . SER A 1 46 ? 14.142  -13.233 22.924  1.00 28.46 ? 46  SER A CA  1 
ATOM   367  C C   . SER A 1 46 ? 13.900  -13.013 24.411  1.00 28.87 ? 46  SER A C   1 
ATOM   368  O O   . SER A 1 46 ? 14.379  -13.777 25.249  1.00 27.56 ? 46  SER A O   1 
ATOM   369  C CB  . SER A 1 46 ? 15.219  -12.264 22.430  1.00 30.55 ? 46  SER A CB  1 
ATOM   370  O OG  . SER A 1 46 ? 15.527  -12.505 21.069  1.00 38.92 ? 46  SER A OG  1 
ATOM   371  N N   . THR A 1 47 ? 13.147  -11.966 24.737  1.00 26.51 ? 47  THR A N   1 
ATOM   372  C CA  . THR A 1 47 ? 12.845  -11.650 26.129  1.00 28.10 ? 47  THR A CA  1 
ATOM   373  C C   . THR A 1 47 ? 11.997  -12.737 26.788  1.00 28.30 ? 47  THR A C   1 
ATOM   374  O O   . THR A 1 47 ? 12.222  -13.091 27.948  1.00 30.27 ? 47  THR A O   1 
ATOM   375  C CB  . THR A 1 47 ? 12.114  -10.297 26.242  1.00 27.52 ? 47  THR A CB  1 
ATOM   376  O OG1 . THR A 1 47 ? 12.923  -9.271  25.652  1.00 26.05 ? 47  THR A OG1 1 
ATOM   377  C CG2 . THR A 1 47 ? 11.851  -9.948  27.702  1.00 29.11 ? 47  THR A CG2 1 
ATOM   378  N N   . ILE A 1 48 ? 11.026  -13.269 26.051  1.00 26.27 ? 48  ILE A N   1 
ATOM   379  C CA  . ILE A 1 48 ? 10.163  -14.320 26.578  1.00 26.74 ? 48  ILE A CA  1 
ATOM   380  C C   . ILE A 1 48 ? 10.961  -15.598 26.841  1.00 29.16 ? 48  ILE A C   1 
ATOM   381  O O   . ILE A 1 48 ? 10.827  -16.218 27.898  1.00 31.18 ? 48  ILE A O   1 
ATOM   382  C CB  . ILE A 1 48 ? 9.003   -14.630 25.600  1.00 27.01 ? 48  ILE A CB  1 
ATOM   383  C CG1 . ILE A 1 48 ? 8.027   -13.449 25.572  1.00 25.60 ? 48  ILE A CG1 1 
ATOM   384  C CG2 . ILE A 1 48 ? 8.281   -15.907 26.019  1.00 27.83 ? 48  ILE A CG2 1 
ATOM   385  C CD1 . ILE A 1 48 ? 6.943   -13.570 24.515  1.00 24.65 ? 48  ILE A CD1 1 
ATOM   386  N N   . LEU A 1 49 ? 11.797  -15.983 25.882  1.00 28.92 ? 49  LEU A N   1 
ATOM   387  C CA  . LEU A 1 49 ? 12.611  -17.189 26.021  1.00 31.73 ? 49  LEU A CA  1 
ATOM   388  C C   . LEU A 1 49 ? 13.596  -17.083 27.181  1.00 32.71 ? 49  LEU A C   1 
ATOM   389  O O   . LEU A 1 49 ? 13.938  -18.087 27.808  1.00 32.93 ? 49  LEU A O   1 
ATOM   390  C CB  . LEU A 1 49 ? 13.375  -17.466 24.723  1.00 31.02 ? 49  LEU A CB  1 
ATOM   391  C CG  . LEU A 1 49 ? 12.538  -17.874 23.509  1.00 31.51 ? 49  LEU A CG  1 
ATOM   392  C CD1 . LEU A 1 49 ? 13.423  -17.943 22.274  1.00 31.74 ? 49  LEU A CD1 1 
ATOM   393  C CD2 . LEU A 1 49 ? 11.870  -19.216 23.770  1.00 32.89 ? 49  LEU A CD2 1 
ATOM   394  N N   . ALA A 1 50 ? 14.048  -15.865 27.467  1.00 31.44 ? 50  ALA A N   1 
ATOM   395  C CA  . ALA A 1 50 ? 14.990  -15.635 28.555  1.00 35.02 ? 50  ALA A CA  1 
ATOM   396  C C   . ALA A 1 50 ? 14.279  -15.624 29.906  1.00 38.59 ? 50  ALA A C   1 
ATOM   397  O O   . ALA A 1 50 ? 14.919  -15.705 30.956  1.00 38.70 ? 50  ALA A O   1 
ATOM   398  C CB  . ALA A 1 50 ? 15.723  -14.315 28.340  1.00 33.84 ? 50  ALA A CB  1 
ATOM   399  N N   . SER A 1 51 ? 12.953  -15.525 29.874  1.00 38.58 ? 51  SER A N   1 
ATOM   400  C CA  . SER A 1 51 ? 12.157  -15.499 31.096  1.00 41.05 ? 51  SER A CA  1 
ATOM   401  C C   . SER A 1 51 ? 11.486  -16.846 31.342  1.00 43.23 ? 51  SER A C   1 
ATOM   402  O O   . SER A 1 51 ? 11.015  -17.125 32.443  1.00 45.17 ? 51  SER A O   1 
ATOM   403  C CB  . SER A 1 51 ? 11.090  -14.405 31.003  1.00 40.91 ? 51  SER A CB  1 
ATOM   404  O OG  . SER A 1 51 ? 11.674  -13.147 30.708  1.00 42.94 ? 51  SER A OG  1 
ATOM   405  N N   . GLY A 1 52 ? 11.444  -17.676 30.305  1.00 45.81 ? 52  GLY A N   1 
ATOM   406  C CA  . GLY A 1 52 ? 10.831  -18.986 30.422  1.00 48.81 ? 52  GLY A CA  1 
ATOM   407  C C   . GLY A 1 52 ? 9.910   -19.291 29.256  1.00 50.24 ? 52  GLY A C   1 
ATOM   408  O O   . GLY A 1 52 ? 10.251  -20.174 28.441  1.00 52.93 ? 52  GLY A O   1 
ATOM   409  O OXT . GLY A 1 52 ? 8.849   -18.641 29.148  1.00 50.41 ? 52  GLY A OXT 1 
ATOM   410  N N   . GLY B 1 1  ? 2.243   29.459  -22.662 1.00 70.78 ? 1   GLY B N   1 
ATOM   411  C CA  . GLY B 1 1  ? 0.798   29.718  -22.403 1.00 70.67 ? 1   GLY B CA  1 
ATOM   412  C C   . GLY B 1 1  ? -0.059  29.489  -23.632 1.00 70.22 ? 1   GLY B C   1 
ATOM   413  O O   . GLY B 1 1  ? -0.165  30.361  -24.497 1.00 70.99 ? 1   GLY B O   1 
ATOM   414  N N   . SER B 1 2  ? -0.673  28.313  -23.711 1.00 68.93 ? 2   SER B N   1 
ATOM   415  C CA  . SER B 1 2  ? -1.523  27.962  -24.842 1.00 67.17 ? 2   SER B CA  1 
ATOM   416  C C   . SER B 1 2  ? -2.686  27.085  -24.394 1.00 66.55 ? 2   SER B C   1 
ATOM   417  O O   . SER B 1 2  ? -2.671  26.534  -23.293 1.00 66.58 ? 2   SER B O   1 
ATOM   418  C CB  . SER B 1 2  ? -0.706  27.216  -25.899 1.00 67.28 ? 2   SER B CB  1 
ATOM   419  O OG  . SER B 1 2  ? -0.185  26.007  -25.374 1.00 66.44 ? 2   SER B OG  1 
ATOM   420  N N   . ILE B 1 3  ? -3.692  26.959  -25.253 1.00 64.97 ? 3   ILE B N   1 
ATOM   421  C CA  . ILE B 1 3  ? -4.861  26.142  -24.946 1.00 63.13 ? 3   ILE B CA  1 
ATOM   422  C C   . ILE B 1 3  ? -4.441  24.699  -24.694 1.00 61.96 ? 3   ILE B C   1 
ATOM   423  O O   . ILE B 1 3  ? -4.916  24.057  -23.756 1.00 60.74 ? 3   ILE B O   1 
ATOM   424  C CB  . ILE B 1 3  ? -5.874  26.160  -26.109 1.00 63.76 ? 3   ILE B CB  1 
ATOM   425  C CG1 . ILE B 1 3  ? -6.342  27.592  -26.371 1.00 65.15 ? 3   ILE B CG1 1 
ATOM   426  C CG2 . ILE B 1 3  ? -7.058  25.261  -25.781 1.00 63.43 ? 3   ILE B CG2 1 
ATOM   427  C CD1 . ILE B 1 3  ? -7.292  27.722  -27.545 1.00 66.43 ? 3   ILE B CD1 1 
ATOM   428  N N   . ILE B 1 4  ? -3.544  24.197  -25.537 1.00 60.31 ? 4   ILE B N   1 
ATOM   429  C CA  . ILE B 1 4  ? -3.059  22.829  -25.412 1.00 58.32 ? 4   ILE B CA  1 
ATOM   430  C C   . ILE B 1 4  ? -2.300  22.633  -24.101 1.00 56.11 ? 4   ILE B C   1 
ATOM   431  O O   . ILE B 1 4  ? -2.472  21.621  -23.423 1.00 54.43 ? 4   ILE B O   1 
ATOM   432  C CB  . ILE B 1 4  ? -2.134  22.453  -26.596 1.00 59.96 ? 4   ILE B CB  1 
ATOM   433  C CG1 . ILE B 1 4  ? -1.715  20.986  -26.490 1.00 59.37 ? 4   ILE B CG1 1 
ATOM   434  C CG2 . ILE B 1 4  ? -0.908  23.353  -26.612 1.00 60.81 ? 4   ILE B CG2 1 
ATOM   435  C CD1 . ILE B 1 4  ? -2.866  20.012  -26.623 1.00 61.31 ? 4   ILE B CD1 1 
ATOM   436  N N   . ASN B 1 5  ? -1.465  23.605  -23.746 1.00 54.36 ? 5   ASN B N   1 
ATOM   437  C CA  . ASN B 1 5  ? -0.689  23.526  -22.514 1.00 53.08 ? 5   ASN B CA  1 
ATOM   438  C C   . ASN B 1 5  ? -1.583  23.622  -21.285 1.00 51.07 ? 5   ASN B C   1 
ATOM   439  O O   . ASN B 1 5  ? -1.350  22.942  -20.287 1.00 47.87 ? 5   ASN B O   1 
ATOM   440  C CB  . ASN B 1 5  ? 0.365   24.635  -22.472 1.00 55.54 ? 5   ASN B CB  1 
ATOM   441  C CG  . ASN B 1 5  ? 1.505   24.391  -23.440 1.00 57.90 ? 5   ASN B CG  1 
ATOM   442  O OD1 . ASN B 1 5  ? 2.438   25.188  -23.530 1.00 59.40 ? 5   ASN B OD1 1 
ATOM   443  N ND2 . ASN B 1 5  ? 1.436   23.282  -24.168 1.00 58.68 ? 5   ASN B ND2 1 
ATOM   444  N N   . GLU B 1 6  ? -2.606  24.468  -21.361 1.00 49.61 ? 6   GLU B N   1 
ATOM   445  C CA  . GLU B 1 6  ? -3.529  24.630  -20.246 1.00 48.15 ? 6   GLU B CA  1 
ATOM   446  C C   . GLU B 1 6  ? -4.341  23.355  -20.059 1.00 46.46 ? 6   GLU B C   1 
ATOM   447  O O   . GLU B 1 6  ? -4.700  22.994  -18.940 1.00 45.01 ? 6   GLU B O   1 
ATOM   448  C CB  . GLU B 1 6  ? -4.468  25.813  -20.490 1.00 50.54 ? 6   GLU B CB  1 
ATOM   449  C CG  . GLU B 1 6  ? -3.763  27.155  -20.570 1.00 53.77 ? 6   GLU B CG  1 
ATOM   450  C CD  . GLU B 1 6  ? -4.732  28.319  -20.624 1.00 57.90 ? 6   GLU B CD  1 
ATOM   451  O OE1 . GLU B 1 6  ? -5.594  28.339  -21.528 1.00 59.31 ? 6   GLU B OE1 1 
ATOM   452  O OE2 . GLU B 1 6  ? -4.630  29.216  -19.760 1.00 60.49 ? 6   GLU B OE2 1 
ATOM   453  N N   . THR B 1 7  ? -4.629  22.674  -21.164 1.00 44.92 ? 7   THR B N   1 
ATOM   454  C CA  . THR B 1 7  ? -5.394  21.436  -21.107 1.00 44.15 ? 7   THR B CA  1 
ATOM   455  C C   . THR B 1 7  ? -4.558  20.360  -20.425 1.00 42.15 ? 7   THR B C   1 
ATOM   456  O O   . THR B 1 7  ? -5.057  19.628  -19.569 1.00 41.39 ? 7   THR B O   1 
ATOM   457  C CB  . THR B 1 7  ? -5.785  20.945  -22.510 1.00 46.36 ? 7   THR B CB  1 
ATOM   458  O OG1 . THR B 1 7  ? -6.577  21.945  -23.163 1.00 48.98 ? 7   THR B OG1 1 
ATOM   459  C CG2 . THR B 1 7  ? -6.588  19.656  -22.413 1.00 45.47 ? 7   THR B CG2 1 
ATOM   460  N N   . ALA B 1 8  ? -3.288  20.269  -20.810 1.00 38.04 ? 8   ALA B N   1 
ATOM   461  C CA  . ALA B 1 8  ? -2.380  19.291  -20.221 1.00 36.06 ? 8   ALA B CA  1 
ATOM   462  C C   . ALA B 1 8  ? -2.255  19.581  -18.730 1.00 35.46 ? 8   ALA B C   1 
ATOM   463  O O   . ALA B 1 8  ? -2.343  18.675  -17.901 1.00 29.92 ? 8   ALA B O   1 
ATOM   464  C CB  . ALA B 1 8  ? -1.013  19.371  -20.886 1.00 34.57 ? 8   ALA B CB  1 
ATOM   465  N N   . ASP B 1 9  ? -2.047  20.850  -18.395 1.00 32.90 ? 9   ASP B N   1 
ATOM   466  C CA  . ASP B 1 9  ? -1.924  21.258  -17.000 1.00 32.90 ? 9   ASP B CA  1 
ATOM   467  C C   . ASP B 1 9  ? -3.186  20.880  -16.232 1.00 31.94 ? 9   ASP B C   1 
ATOM   468  O O   . ASP B 1 9  ? -3.116  20.441  -15.085 1.00 32.12 ? 9   ASP B O   1 
ATOM   469  C CB  . ASP B 1 9  ? -1.700  22.770  -16.903 1.00 33.12 ? 9   ASP B CB  1 
ATOM   470  C CG  . ASP B 1 9  ? -0.304  23.189  -17.327 1.00 35.36 ? 9   ASP B CG  1 
ATOM   471  O OD1 . ASP B 1 9  ? -0.068  24.410  -17.453 1.00 36.97 ? 9   ASP B OD1 1 
ATOM   472  O OD2 . ASP B 1 9  ? 0.561   22.309  -17.527 1.00 34.77 ? 9   ASP B OD2 1 
ATOM   473  N N   . ASP B 1 10 ? -4.337  21.060  -16.873 1.00 32.08 ? 10  ASP B N   1 
ATOM   474  C CA  . ASP B 1 10 ? -5.625  20.746  -16.263 1.00 33.44 ? 10  ASP B CA  1 
ATOM   475  C C   . ASP B 1 10 ? -5.741  19.259  -15.954 1.00 33.05 ? 10  ASP B C   1 
ATOM   476  O O   . ASP B 1 10 ? -6.098  18.871  -14.842 1.00 30.58 ? 10  ASP B O   1 
ATOM   477  C CB  . ASP B 1 10 ? -6.766  21.151  -17.198 1.00 36.27 ? 10  ASP B CB  1 
ATOM   478  C CG  . ASP B 1 10 ? -8.127  20.753  -16.662 1.00 38.67 ? 10  ASP B CG  1 
ATOM   479  O OD1 . ASP B 1 10 ? -8.885  20.085  -17.395 1.00 43.07 ? 10  ASP B OD1 1 
ATOM   480  O OD2 . ASP B 1 10 ? -8.443  21.112  -15.508 1.00 40.03 ? 10  ASP B OD2 1 
ATOM   481  N N   . ILE B 1 11 ? -5.451  18.435  -16.954 1.00 28.22 ? 11  ILE B N   1 
ATOM   482  C CA  . ILE B 1 11 ? -5.521  16.986  -16.799 1.00 28.01 ? 11  ILE B CA  1 
ATOM   483  C C   . ILE B 1 11 ? -4.570  16.519  -15.703 1.00 26.12 ? 11  ILE B C   1 
ATOM   484  O O   . ILE B 1 11 ? -4.951  15.740  -14.823 1.00 26.17 ? 11  ILE B O   1 
ATOM   485  C CB  . ILE B 1 11 ? -5.167  16.281  -18.131 1.00 26.24 ? 11  ILE B CB  1 
ATOM   486  C CG1 . ILE B 1 11 ? -6.256  16.574  -19.165 1.00 27.66 ? 11  ILE B CG1 1 
ATOM   487  C CG2 . ILE B 1 11 ? -5.009  14.778  -17.912 1.00 25.99 ? 11  ILE B CG2 1 
ATOM   488  C CD1 . ILE B 1 11 ? -5.919  16.114  -20.574 1.00 28.21 ? 11  ILE B CD1 1 
ATOM   489  N N   . VAL B 1 12 ? -3.336  17.006  -15.754 1.00 25.55 ? 12  VAL B N   1 
ATOM   490  C CA  . VAL B 1 12 ? -2.328  16.637  -14.769 1.00 25.60 ? 12  VAL B CA  1 
ATOM   491  C C   . VAL B 1 12 ? -2.743  17.077  -13.368 1.00 27.50 ? 12  VAL B C   1 
ATOM   492  O O   . VAL B 1 12 ? -2.613  16.321  -12.404 1.00 24.49 ? 12  VAL B O   1 
ATOM   493  C CB  . VAL B 1 12 ? -0.966  17.267  -15.112 1.00 23.65 ? 12  VAL B CB  1 
ATOM   494  C CG1 . VAL B 1 12 ? 0.032   16.998  -13.996 1.00 24.23 ? 12  VAL B CG1 1 
ATOM   495  C CG2 . VAL B 1 12 ? -0.451  16.693  -16.429 1.00 25.25 ? 12  VAL B CG2 1 
ATOM   496  N N   . TYR B 1 13 ? -3.240  18.303  -13.257 1.00 25.81 ? 13  TYR B N   1 
ATOM   497  C CA  . TYR B 1 13 ? -3.665  18.819  -11.961 1.00 26.89 ? 13  TYR B CA  1 
ATOM   498  C C   . TYR B 1 13 ? -4.806  18.007  -11.357 1.00 25.66 ? 13  TYR B C   1 
ATOM   499  O O   . TYR B 1 13 ? -4.731  17.580  -10.202 1.00 26.85 ? 13  TYR B O   1 
ATOM   500  C CB  . TYR B 1 13 ? -4.108  20.279  -12.081 1.00 29.26 ? 13  TYR B CB  1 
ATOM   501  C CG  . TYR B 1 13 ? -4.669  20.817  -10.785 1.00 32.47 ? 13  TYR B CG  1 
ATOM   502  C CD1 . TYR B 1 13 ? -3.829  21.133  -9.718  1.00 37.05 ? 13  TYR B CD1 1 
ATOM   503  C CD2 . TYR B 1 13 ? -6.044  20.962  -10.605 1.00 34.89 ? 13  TYR B CD2 1 
ATOM   504  C CE1 . TYR B 1 13 ? -4.344  21.579  -8.502  1.00 38.77 ? 13  TYR B CE1 1 
ATOM   505  C CE2 . TYR B 1 13 ? -6.571  21.406  -9.394  1.00 38.90 ? 13  TYR B CE2 1 
ATOM   506  C CZ  . TYR B 1 13 ? -5.715  21.711  -8.348  1.00 38.95 ? 13  TYR B CZ  1 
ATOM   507  O OH  . TYR B 1 13 ? -6.230  22.143  -7.146  1.00 44.73 ? 13  TYR B OH  1 
ATOM   508  N N   . ARG B 1 14 ? -5.865  17.797  -12.131 1.00 24.84 ? 14  ARG B N   1 
ATOM   509  C CA  . ARG B 1 14 ? -7.016  17.051  -11.640 1.00 25.24 ? 14  ARG B CA  1 
ATOM   510  C C   . ARG B 1 14 ? -6.692  15.621  -11.221 1.00 26.53 ? 14  ARG B C   1 
ATOM   511  O O   . ARG B 1 14 ? -7.167  15.154  -10.188 1.00 25.80 ? 14  ARG B O   1 
ATOM   512  C CB  . ARG B 1 14 ? -8.137  17.042  -12.681 1.00 26.68 ? 14  ARG B CB  1 
ATOM   513  C CG  . ARG B 1 14 ? -8.929  18.348  -12.726 1.00 29.84 ? 14  ARG B CG  1 
ATOM   514  C CD  . ARG B 1 14 ? -10.262 18.151  -13.429 1.00 33.41 ? 14  ARG B CD  1 
ATOM   515  N NE  . ARG B 1 14 ? -10.137 18.180  -14.878 1.00 34.59 ? 14  ARG B NE  1 
ATOM   516  C CZ  . ARG B 1 14 ? -11.088 17.785  -15.718 1.00 35.17 ? 14  ARG B CZ  1 
ATOM   517  N NH1 . ARG B 1 14 ? -10.889 17.857  -17.026 1.00 37.17 ? 14  ARG B NH1 1 
ATOM   518  N NH2 . ARG B 1 14 ? -12.230 17.300  -15.249 1.00 35.05 ? 14  ARG B NH2 1 
ATOM   519  N N   . LEU B 1 15 ? -5.889  14.921  -12.014 1.00 24.72 ? 15  LEU B N   1 
ATOM   520  C CA  . LEU B 1 15 ? -5.543  13.554  -11.653 1.00 24.27 ? 15  LEU B CA  1 
ATOM   521  C C   . LEU B 1 15 ? -4.573  13.529  -10.475 1.00 25.66 ? 15  LEU B C   1 
ATOM   522  O O   . LEU B 1 15 ? -4.569  12.582  -9.688  1.00 25.86 ? 15  LEU B O   1 
ATOM   523  C CB  . LEU B 1 15 ? -4.972  12.810  -12.865 1.00 24.36 ? 15  LEU B CB  1 
ATOM   524  C CG  . LEU B 1 15 ? -6.078  12.374  -13.836 1.00 23.05 ? 15  LEU B CG  1 
ATOM   525  C CD1 . LEU B 1 15 ? -5.478  11.875  -15.143 1.00 23.01 ? 15  LEU B CD1 1 
ATOM   526  C CD2 . LEU B 1 15 ? -6.924  11.283  -13.179 1.00 23.06 ? 15  LEU B CD2 1 
ATOM   527  N N   . THR B 1 16 ? -3.762  14.574  -10.335 1.00 25.43 ? 16  THR B N   1 
ATOM   528  C CA  . THR B 1 16 ? -2.823  14.635  -9.217  1.00 25.89 ? 16  THR B CA  1 
ATOM   529  C C   . THR B 1 16 ? -3.613  14.752  -7.918  1.00 27.28 ? 16  THR B C   1 
ATOM   530  O O   . THR B 1 16 ? -3.231  14.183  -6.895  1.00 25.50 ? 16  THR B O   1 
ATOM   531  C CB  . THR B 1 16 ? -1.868  15.842  -9.329  1.00 25.64 ? 16  THR B CB  1 
ATOM   532  O OG1 . THR B 1 16 ? -1.021  15.683  -10.472 1.00 25.29 ? 16  THR B OG1 1 
ATOM   533  C CG2 . THR B 1 16 ? -0.991  15.944  -8.084  1.00 26.25 ? 16  THR B CG2 1 
ATOM   534  N N   . VAL B 1 17 ? -4.714  15.496  -7.963  1.00 26.43 ? 17  VAL B N   1 
ATOM   535  C CA  . VAL B 1 17 ? -5.563  15.667  -6.788  1.00 26.69 ? 17  VAL B CA  1 
ATOM   536  C C   . VAL B 1 17 ? -6.129  14.310  -6.371  1.00 26.67 ? 17  VAL B C   1 
ATOM   537  O O   . VAL B 1 17 ? -6.123  13.960  -5.191  1.00 26.06 ? 17  VAL B O   1 
ATOM   538  C CB  . VAL B 1 17 ? -6.730  16.639  -7.080  1.00 28.64 ? 17  VAL B CB  1 
ATOM   539  C CG1 . VAL B 1 17 ? -7.748  16.602  -5.945  1.00 28.93 ? 17  VAL B CG1 1 
ATOM   540  C CG2 . VAL B 1 17 ? -6.188  18.051  -7.256  1.00 30.73 ? 17  VAL B CG2 1 
ATOM   541  N N   . ILE B 1 18 ? -6.611  13.556  -7.354  1.00 24.81 ? 18  ILE B N   1 
ATOM   542  C CA  . ILE B 1 18 ? -7.178  12.234  -7.121  1.00 25.69 ? 18  ILE B CA  1 
ATOM   543  C C   . ILE B 1 18 ? -6.119  11.286  -6.564  1.00 24.89 ? 18  ILE B C   1 
ATOM   544  O O   . ILE B 1 18 ? -6.343  10.603  -5.562  1.00 24.14 ? 18  ILE B O   1 
ATOM   545  C CB  . ILE B 1 18 ? -7.737  11.634  -8.438  1.00 25.12 ? 18  ILE B CB  1 
ATOM   546  C CG1 . ILE B 1 18 ? -8.902  12.489  -8.949  1.00 27.77 ? 18  ILE B CG1 1 
ATOM   547  C CG2 . ILE B 1 18 ? -8.184  10.195  -8.217  1.00 24.31 ? 18  ILE B CG2 1 
ATOM   548  C CD1 . ILE B 1 18 ? -10.099 12.520  -8.020  1.00 30.80 ? 18  ILE B CD1 1 
ATOM   549  N N   . ILE B 1 19 ? -4.966  11.252  -7.226  1.00 23.00 ? 19  ILE B N   1 
ATOM   550  C CA  . ILE B 1 19 ? -3.867  10.389  -6.811  1.00 23.63 ? 19  ILE B CA  1 
ATOM   551  C C   . ILE B 1 19 ? -3.429  10.710  -5.385  1.00 25.22 ? 19  ILE B C   1 
ATOM   552  O O   . ILE B 1 19 ? -3.207  9.805   -4.578  1.00 23.41 ? 19  ILE B O   1 
ATOM   553  C CB  . ILE B 1 19 ? -2.666  10.542  -7.772  1.00 25.65 ? 19  ILE B CB  1 
ATOM   554  C CG1 . ILE B 1 19 ? -3.047  9.994   -9.151  1.00 26.19 ? 19  ILE B CG1 1 
ATOM   555  C CG2 . ILE B 1 19 ? -1.444  9.821   -7.212  1.00 25.41 ? 19  ILE B CG2 1 
ATOM   556  C CD1 . ILE B 1 19 ? -2.054  10.334  -10.249 1.00 27.59 ? 19  ILE B CD1 1 
ATOM   557  N N   . ASP B 1 20 ? -3.310  12.000  -5.083  1.00 23.86 ? 20  ASP B N   1 
ATOM   558  C CA  . ASP B 1 20 ? -2.909  12.451  -3.751  1.00 24.79 ? 20  ASP B CA  1 
ATOM   559  C C   . ASP B 1 20 ? -3.909  12.018  -2.685  1.00 23.65 ? 20  ASP B C   1 
ATOM   560  O O   . ASP B 1 20 ? -3.523  11.562  -1.607  1.00 23.44 ? 20  ASP B O   1 
ATOM   561  C CB  . ASP B 1 20 ? -2.776  13.980  -3.722  1.00 26.17 ? 20  ASP B CB  1 
ATOM   562  C CG  . ASP B 1 20 ? -1.467  14.472  -4.314  1.00 31.12 ? 20  ASP B CG  1 
ATOM   563  O OD1 . ASP B 1 20 ? -1.280  15.706  -4.392  1.00 32.10 ? 20  ASP B OD1 1 
ATOM   564  O OD2 . ASP B 1 20 ? -0.624  13.635  -4.693  1.00 31.89 ? 20  ASP B OD2 1 
ATOM   565  N N   . ASP B 1 21 ? -5.193  12.178  -2.981  1.00 24.01 ? 21  ASP B N   1 
ATOM   566  C CA  . ASP B 1 21 ? -6.248  11.806  -2.043  1.00 25.69 ? 21  ASP B CA  1 
ATOM   567  C C   . ASP B 1 21 ? -6.213  10.317  -1.714  1.00 25.58 ? 21  ASP B C   1 
ATOM   568  O O   . ASP B 1 21 ? -6.275  9.931   -0.545  1.00 23.88 ? 21  ASP B O   1 
ATOM   569  C CB  . ASP B 1 21 ? -7.617  12.174  -2.614  1.00 28.11 ? 21  ASP B CB  1 
ATOM   570  C CG  . ASP B 1 21 ? -7.875  13.665  -2.590  1.00 39.02 ? 21  ASP B CG  1 
ATOM   571  O OD1 . ASP B 1 21 ? -8.872  14.108  -3.197  1.00 43.57 ? 21  ASP B OD1 1 
ATOM   572  O OD2 . ASP B 1 21 ? -7.084  14.393  -1.955  1.00 45.19 ? 21  ASP B OD2 1 
ATOM   573  N N   . ARG B 1 22 ? -6.118  9.480   -2.742  1.00 22.65 ? 22  ARG B N   1 
ATOM   574  C CA  . ARG B 1 22 ? -6.077  8.037   -2.527  1.00 22.88 ? 22  ARG B CA  1 
ATOM   575  C C   . ARG B 1 22 ? -4.789  7.665   -1.796  1.00 22.44 ? 22  ARG B C   1 
ATOM   576  O O   . ARG B 1 22 ? -4.781  6.763   -0.957  1.00 21.75 ? 22  ARG B O   1 
ATOM   577  C CB  . ARG B 1 22 ? -6.157  7.293   -3.862  1.00 23.60 ? 22  ARG B CB  1 
ATOM   578  C CG  . ARG B 1 22 ? -7.364  7.665   -4.716  1.00 29.59 ? 22  ARG B CG  1 
ATOM   579  C CD  . ARG B 1 22 ? -8.686  7.346   -4.034  1.00 30.57 ? 22  ARG B CD  1 
ATOM   580  N NE  . ARG B 1 22 ? -9.825  7.722   -4.873  1.00 33.58 ? 22  ARG B NE  1 
ATOM   581  C CZ  . ARG B 1 22 ? -10.197 8.973   -5.129  1.00 34.55 ? 22  ARG B CZ  1 
ATOM   582  N NH1 . ARG B 1 22 ? -9.526  9.992   -4.607  1.00 40.16 ? 22  ARG B NH1 1 
ATOM   583  N NH2 . ARG B 1 22 ? -11.234 9.210   -5.923  1.00 31.65 ? 22  ARG B NH2 1 
ATOM   584  N N   . TYR B 1 23 ? -3.704  8.359   -2.126  1.00 21.51 ? 23  TYR B N   1 
ATOM   585  C CA  . TYR B 1 23 ? -2.416  8.118   -1.488  1.00 23.00 ? 23  TYR B CA  1 
ATOM   586  C C   . TYR B 1 23 ? -2.516  8.377   0.013   1.00 24.11 ? 23  TYR B C   1 
ATOM   587  O O   . TYR B 1 23 ? -2.119  7.543   0.825   1.00 19.76 ? 23  TYR B O   1 
ATOM   588  C CB  . TYR B 1 23 ? -1.343  9.036   -2.076  1.00 24.26 ? 23  TYR B CB  1 
ATOM   589  C CG  . TYR B 1 23 ? -0.129  9.166   -1.187  1.00 24.62 ? 23  TYR B CG  1 
ATOM   590  C CD1 . TYR B 1 23 ? 0.759   8.103   -1.024  1.00 22.34 ? 23  TYR B CD1 1 
ATOM   591  C CD2 . TYR B 1 23 ? 0.102   10.337  -0.462  1.00 24.06 ? 23  TYR B CD2 1 
ATOM   592  C CE1 . TYR B 1 23 ? 1.847   8.201   -0.159  1.00 25.63 ? 23  TYR B CE1 1 
ATOM   593  C CE2 . TYR B 1 23 ? 1.185   10.445  0.406   1.00 26.99 ? 23  TYR B CE2 1 
ATOM   594  C CZ  . TYR B 1 23 ? 2.051   9.375   0.552   1.00 26.91 ? 23  TYR B CZ  1 
ATOM   595  O OH  . TYR B 1 23 ? 3.123   9.479   1.408   1.00 27.69 ? 23  TYR B OH  1 
ATOM   596  N N   . GLU B 1 24 ? -3.044  9.541   0.376   1.00 21.71 ? 24  GLU B N   1 
ATOM   597  C CA  . GLU B 1 24 ? -3.187  9.898   1.784   1.00 22.64 ? 24  GLU B CA  1 
ATOM   598  C C   . GLU B 1 24 ? -4.074  8.903   2.528   1.00 21.79 ? 24  GLU B C   1 
ATOM   599  O O   . GLU B 1 24 ? -3.801  8.566   3.682   1.00 22.22 ? 24  GLU B O   1 
ATOM   600  C CB  . GLU B 1 24 ? -3.751  11.318  1.910   1.00 24.42 ? 24  GLU B CB  1 
ATOM   601  C CG  . GLU B 1 24 ? -2.788  12.390  1.412   1.00 28.45 ? 24  GLU B CG  1 
ATOM   602  C CD  . GLU B 1 24 ? -1.573  12.554  2.311   1.00 31.44 ? 24  GLU B CD  1 
ATOM   603  O OE1 . GLU B 1 24 ? -0.553  13.098  1.843   1.00 32.57 ? 24  GLU B OE1 1 
ATOM   604  O OE2 . GLU B 1 24 ? -1.640  12.148  3.489   1.00 33.51 ? 24  GLU B OE2 1 
ATOM   605  N N   . SER B 1 25 ? -5.127  8.425   1.873   1.00 21.87 ? 25  SER B N   1 
ATOM   606  C CA  . SER B 1 25 ? -6.022  7.460   2.503   1.00 24.08 ? 25  SER B CA  1 
ATOM   607  C C   . SER B 1 25 ? -5.291  6.152   2.784   1.00 21.70 ? 25  SER B C   1 
ATOM   608  O O   . SER B 1 25 ? -5.422  5.581   3.865   1.00 19.72 ? 25  SER B O   1 
ATOM   609  C CB  . SER B 1 25 ? -7.240  7.184   1.618   1.00 24.21 ? 25  SER B CB  1 
ATOM   610  O OG  . SER B 1 25 ? -8.072  8.326   1.528   1.00 28.53 ? 25  SER B OG  1 
ATOM   611  N N   . LEU B 1 26 ? -4.521  5.675   1.811   1.00 20.02 ? 26  LEU B N   1 
ATOM   612  C CA  . LEU B 1 26 ? -3.780  4.432   2.003   1.00 19.79 ? 26  LEU B CA  1 
ATOM   613  C C   . LEU B 1 26 ? -2.697  4.619   3.058   1.00 19.37 ? 26  LEU B C   1 
ATOM   614  O O   . LEU B 1 26 ? -2.472  3.738   3.888   1.00 18.60 ? 26  LEU B O   1 
ATOM   615  C CB  . LEU B 1 26 ? -3.157  3.968   0.683   1.00 21.15 ? 26  LEU B CB  1 
ATOM   616  C CG  . LEU B 1 26 ? -4.169  3.457   -0.349  1.00 21.53 ? 26  LEU B CG  1 
ATOM   617  C CD1 . LEU B 1 26 ? -3.456  3.143   -1.651  1.00 24.20 ? 26  LEU B CD1 1 
ATOM   618  C CD2 . LEU B 1 26 ? -4.871  2.217   0.183   1.00 24.65 ? 26  LEU B CD2 1 
ATOM   619  N N   . LYS B 1 27 ? -2.030  5.769   3.023   1.00 18.89 ? 27  LYS B N   1 
ATOM   620  C CA  . LYS B 1 27 ? -0.979  6.067   3.991   1.00 20.65 ? 27  LYS B CA  1 
ATOM   621  C C   . LYS B 1 27 ? -1.556  6.009   5.398   1.00 18.67 ? 27  LYS B C   1 
ATOM   622  O O   . LYS B 1 27 ? -0.987  5.387   6.295   1.00 19.09 ? 27  LYS B O   1 
ATOM   623  C CB  . LYS B 1 27 ? -0.403  7.464   3.743   1.00 20.19 ? 27  LYS B CB  1 
ATOM   624  C CG  . LYS B 1 27 ? 0.759   7.828   4.660   1.00 28.13 ? 27  LYS B CG  1 
ATOM   625  C CD  . LYS B 1 27 ? 1.170   9.287   4.506   1.00 32.00 ? 27  LYS B CD  1 
ATOM   626  C CE  . LYS B 1 27 ? 0.310   10.212  5.361   1.00 41.49 ? 27  LYS B CE  1 
ATOM   627  N NZ  . LYS B 1 27 ? -1.139  10.154  5.022   1.00 45.62 ? 27  LYS B NZ  1 
ATOM   628  N N   . ASN B 1 28 ? -2.695  6.664   5.588   1.00 18.75 ? 28  ASN B N   1 
ATOM   629  C CA  . ASN B 1 28 ? -3.325  6.682   6.899   1.00 20.33 ? 28  ASN B CA  1 
ATOM   630  C C   . ASN B 1 28 ? -3.778  5.293   7.340   1.00 20.47 ? 28  ASN B C   1 
ATOM   631  O O   . ASN B 1 28 ? -3.638  4.939   8.512   1.00 19.27 ? 28  ASN B O   1 
ATOM   632  C CB  . ASN B 1 28 ? -4.502  7.660   6.910   1.00 22.37 ? 28  ASN B CB  1 
ATOM   633  C CG  . ASN B 1 28 ? -4.055  9.102   6.723   1.00 28.47 ? 28  ASN B CG  1 
ATOM   634  O OD1 . ASN B 1 28 ? -2.972  9.489   7.168   1.00 27.09 ? 28  ASN B OD1 1 
ATOM   635  N ND2 . ASN B 1 28 ? -4.890  9.907   6.075   1.00 30.39 ? 28  ASN B ND2 1 
ATOM   636  N N   . LEU B 1 29 ? -4.302  4.503   6.407   1.00 18.95 ? 29  LEU B N   1 
ATOM   637  C CA  . LEU B 1 29 ? -4.764  3.156   6.739   1.00 17.48 ? 29  LEU B CA  1 
ATOM   638  C C   . LEU B 1 29 ? -3.595  2.256   7.150   1.00 17.28 ? 29  LEU B C   1 
ATOM   639  O O   . LEU B 1 29 ? -3.682  1.520   8.129   1.00 17.63 ? 29  LEU B O   1 
ATOM   640  C CB  . LEU B 1 29 ? -5.503  2.531   5.550   1.00 17.85 ? 29  LEU B CB  1 
ATOM   641  C CG  . LEU B 1 29 ? -5.998  1.094   5.762   1.00 21.41 ? 29  LEU B CG  1 
ATOM   642  C CD1 . LEU B 1 29 ? -7.021  1.071   6.890   1.00 20.23 ? 29  LEU B CD1 1 
ATOM   643  C CD2 . LEU B 1 29 ? -6.603  0.549   4.465   1.00 20.80 ? 29  LEU B CD2 1 
ATOM   644  N N   . ILE B 1 30 ? -2.503  2.314   6.396   1.00 16.90 ? 30  ILE B N   1 
ATOM   645  C CA  . ILE B 1 30 ? -1.323  1.508   6.710   1.00 17.32 ? 30  ILE B CA  1 
ATOM   646  C C   . ILE B 1 30 ? -0.790  1.904   8.088   1.00 17.95 ? 30  ILE B C   1 
ATOM   647  O O   . ILE B 1 30 ? -0.452  1.051   8.910   1.00 17.50 ? 30  ILE B O   1 
ATOM   648  C CB  . ILE B 1 30 ? -0.227  1.722   5.642   1.00 19.48 ? 30  ILE B CB  1 
ATOM   649  C CG1 . ILE B 1 30 ? -0.675  1.074   4.324   1.00 18.78 ? 30  ILE B CG1 1 
ATOM   650  C CG2 . ILE B 1 30 ? 1.107   1.160   6.126   1.00 22.32 ? 30  ILE B CG2 1 
ATOM   651  C CD1 . ILE B 1 30 ? 0.176   1.442   3.124   1.00 20.98 ? 30  ILE B CD1 1 
ATOM   652  N N   . THR B 1 31 ? -0.729  3.207   8.335   1.00 17.72 ? 31  THR B N   1 
ATOM   653  C CA  . THR B 1 31 ? -0.241  3.712   9.609   1.00 20.08 ? 31  THR B CA  1 
ATOM   654  C C   . THR B 1 31 ? -1.140  3.244   10.744  1.00 18.55 ? 31  THR B C   1 
ATOM   655  O O   . THR B 1 31 ? -0.655  2.805   11.790  1.00 19.44 ? 31  THR B O   1 
ATOM   656  C CB  . THR B 1 31 ? -0.179  5.255   9.605   1.00 20.87 ? 31  THR B CB  1 
ATOM   657  O OG1 . THR B 1 31 ? 0.793   5.684   8.641   1.00 21.14 ? 31  THR B OG1 1 
ATOM   658  C CG2 . THR B 1 31 ? 0.211   5.783   10.986  1.00 21.95 ? 31  THR B CG2 1 
ATOM   659  N N   . LEU B 1 32 ? -2.449  3.328   10.532  1.00 18.15 ? 32  LEU B N   1 
ATOM   660  C CA  . LEU B 1 32 ? -3.408  2.910   11.550  1.00 18.99 ? 32  LEU B CA  1 
ATOM   661  C C   . LEU B 1 32 ? -3.288  1.424   11.872  1.00 18.35 ? 32  LEU B C   1 
ATOM   662  O O   . LEU B 1 32 ? -3.226  1.038   13.045  1.00 17.90 ? 32  LEU B O   1 
ATOM   663  C CB  . LEU B 1 32 ? -4.834  3.215   11.093  1.00 22.02 ? 32  LEU B CB  1 
ATOM   664  C CG  . LEU B 1 32 ? -5.950  2.658   11.985  1.00 26.97 ? 32  LEU B CG  1 
ATOM   665  C CD1 . LEU B 1 32 ? -5.903  3.337   13.341  1.00 30.35 ? 32  LEU B CD1 1 
ATOM   666  C CD2 . LEU B 1 32 ? -7.300  2.882   11.325  1.00 30.29 ? 32  LEU B CD2 1 
ATOM   667  N N   . ARG B 1 33 ? -3.262  0.587   10.838  1.00 16.62 ? 33  ARG B N   1 
ATOM   668  C CA  . ARG B 1 33 ? -3.167  -0.849  11.060  1.00 17.43 ? 33  ARG B CA  1 
ATOM   669  C C   . ARG B 1 33 ? -1.819  -1.246  11.663  1.00 18.04 ? 33  ARG B C   1 
ATOM   670  O O   . ARG B 1 33 ? -1.757  -2.153  12.494  1.00 17.65 ? 33  ARG B O   1 
ATOM   671  C CB  . ARG B 1 33 ? -3.419  -1.625  9.757   1.00 17.23 ? 33  ARG B CB  1 
ATOM   672  C CG  . ARG B 1 33 ? -4.810  -1.407  9.125   1.00 16.87 ? 33  ARG B CG  1 
ATOM   673  C CD  . ARG B 1 33 ? -5.955  -1.439  10.154  1.00 19.09 ? 33  ARG B CD  1 
ATOM   674  N NE  . ARG B 1 33 ? -6.019  -2.687  10.915  1.00 19.27 ? 33  ARG B NE  1 
ATOM   675  C CZ  . ARG B 1 33 ? -6.955  -3.621  10.764  1.00 20.47 ? 33  ARG B CZ  1 
ATOM   676  N NH1 . ARG B 1 33 ? -7.930  -3.466  9.872   1.00 21.79 ? 33  ARG B NH1 1 
ATOM   677  N NH2 . ARG B 1 33 ? -6.916  -4.717  11.512  1.00 20.72 ? 33  ARG B NH2 1 
ATOM   678  N N   . ALA B 1 34 ? -0.741  -0.574  11.257  1.00 14.95 ? 34  ALA B N   1 
ATOM   679  C CA  . ALA B 1 34 ? 0.572   -0.898  11.814  1.00 17.11 ? 34  ALA B CA  1 
ATOM   680  C C   . ALA B 1 34 ? 0.604   -0.499  13.289  1.00 18.03 ? 34  ALA B C   1 
ATOM   681  O O   . ALA B 1 34 ? 1.148   -1.222  14.121  1.00 16.56 ? 34  ALA B O   1 
ATOM   682  C CB  . ALA B 1 34 ? 1.683   -0.177  11.044  1.00 16.19 ? 34  ALA B CB  1 
ATOM   683  N N   . ASP B 1 35 ? 0.019   0.654   13.612  1.00 17.93 ? 35  ASP B N   1 
ATOM   684  C CA  . ASP B 1 35 ? -0.029  1.108   15.000  1.00 19.82 ? 35  ASP B CA  1 
ATOM   685  C C   . ASP B 1 35 ? -0.808  0.104   15.854  1.00 19.44 ? 35  ASP B C   1 
ATOM   686  O O   . ASP B 1 35 ? -0.404  -0.210  16.978  1.00 19.94 ? 35  ASP B O   1 
ATOM   687  C CB  . ASP B 1 35 ? -0.697  2.487   15.099  1.00 19.68 ? 35  ASP B CB  1 
ATOM   688  C CG  . ASP B 1 35 ? 0.207   3.623   14.638  1.00 22.03 ? 35  ASP B CG  1 
ATOM   689  O OD1 . ASP B 1 35 ? -0.300  4.758   14.506  1.00 23.08 ? 35  ASP B OD1 1 
ATOM   690  O OD2 . ASP B 1 35 ? 1.417   3.396   14.413  1.00 20.43 ? 35  ASP B OD2 1 
ATOM   691  N N   . ARG B 1 36 ? -1.926  -0.395  15.323  1.00 18.86 ? 36  ARG B N   1 
ATOM   692  C CA  . ARG B 1 36 ? -2.744  -1.371  16.045  1.00 20.30 ? 36  ARG B CA  1 
ATOM   693  C C   . ARG B 1 36 ? -1.965  -2.659  16.304  1.00 18.96 ? 36  ARG B C   1 
ATOM   694  O O   . ARG B 1 36 ? -2.033  -3.232  17.394  1.00 19.46 ? 36  ARG B O   1 
ATOM   695  C CB  . ARG B 1 36 ? -4.014  -1.719  15.258  1.00 19.19 ? 36  ARG B CB  1 
ATOM   696  C CG  . ARG B 1 36 ? -5.137  -0.694  15.330  1.00 22.15 ? 36  ARG B CG  1 
ATOM   697  C CD  . ARG B 1 36 ? -6.356  -1.192  14.546  1.00 23.78 ? 36  ARG B CD  1 
ATOM   698  N NE  . ARG B 1 36 ? -6.821  -2.491  15.027  1.00 21.94 ? 36  ARG B NE  1 
ATOM   699  C CZ  . ARG B 1 36 ? -7.634  -2.666  16.065  1.00 28.78 ? 36  ARG B CZ  1 
ATOM   700  N NH1 . ARG B 1 36 ? -7.994  -3.891  16.427  1.00 26.27 ? 36  ARG B NH1 1 
ATOM   701  N NH2 . ARG B 1 36 ? -8.101  -1.617  16.733  1.00 29.32 ? 36  ARG B NH2 1 
ATOM   702  N N   . LEU B 1 37 ? -1.232  -3.119  15.299  1.00 17.81 ? 37  LEU B N   1 
ATOM   703  C CA  . LEU B 1 37 ? -0.459  -4.342  15.457  1.00 17.47 ? 37  LEU B CA  1 
ATOM   704  C C   . LEU B 1 37 ? 0.615   -4.181  16.528  1.00 17.30 ? 37  LEU B C   1 
ATOM   705  O O   . LEU B 1 37 ? 0.839   -5.091  17.323  1.00 17.70 ? 37  LEU B O   1 
ATOM   706  C CB  . LEU B 1 37 ? 0.164   -4.756  14.121  1.00 18.19 ? 37  LEU B CB  1 
ATOM   707  C CG  . LEU B 1 37 ? -0.842  -5.400  13.159  1.00 20.40 ? 37  LEU B CG  1 
ATOM   708  C CD1 . LEU B 1 37 ? -0.252  -5.475  11.759  1.00 22.71 ? 37  LEU B CD1 1 
ATOM   709  C CD2 . LEU B 1 37 ? -1.216  -6.789  13.672  1.00 22.39 ? 37  LEU B CD2 1 
ATOM   710  N N   . GLU B 1 38 ? 1.278   -3.029  16.564  1.00 17.32 ? 38  GLU B N   1 
ATOM   711  C CA  . GLU B 1 38 ? 2.300   -2.820  17.585  1.00 18.03 ? 38  GLU B CA  1 
ATOM   712  C C   . GLU B 1 38 ? 1.658   -2.846  18.966  1.00 19.93 ? 38  GLU B C   1 
ATOM   713  O O   . GLU B 1 38 ? 2.191   -3.457  19.895  1.00 19.19 ? 38  GLU B O   1 
ATOM   714  C CB  . GLU B 1 38 ? 3.028   -1.486  17.383  1.00 17.35 ? 38  GLU B CB  1 
ATOM   715  C CG  . GLU B 1 38 ? 3.935   -1.452  16.159  1.00 17.64 ? 38  GLU B CG  1 
ATOM   716  C CD  . GLU B 1 38 ? 4.817   -0.215  16.113  1.00 19.61 ? 38  GLU B CD  1 
ATOM   717  O OE1 . GLU B 1 38 ? 5.346   0.085   15.027  1.00 19.15 ? 38  GLU B OE1 1 
ATOM   718  O OE2 . GLU B 1 38 ? 4.990   0.451   17.160  1.00 20.56 ? 38  GLU B OE2 1 
ATOM   719  N N   . MET B 1 39 ? 0.508   -2.192  19.099  1.00 20.27 ? 39  MET B N   1 
ATOM   720  C CA  . MET B 1 39 ? -0.188  -2.151  20.382  1.00 23.37 ? 39  MET B CA  1 
ATOM   721  C C   . MET B 1 39 ? -0.620  -3.534  20.841  1.00 21.50 ? 39  MET B C   1 
ATOM   722  O O   . MET B 1 39 ? -0.456  -3.891  22.007  1.00 23.20 ? 39  MET B O   1 
ATOM   723  C CB  . MET B 1 39 ? -1.418  -1.244  20.301  1.00 26.76 ? 39  MET B CB  1 
ATOM   724  C CG  . MET B 1 39 ? -1.095  0.221   20.084  1.00 38.98 ? 39  MET B CG  1 
ATOM   725  S SD  . MET B 1 39 ? -2.523  1.284   20.378  1.00 53.33 ? 39  MET B SD  1 
ATOM   726  C CE  . MET B 1 39 ? -2.340  1.602   22.140  1.00 50.96 ? 39  MET B CE  1 
ATOM   727  N N   . ILE B 1 40 ? -1.182  -4.310  19.922  1.00 20.77 ? 40  ILE B N   1 
ATOM   728  C CA  . ILE B 1 40 ? -1.637  -5.656  20.243  1.00 19.86 ? 40  ILE B CA  1 
ATOM   729  C C   . ILE B 1 40 ? -0.452  -6.554  20.607  1.00 20.24 ? 40  ILE B C   1 
ATOM   730  O O   . ILE B 1 40 ? -0.526  -7.332  21.559  1.00 19.10 ? 40  ILE B O   1 
ATOM   731  C CB  . ILE B 1 40 ? -2.449  -6.233  19.063  1.00 19.21 ? 40  ILE B CB  1 
ATOM   732  C CG1 . ILE B 1 40 ? -3.776  -5.467  18.961  1.00 22.93 ? 40  ILE B CG1 1 
ATOM   733  C CG2 . ILE B 1 40 ? -2.694  -7.723  19.253  1.00 20.21 ? 40  ILE B CG2 1 
ATOM   734  C CD1 . ILE B 1 40 ? -4.578  -5.754  17.715  1.00 21.79 ? 40  ILE B CD1 1 
ATOM   735  N N   . ILE B 1 41 ? 0.646   -6.439  19.870  1.00 19.08 ? 41  ILE B N   1 
ATOM   736  C CA  . ILE B 1 41 ? 1.826   -7.240  20.180  1.00 19.62 ? 41  ILE B CA  1 
ATOM   737  C C   . ILE B 1 41 ? 2.369   -6.810  21.546  1.00 19.34 ? 41  ILE B C   1 
ATOM   738  O O   . ILE B 1 41 ? 2.652   -7.651  22.399  1.00 19.89 ? 41  ILE B O   1 
ATOM   739  C CB  . ILE B 1 41 ? 2.916   -7.072  19.089  1.00 18.48 ? 41  ILE B CB  1 
ATOM   740  C CG1 . ILE B 1 41 ? 2.444   -7.751  17.800  1.00 20.80 ? 41  ILE B CG1 1 
ATOM   741  C CG2 . ILE B 1 41 ? 4.244   -7.683  19.552  1.00 21.88 ? 41  ILE B CG2 1 
ATOM   742  C CD1 . ILE B 1 41 ? 3.383   -7.586  16.625  1.00 24.11 ? 41  ILE B CD1 1 
ATOM   743  N N   . ASN B 1 42 ? 2.493   -5.498  21.753  1.00 19.80 ? 42  ASN B N   1 
ATOM   744  C CA  . ASN B 1 42 ? 2.999   -4.958  23.019  1.00 20.66 ? 42  ASN B CA  1 
ATOM   745  C C   . ASN B 1 42 ? 2.146   -5.449  24.195  1.00 21.92 ? 42  ASN B C   1 
ATOM   746  O O   . ASN B 1 42 ? 2.674   -5.936  25.198  1.00 21.77 ? 42  ASN B O   1 
ATOM   747  C CB  . ASN B 1 42 ? 2.983   -3.422  22.992  1.00 23.72 ? 42  ASN B CB  1 
ATOM   748  C CG  . ASN B 1 42 ? 4.008   -2.831  22.034  1.00 28.29 ? 42  ASN B CG  1 
ATOM   749  O OD1 . ASN B 1 42 ? 3.956   -1.639  21.713  1.00 31.43 ? 42  ASN B OD1 1 
ATOM   750  N ND2 . ASN B 1 42 ? 4.948   -3.650  21.585  1.00 27.40 ? 42  ASN B ND2 1 
ATOM   751  N N   . ASP B 1 43 ? 0.828   -5.300  24.066  1.00 21.62 ? 43  ASP B N   1 
ATOM   752  C CA  . ASP B 1 43 ? -0.115  -5.733  25.099  1.00 23.94 ? 43  ASP B CA  1 
ATOM   753  C C   . ASP B 1 43 ? 0.078   -7.211  25.426  1.00 21.77 ? 43  ASP B C   1 
ATOM   754  O O   . ASP B 1 43 ? 0.267   -7.589  26.586  1.00 20.77 ? 43  ASP B O   1 
ATOM   755  C CB  . ASP B 1 43 ? -1.559  -5.545  24.620  1.00 25.51 ? 43  ASP B CB  1 
ATOM   756  C CG  . ASP B 1 43 ? -2.113  -4.156  24.890  1.00 32.63 ? 43  ASP B CG  1 
ATOM   757  O OD1 . ASP B 1 43 ? -1.332  -3.206  25.108  1.00 29.45 ? 43  ASP B OD1 1 
ATOM   758  O OD2 . ASP B 1 43 ? -3.357  -4.019  24.867  1.00 33.20 ? 43  ASP B OD2 1 
ATOM   759  N N   . ASN B 1 44 ? 0.012   -8.048  24.395  1.00 21.70 ? 44  ASN B N   1 
ATOM   760  C CA  . ASN B 1 44 ? 0.148   -9.484  24.585  1.00 21.08 ? 44  ASN B CA  1 
ATOM   761  C C   . ASN B 1 44 ? 1.483   -9.911  25.182  1.00 22.29 ? 44  ASN B C   1 
ATOM   762  O O   . ASN B 1 44 ? 1.523   -10.780 26.054  1.00 22.40 ? 44  ASN B O   1 
ATOM   763  C CB  . ASN B 1 44 ? -0.099  -10.224 23.269  1.00 20.00 ? 44  ASN B CB  1 
ATOM   764  C CG  . ASN B 1 44 ? -1.564  -10.230 22.868  1.00 20.75 ? 44  ASN B CG  1 
ATOM   765  O OD1 . ASN B 1 44 ? -2.453  -10.308 23.719  1.00 20.72 ? 44  ASN B OD1 1 
ATOM   766  N ND2 . ASN B 1 44 ? -1.823  -10.172 21.569  1.00 19.71 ? 44  ASN B ND2 1 
ATOM   767  N N   . VAL B 1 45 ? 2.577   -9.310  24.725  1.00 19.60 ? 45  VAL B N   1 
ATOM   768  C CA  . VAL B 1 45 ? 3.882   -9.674  25.254  1.00 21.70 ? 45  VAL B CA  1 
ATOM   769  C C   . VAL B 1 45 ? 3.972   -9.285  26.728  1.00 22.56 ? 45  VAL B C   1 
ATOM   770  O O   . VAL B 1 45 ? 4.471   -10.053 27.550  1.00 24.84 ? 45  VAL B O   1 
ATOM   771  C CB  . VAL B 1 45 ? 5.019   -9.000  24.451  1.00 20.87 ? 45  VAL B CB  1 
ATOM   772  C CG1 . VAL B 1 45 ? 6.360   -9.227  25.132  1.00 24.92 ? 45  VAL B CG1 1 
ATOM   773  C CG2 . VAL B 1 45 ? 5.048   -9.578  23.044  1.00 23.23 ? 45  VAL B CG2 1 
ATOM   774  N N   . SER B 1 46 ? 3.478   -8.098  27.065  1.00 22.98 ? 46  SER B N   1 
ATOM   775  C CA  . SER B 1 46 ? 3.501   -7.648  28.453  1.00 25.69 ? 46  SER B CA  1 
ATOM   776  C C   . SER B 1 46 ? 2.674   -8.616  29.299  1.00 25.04 ? 46  SER B C   1 
ATOM   777  O O   . SER B 1 46 ? 3.044   -8.937  30.429  1.00 27.48 ? 46  SER B O   1 
ATOM   778  C CB  . SER B 1 46 ? 2.927   -6.231  28.571  1.00 26.61 ? 46  SER B CB  1 
ATOM   779  O OG  . SER B 1 46 ? 3.024   -5.747  29.905  1.00 28.88 ? 46  SER B OG  1 
ATOM   780  N N   . THR B 1 47 ? 1.557   -9.078  28.745  1.00 24.12 ? 47  THR B N   1 
ATOM   781  C CA  . THR B 1 47 ? 0.681   -10.017 29.443  1.00 24.87 ? 47  THR B CA  1 
ATOM   782  C C   . THR B 1 47 ? 1.415   -11.339 29.678  1.00 27.50 ? 47  THR B C   1 
ATOM   783  O O   . THR B 1 47 ? 1.383   -11.893 30.779  1.00 27.82 ? 47  THR B O   1 
ATOM   784  C CB  . THR B 1 47 ? -0.609  -10.291 28.632  1.00 23.06 ? 47  THR B CB  1 
ATOM   785  O OG1 . THR B 1 47 ? -1.307  -9.057  28.408  1.00 21.57 ? 47  THR B OG1 1 
ATOM   786  C CG2 . THR B 1 47 ? -1.522  -11.253 29.389  1.00 22.48 ? 47  THR B CG2 1 
ATOM   787  N N   . ILE B 1 48 ? 2.080   -11.839 28.641  1.00 27.11 ? 48  ILE B N   1 
ATOM   788  C CA  . ILE B 1 48 ? 2.828   -13.087 28.750  1.00 26.27 ? 48  ILE B CA  1 
ATOM   789  C C   . ILE B 1 48 ? 3.921   -12.970 29.807  1.00 27.55 ? 48  ILE B C   1 
ATOM   790  O O   . ILE B 1 48 ? 4.041   -13.830 30.683  1.00 29.45 ? 48  ILE B O   1 
ATOM   791  C CB  . ILE B 1 48 ? 3.484   -13.474 27.403  1.00 26.48 ? 48  ILE B CB  1 
ATOM   792  C CG1 . ILE B 1 48 ? 2.404   -13.866 26.392  1.00 26.92 ? 48  ILE B CG1 1 
ATOM   793  C CG2 . ILE B 1 48 ? 4.465   -14.631 27.606  1.00 27.76 ? 48  ILE B CG2 1 
ATOM   794  C CD1 . ILE B 1 48 ? 2.936   -14.146 25.000  1.00 25.67 ? 48  ILE B CD1 1 
ATOM   795  N N   . LEU B 1 49 ? 4.716   -11.907 29.727  1.00 25.15 ? 49  LEU B N   1 
ATOM   796  C CA  . LEU B 1 49 ? 5.801   -11.711 30.683  1.00 27.25 ? 49  LEU B CA  1 
ATOM   797  C C   . LEU B 1 49 ? 5.295   -11.583 32.118  1.00 29.35 ? 49  LEU B C   1 
ATOM   798  O O   . LEU B 1 49 ? 5.967   -12.005 33.060  1.00 28.49 ? 49  LEU B O   1 
ATOM   799  C CB  . LEU B 1 49 ? 6.629   -10.478 30.303  1.00 25.83 ? 49  LEU B CB  1 
ATOM   800  C CG  . LEU B 1 49 ? 7.394   -10.601 28.976  1.00 26.14 ? 49  LEU B CG  1 
ATOM   801  C CD1 . LEU B 1 49 ? 8.078   -9.287  28.642  1.00 26.45 ? 49  LEU B CD1 1 
ATOM   802  C CD2 . LEU B 1 49 ? 8.422   -11.727 29.074  1.00 28.32 ? 49  LEU B CD2 1 
ATOM   803  N N   . ALA B 1 50 ? 4.107   -11.014 32.283  1.00 27.80 ? 50  ALA B N   1 
ATOM   804  C CA  . ALA B 1 50 ? 3.532   -10.845 33.613  1.00 31.24 ? 50  ALA B CA  1 
ATOM   805  C C   . ALA B 1 50 ? 2.884   -12.134 34.110  1.00 33.32 ? 50  ALA B C   1 
ATOM   806  O O   . ALA B 1 50 ? 2.535   -12.246 35.287  1.00 36.19 ? 50  ALA B O   1 
ATOM   807  C CB  . ALA B 1 50 ? 2.499   -9.720  33.595  1.00 29.55 ? 50  ALA B CB  1 
ATOM   808  N N   . SER B 1 51 ? 2.733   -13.106 33.216  1.00 33.21 ? 51  SER B N   1 
ATOM   809  C CA  . SER B 1 51 ? 2.104   -14.375 33.565  1.00 34.79 ? 51  SER B CA  1 
ATOM   810  C C   . SER B 1 51 ? 3.095   -15.514 33.774  1.00 36.84 ? 51  SER B C   1 
ATOM   811  O O   . SER B 1 51 ? 2.711   -16.605 34.196  1.00 37.16 ? 51  SER B O   1 
ATOM   812  C CB  . SER B 1 51 ? 1.101   -14.772 32.480  1.00 35.73 ? 51  SER B CB  1 
ATOM   813  O OG  . SER B 1 51 ? 0.106   -13.776 32.318  1.00 35.48 ? 51  SER B OG  1 
ATOM   814  N N   . GLY B 1 52 ? 4.364   -15.265 33.476  1.00 38.19 ? 52  GLY B N   1 
ATOM   815  C CA  . GLY B 1 52 ? 5.367   -16.299 33.647  1.00 42.63 ? 52  GLY B CA  1 
ATOM   816  C C   . GLY B 1 52 ? 6.566   -16.118 32.739  1.00 45.33 ? 52  GLY B C   1 
ATOM   817  O O   . GLY B 1 52 ? 7.696   -16.016 33.263  1.00 49.98 ? 52  GLY B O   1 
ATOM   818  O OXT . GLY B 1 52 ? 6.380   -16.084 31.505  1.00 46.75 ? 52  GLY B OXT 1 
ATOM   819  N N   . ILE C 1 4  ? -12.245 19.278  -27.202 1.00 62.61 ? 4   ILE C N   1 
ATOM   820  C CA  . ILE C 1 4  ? -10.914 19.067  -26.565 1.00 62.69 ? 4   ILE C CA  1 
ATOM   821  C C   . ILE C 1 4  ? -11.083 19.124  -25.046 1.00 61.69 ? 4   ILE C C   1 
ATOM   822  O O   . ILE C 1 4  ? -10.381 18.437  -24.304 1.00 60.17 ? 4   ILE C O   1 
ATOM   823  C CB  . ILE C 1 4  ? -9.902  20.153  -27.036 1.00 63.76 ? 4   ILE C CB  1 
ATOM   824  C CG1 . ILE C 1 4  ? -8.463  19.653  -26.866 1.00 64.35 ? 4   ILE C CG1 1 
ATOM   825  C CG2 . ILE C 1 4  ? -10.121 21.450  -26.264 1.00 63.73 ? 4   ILE C CG2 1 
ATOM   826  C CD1 . ILE C 1 4  ? -8.002  19.508  -25.436 1.00 65.35 ? 4   ILE C CD1 1 
ATOM   827  N N   . ASN C 1 5  ? -12.030 19.940  -24.595 1.00 60.99 ? 5   ASN C N   1 
ATOM   828  C CA  . ASN C 1 5  ? -12.303 20.082  -23.171 1.00 59.66 ? 5   ASN C CA  1 
ATOM   829  C C   . ASN C 1 5  ? -13.037 18.840  -22.676 1.00 57.77 ? 5   ASN C C   1 
ATOM   830  O O   . ASN C 1 5  ? -12.822 18.384  -21.551 1.00 56.63 ? 5   ASN C O   1 
ATOM   831  C CB  . ASN C 1 5  ? -13.153 21.329  -22.918 1.00 62.79 ? 5   ASN C CB  1 
ATOM   832  C CG  . ASN C 1 5  ? -13.415 21.567  -21.445 1.00 65.60 ? 5   ASN C CG  1 
ATOM   833  O OD1 . ASN C 1 5  ? -14.077 20.769  -20.781 1.00 67.90 ? 5   ASN C OD1 1 
ATOM   834  N ND2 . ASN C 1 5  ? -12.890 22.671  -20.921 1.00 66.97 ? 5   ASN C ND2 1 
ATOM   835  N N   . GLU C 1 6  ? -13.907 18.297  -23.522 1.00 53.62 ? 6   GLU C N   1 
ATOM   836  C CA  . GLU C 1 6  ? -14.655 17.096  -23.173 1.00 52.29 ? 6   GLU C CA  1 
ATOM   837  C C   . GLU C 1 6  ? -13.690 15.918  -23.206 1.00 48.20 ? 6   GLU C C   1 
ATOM   838  O O   . GLU C 1 6  ? -13.892 14.910  -22.528 1.00 45.61 ? 6   GLU C O   1 
ATOM   839  C CB  . GLU C 1 6  ? -15.797 16.870  -24.167 1.00 54.82 ? 6   GLU C CB  1 
ATOM   840  C CG  . GLU C 1 6  ? -16.831 17.983  -24.178 1.00 59.12 ? 6   GLU C CG  1 
ATOM   841  C CD  . GLU C 1 6  ? -17.958 17.722  -25.156 1.00 62.95 ? 6   GLU C CD  1 
ATOM   842  O OE1 . GLU C 1 6  ? -18.678 16.715  -24.983 1.00 64.84 ? 6   GLU C OE1 1 
ATOM   843  O OE2 . GLU C 1 6  ? -18.126 18.523  -26.101 1.00 64.48 ? 6   GLU C OE2 1 
ATOM   844  N N   . THR C 1 7  ? -12.635 16.060  -24.002 1.00 44.91 ? 7   THR C N   1 
ATOM   845  C CA  . THR C 1 7  ? -11.617 15.027  -24.125 1.00 42.73 ? 7   THR C CA  1 
ATOM   846  C C   . THR C 1 7  ? -10.831 14.964  -22.820 1.00 40.25 ? 7   THR C C   1 
ATOM   847  O O   . THR C 1 7  ? -10.483 13.885  -22.343 1.00 39.35 ? 7   THR C O   1 
ATOM   848  C CB  . THR C 1 7  ? -10.645 15.339  -25.278 1.00 44.63 ? 7   THR C CB  1 
ATOM   849  O OG1 . THR C 1 7  ? -11.383 15.492  -26.498 1.00 46.90 ? 7   THR C OG1 1 
ATOM   850  C CG2 . THR C 1 7  ? -9.638  14.215  -25.442 1.00 42.79 ? 7   THR C CG2 1 
ATOM   851  N N   . ALA C 1 8  ? -10.556 16.131  -22.248 1.00 36.93 ? 8   ALA C N   1 
ATOM   852  C CA  . ALA C 1 8  ? -9.825  16.210  -20.990 1.00 36.30 ? 8   ALA C CA  1 
ATOM   853  C C   . ALA C 1 8  ? -10.652 15.553  -19.886 1.00 35.55 ? 8   ALA C C   1 
ATOM   854  O O   . ALA C 1 8  ? -10.117 14.831  -19.045 1.00 34.39 ? 8   ALA C O   1 
ATOM   855  C CB  . ALA C 1 8  ? -9.538  17.665  -20.641 1.00 34.49 ? 8   ALA C CB  1 
ATOM   856  N N   . ASP C 1 9  ? -11.957 15.811  -19.895 1.00 35.87 ? 9   ASP C N   1 
ATOM   857  C CA  . ASP C 1 9  ? -12.858 15.237  -18.898 1.00 34.85 ? 9   ASP C CA  1 
ATOM   858  C C   . ASP C 1 9  ? -12.907 13.719  -19.037 1.00 35.26 ? 9   ASP C C   1 
ATOM   859  O O   . ASP C 1 9  ? -12.935 12.997  -18.041 1.00 32.84 ? 9   ASP C O   1 
ATOM   860  C CB  . ASP C 1 9  ? -14.274 15.798  -19.063 1.00 37.96 ? 9   ASP C CB  1 
ATOM   861  C CG  . ASP C 1 9  ? -14.375 17.264  -18.688 1.00 40.70 ? 9   ASP C CG  1 
ATOM   862  O OD1 . ASP C 1 9  ? -15.468 17.842  -18.870 1.00 42.32 ? 9   ASP C OD1 1 
ATOM   863  O OD2 . ASP C 1 9  ? -13.374 17.838  -18.212 1.00 41.66 ? 9   ASP C OD2 1 
ATOM   864  N N   . ASP C 1 10 ? -12.923 13.245  -20.278 1.00 32.19 ? 10  ASP C N   1 
ATOM   865  C CA  . ASP C 1 10 ? -12.970 11.813  -20.552 1.00 33.32 ? 10  ASP C CA  1 
ATOM   866  C C   . ASP C 1 10 ? -11.726 11.123  -19.997 1.00 30.82 ? 10  ASP C C   1 
ATOM   867  O O   . ASP C 1 10 ? -11.820 10.075  -19.358 1.00 29.62 ? 10  ASP C O   1 
ATOM   868  C CB  . ASP C 1 10 ? -13.062 11.562  -22.060 1.00 34.11 ? 10  ASP C CB  1 
ATOM   869  C CG  . ASP C 1 10 ? -13.357 10.109  -22.392 1.00 36.38 ? 10  ASP C CG  1 
ATOM   870  O OD1 . ASP C 1 10 ? -12.666 9.544   -23.267 1.00 37.77 ? 10  ASP C OD1 1 
ATOM   871  O OD2 . ASP C 1 10 ? -14.284 9.534   -21.783 1.00 38.52 ? 10  ASP C OD2 1 
ATOM   872  N N   . ILE C 1 11 ? -10.563 11.716  -20.249 1.00 28.47 ? 11  ILE C N   1 
ATOM   873  C CA  . ILE C 1 11 ? -9.299  11.163  -19.771 1.00 27.84 ? 11  ILE C CA  1 
ATOM   874  C C   . ILE C 1 11 ? -9.285  11.096  -18.246 1.00 29.27 ? 11  ILE C C   1 
ATOM   875  O O   . ILE C 1 11 ? -8.972  10.059  -17.661 1.00 26.17 ? 11  ILE C O   1 
ATOM   876  C CB  . ILE C 1 11 ? -8.102  12.025  -20.235 1.00 27.59 ? 11  ILE C CB  1 
ATOM   877  C CG1 . ILE C 1 11 ? -7.979  11.966  -21.759 1.00 27.09 ? 11  ILE C CG1 1 
ATOM   878  C CG2 . ILE C 1 11 ? -6.816  11.532  -19.584 1.00 24.53 ? 11  ILE C CG2 1 
ATOM   879  C CD1 . ILE C 1 11 ? -6.911  12.886  -22.323 1.00 29.14 ? 11  ILE C CD1 1 
ATOM   880  N N   . VAL C 1 12 ? -9.626  12.212  -17.611 1.00 28.40 ? 12  VAL C N   1 
ATOM   881  C CA  . VAL C 1 12 ? -9.646  12.282  -16.154 1.00 29.81 ? 12  VAL C CA  1 
ATOM   882  C C   . VAL C 1 12 ? -10.623 11.275  -15.554 1.00 30.26 ? 12  VAL C C   1 
ATOM   883  O O   . VAL C 1 12 ? -10.295 10.580  -14.590 1.00 28.74 ? 12  VAL C O   1 
ATOM   884  C CB  . VAL C 1 12 ? -10.015 13.705  -15.678 1.00 28.71 ? 12  VAL C CB  1 
ATOM   885  C CG1 . VAL C 1 12 ? -10.249 13.714  -14.172 1.00 28.79 ? 12  VAL C CG1 1 
ATOM   886  C CG2 . VAL C 1 12 ? -8.893  14.669  -16.037 1.00 26.54 ? 12  VAL C CG2 1 
ATOM   887  N N   . TYR C 1 13 ? -11.818 11.191  -16.129 1.00 30.03 ? 13  TYR C N   1 
ATOM   888  C CA  . TYR C 1 13 ? -12.831 10.260  -15.642 1.00 31.96 ? 13  TYR C CA  1 
ATOM   889  C C   . TYR C 1 13 ? -12.375 8.807   -15.755 1.00 31.07 ? 13  TYR C C   1 
ATOM   890  O O   . TYR C 1 13 ? -12.413 8.056   -14.781 1.00 30.20 ? 13  TYR C O   1 
ATOM   891  C CB  . TYR C 1 13 ? -14.137 10.431  -16.424 1.00 34.72 ? 13  TYR C CB  1 
ATOM   892  C CG  . TYR C 1 13 ? -15.165 9.373   -16.097 1.00 37.88 ? 13  TYR C CG  1 
ATOM   893  C CD1 . TYR C 1 13 ? -15.898 9.427   -14.912 1.00 40.96 ? 13  TYR C CD1 1 
ATOM   894  C CD2 . TYR C 1 13 ? -15.370 8.288   -16.948 1.00 39.92 ? 13  TYR C CD2 1 
ATOM   895  C CE1 . TYR C 1 13 ? -16.808 8.424   -14.582 1.00 41.22 ? 13  TYR C CE1 1 
ATOM   896  C CE2 . TYR C 1 13 ? -16.274 7.278   -16.627 1.00 42.13 ? 13  TYR C CE2 1 
ATOM   897  C CZ  . TYR C 1 13 ? -16.988 7.354   -15.442 1.00 41.51 ? 13  TYR C CZ  1 
ATOM   898  O OH  . TYR C 1 13 ? -17.878 6.356   -15.117 1.00 44.86 ? 13  TYR C OH  1 
ATOM   899  N N   . ARG C 1 14 ? -11.952 8.418   -16.953 1.00 28.90 ? 14  ARG C N   1 
ATOM   900  C CA  . ARG C 1 14 ? -11.506 7.055   -17.206 1.00 26.95 ? 14  ARG C CA  1 
ATOM   901  C C   . ARG C 1 14 ? -10.369 6.613   -16.296 1.00 26.65 ? 14  ARG C C   1 
ATOM   902  O O   . ARG C 1 14 ? -10.378 5.489   -15.792 1.00 25.37 ? 14  ARG C O   1 
ATOM   903  C CB  . ARG C 1 14 ? -11.101 6.904   -18.673 1.00 29.96 ? 14  ARG C CB  1 
ATOM   904  C CG  . ARG C 1 14 ? -12.286 7.008   -19.624 1.00 32.15 ? 14  ARG C CG  1 
ATOM   905  C CD  . ARG C 1 14 ? -11.847 7.282   -21.051 1.00 31.36 ? 14  ARG C CD  1 
ATOM   906  N NE  . ARG C 1 14 ? -11.096 6.176   -21.634 1.00 29.60 ? 14  ARG C NE  1 
ATOM   907  C CZ  . ARG C 1 14 ? -10.501 6.236   -22.822 1.00 29.72 ? 14  ARG C CZ  1 
ATOM   908  N NH1 . ARG C 1 14 ? -10.573 7.347   -23.543 1.00 30.68 ? 14  ARG C NH1 1 
ATOM   909  N NH2 . ARG C 1 14 ? -9.843  5.187   -23.292 1.00 33.49 ? 14  ARG C NH2 1 
ATOM   910  N N   . LEU C 1 15 ? -9.392  7.486   -16.077 1.00 23.74 ? 15  LEU C N   1 
ATOM   911  C CA  . LEU C 1 15 ? -8.275  7.131   -15.215 1.00 24.49 ? 15  LEU C CA  1 
ATOM   912  C C   . LEU C 1 15 ? -8.675  7.159   -13.741 1.00 25.76 ? 15  LEU C C   1 
ATOM   913  O O   . LEU C 1 15 ? -8.132  6.407   -12.930 1.00 22.72 ? 15  LEU C O   1 
ATOM   914  C CB  . LEU C 1 15 ? -7.082  8.055   -15.483 1.00 24.36 ? 15  LEU C CB  1 
ATOM   915  C CG  . LEU C 1 15 ? -6.383  7.744   -16.816 1.00 20.91 ? 15  LEU C CG  1 
ATOM   916  C CD1 . LEU C 1 15 ? -5.343  8.807   -17.130 1.00 22.81 ? 15  LEU C CD1 1 
ATOM   917  C CD2 . LEU C 1 15 ? -5.732  6.365   -16.737 1.00 21.89 ? 15  LEU C CD2 1 
ATOM   918  N N   . THR C 1 16 ? -9.634  8.012   -13.392 1.00 24.31 ? 16  THR C N   1 
ATOM   919  C CA  . THR C 1 16 ? -10.092 8.077   -12.007 1.00 25.68 ? 16  THR C CA  1 
ATOM   920  C C   . THR C 1 16 ? -10.764 6.750   -11.660 1.00 24.32 ? 16  THR C C   1 
ATOM   921  O O   . THR C 1 16 ? -10.584 6.219   -10.566 1.00 26.51 ? 16  THR C O   1 
ATOM   922  C CB  . THR C 1 16 ? -11.097 9.234   -11.781 1.00 24.88 ? 16  THR C CB  1 
ATOM   923  O OG1 . THR C 1 16 ? -10.430 10.491  -11.955 1.00 24.70 ? 16  THR C OG1 1 
ATOM   924  C CG2 . THR C 1 16 ? -11.674 9.169   -10.362 1.00 25.96 ? 16  THR C CG2 1 
ATOM   925  N N   . VAL C 1 17 ? -11.530 6.211   -12.603 1.00 23.09 ? 17  VAL C N   1 
ATOM   926  C CA  . VAL C 1 17 ? -12.216 4.941   -12.399 1.00 25.20 ? 17  VAL C CA  1 
ATOM   927  C C   . VAL C 1 17 ? -11.223 3.814   -12.112 1.00 23.59 ? 17  VAL C C   1 
ATOM   928  O O   . VAL C 1 17 ? -11.442 2.989   -11.224 1.00 23.66 ? 17  VAL C O   1 
ATOM   929  C CB  . VAL C 1 17 ? -13.064 4.570   -13.638 1.00 26.61 ? 17  VAL C CB  1 
ATOM   930  C CG1 . VAL C 1 17 ? -13.526 3.122   -13.552 1.00 31.44 ? 17  VAL C CG1 1 
ATOM   931  C CG2 . VAL C 1 17 ? -14.270 5.502   -13.725 1.00 29.38 ? 17  VAL C CG2 1 
ATOM   932  N N   . ILE C 1 18 ? -10.128 3.792   -12.863 1.00 22.99 ? 18  ILE C N   1 
ATOM   933  C CA  . ILE C 1 18 ? -9.102  2.770   -12.695 1.00 22.50 ? 18  ILE C CA  1 
ATOM   934  C C   . ILE C 1 18 ? -8.323  2.989   -11.396 1.00 21.35 ? 18  ILE C C   1 
ATOM   935  O O   . ILE C 1 18 ? -8.026  2.037   -10.669 1.00 19.92 ? 18  ILE C O   1 
ATOM   936  C CB  . ILE C 1 18 ? -8.140  2.774   -13.908 1.00 24.14 ? 18  ILE C CB  1 
ATOM   937  C CG1 . ILE C 1 18 ? -8.915  2.355   -15.162 1.00 27.15 ? 18  ILE C CG1 1 
ATOM   938  C CG2 . ILE C 1 18 ? -6.977  1.822   -13.674 1.00 24.24 ? 18  ILE C CG2 1 
ATOM   939  C CD1 . ILE C 1 18 ? -8.136  2.515   -16.456 1.00 30.96 ? 18  ILE C CD1 1 
ATOM   940  N N   . ILE C 1 19 ? -8.003  4.244   -11.104 1.00 20.19 ? 19  ILE C N   1 
ATOM   941  C CA  . ILE C 1 19 ? -7.281  4.581   -9.879  1.00 22.00 ? 19  ILE C CA  1 
ATOM   942  C C   . ILE C 1 19 ? -8.122  4.145   -8.679  1.00 23.20 ? 19  ILE C C   1 
ATOM   943  O O   . ILE C 1 19 ? -7.612  3.549   -7.727  1.00 20.68 ? 19  ILE C O   1 
ATOM   944  C CB  . ILE C 1 19 ? -7.011  6.100   -9.800  1.00 22.43 ? 19  ILE C CB  1 
ATOM   945  C CG1 . ILE C 1 19 ? -5.934  6.481   -10.823 1.00 21.61 ? 19  ILE C CG1 1 
ATOM   946  C CG2 . ILE C 1 19 ? -6.575  6.495   -8.390  1.00 23.30 ? 19  ILE C CG2 1 
ATOM   947  C CD1 . ILE C 1 19 ? -5.759  7.974   -11.001 1.00 25.22 ? 19  ILE C CD1 1 
ATOM   948  N N   . ASP C 1 20 ? -9.417  4.439   -8.734  1.00 21.48 ? 20  ASP C N   1 
ATOM   949  C CA  . ASP C 1 20 ? -10.328 4.072   -7.654  1.00 23.05 ? 20  ASP C CA  1 
ATOM   950  C C   . ASP C 1 20 ? -10.415 2.561   -7.479  1.00 23.44 ? 20  ASP C C   1 
ATOM   951  O O   . ASP C 1 20 ? -10.445 2.059   -6.354  1.00 22.30 ? 20  ASP C O   1 
ATOM   952  C CB  . ASP C 1 20 ? -11.725 4.637   -7.926  1.00 24.89 ? 20  ASP C CB  1 
ATOM   953  C CG  . ASP C 1 20 ? -11.815 6.123   -7.656  1.00 29.41 ? 20  ASP C CG  1 
ATOM   954  O OD1 . ASP C 1 20 ? -12.882 6.713   -7.934  1.00 31.35 ? 20  ASP C OD1 1 
ATOM   955  O OD2 . ASP C 1 20 ? -10.824 6.702   -7.161  1.00 31.72 ? 20  ASP C OD2 1 
ATOM   956  N N   . ASP C 1 21 ? -10.463 1.840   -8.594  1.00 20.54 ? 21  ASP C N   1 
ATOM   957  C CA  . ASP C 1 21 ? -10.547 0.388   -8.555  1.00 22.34 ? 21  ASP C CA  1 
ATOM   958  C C   . ASP C 1 21 ? -9.333  -0.212  -7.845  1.00 22.22 ? 21  ASP C C   1 
ATOM   959  O O   . ASP C 1 21 ? -9.476  -1.071  -6.970  1.00 20.27 ? 21  ASP C O   1 
ATOM   960  C CB  . ASP C 1 21 ? -10.662 -0.165  -9.982  1.00 21.07 ? 21  ASP C CB  1 
ATOM   961  C CG  . ASP C 1 21 ? -10.656 -1.683  -10.027 1.00 25.02 ? 21  ASP C CG  1 
ATOM   962  O OD1 . ASP C 1 21 ? -9.557  -2.277  -10.017 1.00 24.51 ? 21  ASP C OD1 1 
ATOM   963  O OD2 . ASP C 1 21 ? -11.751 -2.283  -10.068 1.00 25.27 ? 21  ASP C OD2 1 
ATOM   964  N N   . ARG C 1 22 ? -8.141  0.247   -8.210  1.00 20.73 ? 22  ARG C N   1 
ATOM   965  C CA  . ARG C 1 22 ? -6.926  -0.269  -7.589  1.00 19.37 ? 22  ARG C CA  1 
ATOM   966  C C   . ARG C 1 22 ? -6.843  0.175   -6.130  1.00 19.12 ? 22  ARG C C   1 
ATOM   967  O O   . ARG C 1 22 ? -6.376  -0.569  -5.268  1.00 19.18 ? 22  ARG C O   1 
ATOM   968  C CB  . ARG C 1 22 ? -5.697  0.200   -8.369  1.00 19.24 ? 22  ARG C CB  1 
ATOM   969  C CG  . ARG C 1 22 ? -5.705  -0.246  -9.836  1.00 17.96 ? 22  ARG C CG  1 
ATOM   970  C CD  . ARG C 1 22 ? -5.878  -1.758  -9.989  1.00 19.67 ? 22  ARG C CD  1 
ATOM   971  N NE  . ARG C 1 22 ? -5.612  -2.191  -11.364 1.00 21.22 ? 22  ARG C NE  1 
ATOM   972  C CZ  . ARG C 1 22 ? -6.464  -2.074  -12.381 1.00 24.94 ? 22  ARG C CZ  1 
ATOM   973  N NH1 . ARG C 1 22 ? -6.103  -2.488  -13.590 1.00 22.93 ? 22  ARG C NH1 1 
ATOM   974  N NH2 . ARG C 1 22 ? -7.683  -1.579  -12.193 1.00 23.05 ? 22  ARG C NH2 1 
ATOM   975  N N   . TYR C 1 23 ? -7.302  1.390   -5.856  1.00 18.22 ? 23  TYR C N   1 
ATOM   976  C CA  . TYR C 1 23 ? -7.301  1.909   -4.492  1.00 19.26 ? 23  TYR C CA  1 
ATOM   977  C C   . TYR C 1 23 ? -8.160  1.028   -3.580  1.00 21.29 ? 23  TYR C C   1 
ATOM   978  O O   . TYR C 1 23 ? -7.723  0.630   -2.497  1.00 20.24 ? 23  TYR C O   1 
ATOM   979  C CB  . TYR C 1 23 ? -7.842  3.342   -4.476  1.00 20.43 ? 23  TYR C CB  1 
ATOM   980  C CG  . TYR C 1 23 ? -8.267  3.800   -3.100  1.00 22.79 ? 23  TYR C CG  1 
ATOM   981  C CD1 . TYR C 1 23 ? -7.322  4.109   -2.123  1.00 22.43 ? 23  TYR C CD1 1 
ATOM   982  C CD2 . TYR C 1 23 ? -9.616  3.873   -2.759  1.00 23.43 ? 23  TYR C CD2 1 
ATOM   983  C CE1 . TYR C 1 23 ? -7.711  4.478   -0.837  1.00 25.13 ? 23  TYR C CE1 1 
ATOM   984  C CE2 . TYR C 1 23 ? -10.016 4.236   -1.474  1.00 27.49 ? 23  TYR C CE2 1 
ATOM   985  C CZ  . TYR C 1 23 ? -9.060  4.537   -0.521  1.00 28.04 ? 23  TYR C CZ  1 
ATOM   986  O OH  . TYR C 1 23 ? -9.454  4.884   0.753   1.00 27.46 ? 23  TYR C OH  1 
ATOM   987  N N   . GLU C 1 24 ? -9.383  0.729   -4.016  1.00 20.15 ? 24  GLU C N   1 
ATOM   988  C CA  . GLU C 1 24 ? -10.286 -0.103  -3.227  1.00 21.36 ? 24  GLU C CA  1 
ATOM   989  C C   . GLU C 1 24 ? -9.690  -1.490  -3.001  1.00 21.24 ? 24  GLU C C   1 
ATOM   990  O O   . GLU C 1 24 ? -9.819  -2.058  -1.918  1.00 19.74 ? 24  GLU C O   1 
ATOM   991  C CB  . GLU C 1 24 ? -11.647 -0.240  -3.919  1.00 22.86 ? 24  GLU C CB  1 
ATOM   992  C CG  . GLU C 1 24 ? -12.480 1.038   -3.954  1.00 28.04 ? 24  GLU C CG  1 
ATOM   993  C CD  . GLU C 1 24 ? -12.811 1.568   -2.567  1.00 33.06 ? 24  GLU C CD  1 
ATOM   994  O OE1 . GLU C 1 24 ? -12.921 0.754   -1.627  1.00 32.79 ? 24  GLU C OE1 1 
ATOM   995  O OE2 . GLU C 1 24 ? -12.979 2.799   -2.422  1.00 31.95 ? 24  GLU C OE2 1 
ATOM   996  N N   . SER C 1 25 ? -9.040  -2.035  -4.024  1.00 21.22 ? 25  SER C N   1 
ATOM   997  C CA  . SER C 1 25 ? -8.424  -3.349  -3.903  1.00 20.73 ? 25  SER C CA  1 
ATOM   998  C C   . SER C 1 25 ? -7.315  -3.343  -2.852  1.00 20.35 ? 25  SER C C   1 
ATOM   999  O O   . SER C 1 25 ? -7.206  -4.275  -2.056  1.00 21.22 ? 25  SER C O   1 
ATOM   1000 C CB  . SER C 1 25 ? -7.869  -3.813  -5.254  1.00 24.43 ? 25  SER C CB  1 
ATOM   1001 O OG  . SER C 1 25 ? -8.928  -4.176  -6.126  1.00 26.67 ? 25  SER C OG  1 
ATOM   1002 N N   . LEU C 1 26 ? -6.494  -2.295  -2.843  1.00 19.62 ? 26  LEU C N   1 
ATOM   1003 C CA  . LEU C 1 26 ? -5.420  -2.213  -1.857  1.00 18.89 ? 26  LEU C CA  1 
ATOM   1004 C C   . LEU C 1 26 ? -5.994  -2.006  -0.461  1.00 19.16 ? 26  LEU C C   1 
ATOM   1005 O O   . LEU C 1 26 ? -5.509  -2.588  0.510   1.00 16.85 ? 26  LEU C O   1 
ATOM   1006 C CB  . LEU C 1 26 ? -4.459  -1.075  -2.197  1.00 19.38 ? 26  LEU C CB  1 
ATOM   1007 C CG  . LEU C 1 26 ? -3.564  -1.310  -3.416  1.00 21.16 ? 26  LEU C CG  1 
ATOM   1008 C CD1 . LEU C 1 26 ? -2.722  -0.073  -3.679  1.00 25.13 ? 26  LEU C CD1 1 
ATOM   1009 C CD2 . LEU C 1 26 ? -2.668  -2.527  -3.163  1.00 22.64 ? 26  LEU C CD2 1 
ATOM   1010 N N   . LYS C 1 27 ? -7.027  -1.177  -0.358  1.00 19.70 ? 27  LYS C N   1 
ATOM   1011 C CA  . LYS C 1 27 ? -7.660  -0.926  0.933   1.00 20.33 ? 27  LYS C CA  1 
ATOM   1012 C C   . LYS C 1 27 ? -8.197  -2.238  1.505   1.00 20.48 ? 27  LYS C C   1 
ATOM   1013 O O   . LYS C 1 27 ? -8.008  -2.532  2.684   1.00 19.14 ? 27  LYS C O   1 
ATOM   1014 C CB  . LYS C 1 27 ? -8.808  0.080   0.779   1.00 21.90 ? 27  LYS C CB  1 
ATOM   1015 C CG  . LYS C 1 27 ? -9.509  0.411   2.086   1.00 29.19 ? 27  LYS C CG  1 
ATOM   1016 C CD  . LYS C 1 27 ? -10.671 1.381   1.882   1.00 34.31 ? 27  LYS C CD  1 
ATOM   1017 C CE  . LYS C 1 27 ? -11.804 0.729   1.105   1.00 42.72 ? 27  LYS C CE  1 
ATOM   1018 N NZ  . LYS C 1 27 ? -12.990 1.622   0.953   1.00 46.98 ? 27  LYS C NZ  1 
ATOM   1019 N N   . ASN C 1 28 ? -8.863  -3.024  0.662   1.00 18.05 ? 28  ASN C N   1 
ATOM   1020 C CA  . ASN C 1 28 ? -9.425  -4.304  1.084   1.00 20.20 ? 28  ASN C CA  1 
ATOM   1021 C C   . ASN C 1 28 ? -8.307  -5.262  1.501   1.00 20.56 ? 28  ASN C C   1 
ATOM   1022 O O   . ASN C 1 28 ? -8.405  -5.938  2.524   1.00 19.35 ? 28  ASN C O   1 
ATOM   1023 C CB  . ASN C 1 28 ? -10.232 -4.928  -0.062  1.00 21.76 ? 28  ASN C CB  1 
ATOM   1024 C CG  . ASN C 1 28 ? -10.966 -6.192  0.351   1.00 28.20 ? 28  ASN C CG  1 
ATOM   1025 O OD1 . ASN C 1 28 ? -11.027 -7.166  -0.408  1.00 32.16 ? 28  ASN C OD1 1 
ATOM   1026 N ND2 . ASN C 1 28 ? -11.546 -6.179  1.548   1.00 28.47 ? 28  ASN C ND2 1 
ATOM   1027 N N   . LEU C 1 29 ? -7.244  -5.313  0.703   1.00 19.07 ? 29  LEU C N   1 
ATOM   1028 C CA  . LEU C 1 29 ? -6.113  -6.191  0.994   1.00 19.02 ? 29  LEU C CA  1 
ATOM   1029 C C   . LEU C 1 29 ? -5.486  -5.858  2.344   1.00 18.06 ? 29  LEU C C   1 
ATOM   1030 O O   . LEU C 1 29 ? -5.270  -6.737  3.181   1.00 19.06 ? 29  LEU C O   1 
ATOM   1031 C CB  . LEU C 1 29 ? -5.047  -6.061  -0.102  1.00 17.05 ? 29  LEU C CB  1 
ATOM   1032 C CG  . LEU C 1 29 ? -3.753  -6.852  0.131   1.00 19.65 ? 29  LEU C CG  1 
ATOM   1033 C CD1 . LEU C 1 29 ? -4.046  -8.342  0.050   1.00 22.18 ? 29  LEU C CD1 1 
ATOM   1034 C CD2 . LEU C 1 29 ? -2.707  -6.454  -0.911  1.00 21.51 ? 29  LEU C CD2 1 
ATOM   1035 N N   . ILE C 1 30 ? -5.194  -4.579  2.544   1.00 16.55 ? 30  ILE C N   1 
ATOM   1036 C CA  . ILE C 1 30 ? -4.576  -4.119  3.782   1.00 18.16 ? 30  ILE C CA  1 
ATOM   1037 C C   . ILE C 1 30 ? -5.449  -4.468  4.975   1.00 18.93 ? 30  ILE C C   1 
ATOM   1038 O O   . ILE C 1 30 ? -4.966  -4.981  5.989   1.00 17.56 ? 30  ILE C O   1 
ATOM   1039 C CB  . ILE C 1 30 ? -4.341  -2.591  3.728   1.00 17.74 ? 30  ILE C CB  1 
ATOM   1040 C CG1 . ILE C 1 30 ? -3.259  -2.284  2.687   1.00 17.81 ? 30  ILE C CG1 1 
ATOM   1041 C CG2 . ILE C 1 30 ? -3.936  -2.060  5.103   1.00 21.56 ? 30  ILE C CG2 1 
ATOM   1042 C CD1 . ILE C 1 30 ? -3.143  -0.811  2.325   1.00 21.16 ? 30  ILE C CD1 1 
ATOM   1043 N N   . THR C 1 31 ? -6.742  -4.197  4.846   1.00 19.43 ? 31  THR C N   1 
ATOM   1044 C CA  . THR C 1 31 ? -7.675  -4.476  5.925   1.00 19.45 ? 31  THR C CA  1 
ATOM   1045 C C   . THR C 1 31 ? -7.775  -5.965  6.235   1.00 20.20 ? 31  THR C C   1 
ATOM   1046 O O   . THR C 1 31 ? -7.690  -6.365  7.398   1.00 19.09 ? 31  THR C O   1 
ATOM   1047 C CB  . THR C 1 31 ? -9.070  -3.931  5.593   1.00 20.68 ? 31  THR C CB  1 
ATOM   1048 O OG1 . THR C 1 31 ? -8.984  -2.514  5.396   1.00 20.03 ? 31  THR C OG1 1 
ATOM   1049 C CG2 . THR C 1 31 ? -10.046 -4.230  6.726   1.00 22.74 ? 31  THR C CG2 1 
ATOM   1050 N N   . LEU C 1 32 ? -7.952  -6.781  5.200   1.00 19.47 ? 32  LEU C N   1 
ATOM   1051 C CA  . LEU C 1 32 ? -8.068  -8.225  5.393   1.00 21.16 ? 32  LEU C CA  1 
ATOM   1052 C C   . LEU C 1 32 ? -6.799  -8.831  5.984   1.00 19.90 ? 32  LEU C C   1 
ATOM   1053 O O   . LEU C 1 32 ? -6.865  -9.667  6.889   1.00 20.87 ? 32  LEU C O   1 
ATOM   1054 C CB  . LEU C 1 32 ? -8.406  -8.913  4.066   1.00 22.80 ? 32  LEU C CB  1 
ATOM   1055 C CG  . LEU C 1 32 ? -9.803  -8.603  3.515   1.00 30.70 ? 32  LEU C CG  1 
ATOM   1056 C CD1 . LEU C 1 32 ? -9.998  -9.293  2.174   1.00 30.66 ? 32  LEU C CD1 1 
ATOM   1057 C CD2 . LEU C 1 32 ? -10.858 -9.066  4.511   1.00 32.34 ? 32  LEU C CD2 1 
ATOM   1058 N N   . ARG C 1 33 ? -5.644  -8.409  5.482   1.00 18.19 ? 33  ARG C N   1 
ATOM   1059 C CA  . ARG C 1 33 ? -4.380  -8.935  5.982   1.00 18.80 ? 33  ARG C CA  1 
ATOM   1060 C C   . ARG C 1 33 ? -4.089  -8.492  7.405   1.00 17.83 ? 33  ARG C C   1 
ATOM   1061 O O   . ARG C 1 33 ? -3.566  -9.266  8.204   1.00 17.92 ? 33  ARG C O   1 
ATOM   1062 C CB  . ARG C 1 33 ? -3.234  -8.524  5.058   1.00 20.41 ? 33  ARG C CB  1 
ATOM   1063 C CG  . ARG C 1 33 ? -3.218  -9.328  3.787   1.00 24.26 ? 33  ARG C CG  1 
ATOM   1064 C CD  . ARG C 1 33 ? -3.087  -10.798 4.158   1.00 31.01 ? 33  ARG C CD  1 
ATOM   1065 N NE  . ARG C 1 33 ? -2.857  -11.619 2.994   1.00 40.03 ? 33  ARG C NE  1 
ATOM   1066 C CZ  . ARG C 1 33 ? -2.118  -12.717 3.000   1.00 28.03 ? 33  ARG C CZ  1 
ATOM   1067 N NH1 . ARG C 1 33 ? -1.976  -13.390 1.879   1.00 33.50 ? 33  ARG C NH1 1 
ATOM   1068 N NH2 . ARG C 1 33 ? -1.519  -13.127 4.119   1.00 26.92 ? 33  ARG C NH2 1 
ATOM   1069 N N   . ALA C 1 34 ? -4.423  -7.247  7.727   1.00 19.08 ? 34  ALA C N   1 
ATOM   1070 C CA  . ALA C 1 34 ? -4.193  -6.758  9.082   1.00 18.21 ? 34  ALA C CA  1 
ATOM   1071 C C   . ALA C 1 34 ? -5.122  -7.509  10.036  1.00 18.05 ? 34  ALA C C   1 
ATOM   1072 O O   . ALA C 1 34 ? -4.703  -7.934  11.115  1.00 17.99 ? 34  ALA C O   1 
ATOM   1073 C CB  . ALA C 1 34 ? -4.450  -5.255  9.152   1.00 15.76 ? 34  ALA C CB  1 
ATOM   1074 N N   . ASP C 1 35 ? -6.382  -7.680  9.639   1.00 18.66 ? 35  ASP C N   1 
ATOM   1075 C CA  . ASP C 1 35 ? -7.342  -8.403  10.474  1.00 20.63 ? 35  ASP C CA  1 
ATOM   1076 C C   . ASP C 1 35 ? -6.829  -9.813  10.749  1.00 20.14 ? 35  ASP C C   1 
ATOM   1077 O O   . ASP C 1 35 ? -6.853  -10.290 11.885  1.00 18.96 ? 35  ASP C O   1 
ATOM   1078 C CB  . ASP C 1 35 ? -8.702  -8.499  9.779   1.00 21.40 ? 35  ASP C CB  1 
ATOM   1079 C CG  . ASP C 1 35 ? -9.494  -7.209  9.848   1.00 26.16 ? 35  ASP C CG  1 
ATOM   1080 O OD1 . ASP C 1 35 ? -10.568 -7.152  9.215   1.00 27.26 ? 35  ASP C OD1 1 
ATOM   1081 O OD2 . ASP C 1 35 ? -9.056  -6.260  10.535  1.00 26.19 ? 35  ASP C OD2 1 
ATOM   1082 N N   . ARG C 1 36 ? -6.362  -10.473 9.694   1.00 19.83 ? 36  ARG C N   1 
ATOM   1083 C CA  . ARG C 1 36 ? -5.841  -11.827 9.800   1.00 21.15 ? 36  ARG C CA  1 
ATOM   1084 C C   . ARG C 1 36 ? -4.637  -11.898 10.742  1.00 20.44 ? 36  ARG C C   1 
ATOM   1085 O O   . ARG C 1 36 ? -4.541  -12.809 11.567  1.00 20.00 ? 36  ARG C O   1 
ATOM   1086 C CB  . ARG C 1 36 ? -5.469  -12.340 8.404   1.00 23.64 ? 36  ARG C CB  1 
ATOM   1087 C CG  . ARG C 1 36 ? -4.893  -13.744 8.365   1.00 27.24 ? 36  ARG C CG  1 
ATOM   1088 C CD  . ARG C 1 36 ? -4.633  -14.168 6.922   1.00 25.94 ? 36  ARG C CD  1 
ATOM   1089 N NE  . ARG C 1 36 ? -3.821  -15.376 6.840   1.00 29.04 ? 36  ARG C NE  1 
ATOM   1090 C CZ  . ARG C 1 36 ? -4.284  -16.611 6.989   1.00 32.35 ? 36  ARG C CZ  1 
ATOM   1091 N NH1 . ARG C 1 36 ? -3.453  -17.638 6.898   1.00 35.21 ? 36  ARG C NH1 1 
ATOM   1092 N NH2 . ARG C 1 36 ? -5.576  -16.824 7.214   1.00 32.02 ? 36  ARG C NH2 1 
ATOM   1093 N N   . LEU C 1 37 ? -3.718  -10.942 10.623  1.00 20.16 ? 37  LEU C N   1 
ATOM   1094 C CA  . LEU C 1 37 ? -2.546  -10.924 11.495  1.00 19.86 ? 37  LEU C CA  1 
ATOM   1095 C C   . LEU C 1 37 ? -2.932  -10.729 12.958  1.00 19.72 ? 37  LEU C C   1 
ATOM   1096 O O   . LEU C 1 37 ? -2.354  -11.359 13.843  1.00 20.09 ? 37  LEU C O   1 
ATOM   1097 C CB  . LEU C 1 37 ? -1.571  -9.825  11.066  1.00 22.51 ? 37  LEU C CB  1 
ATOM   1098 C CG  . LEU C 1 37 ? -0.585  -10.229 9.966   1.00 27.78 ? 37  LEU C CG  1 
ATOM   1099 C CD1 . LEU C 1 37 ? 0.140   -8.999  9.444   1.00 30.05 ? 37  LEU C CD1 1 
ATOM   1100 C CD2 . LEU C 1 37 ? 0.411   -11.242 10.529  1.00 29.45 ? 37  LEU C CD2 1 
ATOM   1101 N N   . GLU C 1 38 ? -3.903  -9.862  13.224  1.00 19.88 ? 38  GLU C N   1 
ATOM   1102 C CA  . GLU C 1 38 ? -4.324  -9.653  14.608  1.00 19.52 ? 38  GLU C CA  1 
ATOM   1103 C C   . GLU C 1 38 ? -4.878  -10.963 15.167  1.00 21.00 ? 38  GLU C C   1 
ATOM   1104 O O   . GLU C 1 38 ? -4.570  -11.348 16.298  1.00 21.18 ? 38  GLU C O   1 
ATOM   1105 C CB  . GLU C 1 38 ? -5.390  -8.550  14.703  1.00 18.68 ? 38  GLU C CB  1 
ATOM   1106 C CG  . GLU C 1 38 ? -4.872  -7.160  14.340  1.00 19.49 ? 38  GLU C CG  1 
ATOM   1107 C CD  . GLU C 1 38 ? -5.854  -6.041  14.666  1.00 21.95 ? 38  GLU C CD  1 
ATOM   1108 O OE1 . GLU C 1 38 ? -5.576  -4.887  14.284  1.00 21.03 ? 38  GLU C OE1 1 
ATOM   1109 O OE2 . GLU C 1 38 ? -6.892  -6.305  15.310  1.00 19.06 ? 38  GLU C OE2 1 
ATOM   1110 N N   . MET C 1 39 ? -5.680  -11.654 14.365  1.00 20.51 ? 39  MET C N   1 
ATOM   1111 C CA  . MET C 1 39 ? -6.277  -12.914 14.796  1.00 22.85 ? 39  MET C CA  1 
ATOM   1112 C C   . MET C 1 39 ? -5.207  -13.965 15.084  1.00 22.96 ? 39  MET C C   1 
ATOM   1113 O O   . MET C 1 39 ? -5.260  -14.657 16.103  1.00 21.85 ? 39  MET C O   1 
ATOM   1114 C CB  . MET C 1 39 ? -7.239  -13.436 13.727  1.00 26.42 ? 39  MET C CB  1 
ATOM   1115 C CG  . MET C 1 39 ? -8.010  -14.675 14.152  1.00 36.54 ? 39  MET C CG  1 
ATOM   1116 S SD  . MET C 1 39 ? -9.004  -14.367 15.627  1.00 50.20 ? 39  MET C SD  1 
ATOM   1117 C CE  . MET C 1 39 ? -10.443 -13.573 14.906  1.00 45.95 ? 39  MET C CE  1 
ATOM   1118 N N   . ILE C 1 40 ? -4.240  -14.082 14.181  1.00 20.55 ? 40  ILE C N   1 
ATOM   1119 C CA  . ILE C 1 40 ? -3.154  -15.040 14.339  1.00 21.91 ? 40  ILE C CA  1 
ATOM   1120 C C   . ILE C 1 40 ? -2.328  -14.734 15.582  1.00 21.69 ? 40  ILE C C   1 
ATOM   1121 O O   . ILE C 1 40 ? -1.945  -15.639 16.321  1.00 22.79 ? 40  ILE C O   1 
ATOM   1122 C CB  . ILE C 1 40 ? -2.239  -15.046 13.095  1.00 24.79 ? 40  ILE C CB  1 
ATOM   1123 C CG1 . ILE C 1 40 ? -3.012  -15.602 11.895  1.00 24.65 ? 40  ILE C CG1 1 
ATOM   1124 C CG2 . ILE C 1 40 ? -0.989  -15.883 13.361  1.00 24.73 ? 40  ILE C CG2 1 
ATOM   1125 C CD1 . ILE C 1 40 ? -2.234  -15.569 10.590  1.00 27.08 ? 40  ILE C CD1 1 
ATOM   1126 N N   . ILE C 1 41 ? -2.053  -13.454 15.816  1.00 20.48 ? 41  ILE C N   1 
ATOM   1127 C CA  . ILE C 1 41 ? -1.281  -13.061 16.985  1.00 22.18 ? 41  ILE C CA  1 
ATOM   1128 C C   . ILE C 1 41 ? -2.026  -13.433 18.267  1.00 22.14 ? 41  ILE C C   1 
ATOM   1129 O O   . ILE C 1 41 ? -1.465  -14.074 19.160  1.00 23.24 ? 41  ILE C O   1 
ATOM   1130 C CB  . ILE C 1 41 ? -0.991  -11.535 16.973  1.00 20.43 ? 41  ILE C CB  1 
ATOM   1131 C CG1 . ILE C 1 41 ? 0.005   -11.215 15.855  1.00 22.42 ? 41  ILE C CG1 1 
ATOM   1132 C CG2 . ILE C 1 41 ? -0.442  -11.088 18.323  1.00 22.67 ? 41  ILE C CG2 1 
ATOM   1133 C CD1 . ILE C 1 41 ? 0.268   -9.735  15.661  1.00 21.99 ? 41  ILE C CD1 1 
ATOM   1134 N N   . ASN C 1 42 ? -3.292  -13.043 18.353  1.00 21.26 ? 42  ASN C N   1 
ATOM   1135 C CA  . ASN C 1 42 ? -4.083  -13.338 19.542  1.00 22.71 ? 42  ASN C CA  1 
ATOM   1136 C C   . ASN C 1 42 ? -4.287  -14.831 19.770  1.00 24.04 ? 42  ASN C C   1 
ATOM   1137 O O   . ASN C 1 42 ? -4.209  -15.297 20.907  1.00 25.09 ? 42  ASN C O   1 
ATOM   1138 C CB  . ASN C 1 42 ? -5.435  -12.622 19.476  1.00 22.69 ? 42  ASN C CB  1 
ATOM   1139 C CG  . ASN C 1 42 ? -5.303  -11.122 19.690  1.00 23.70 ? 42  ASN C CG  1 
ATOM   1140 O OD1 . ASN C 1 42 ? -4.599  -10.679 20.598  1.00 21.39 ? 42  ASN C OD1 1 
ATOM   1141 N ND2 . ASN C 1 42 ? -5.981  -10.336 18.859  1.00 26.59 ? 42  ASN C ND2 1 
ATOM   1142 N N   . ASP C 1 43 ? -4.540  -15.583 18.703  1.00 24.16 ? 43  ASP C N   1 
ATOM   1143 C CA  . ASP C 1 43 ? -4.730  -17.024 18.845  1.00 26.09 ? 43  ASP C CA  1 
ATOM   1144 C C   . ASP C 1 43 ? -3.467  -17.685 19.391  1.00 25.79 ? 43  ASP C C   1 
ATOM   1145 O O   . ASP C 1 43 ? -3.537  -18.545 20.273  1.00 27.97 ? 43  ASP C O   1 
ATOM   1146 C CB  . ASP C 1 43 ? -5.109  -17.669 17.504  1.00 26.83 ? 43  ASP C CB  1 
ATOM   1147 C CG  . ASP C 1 43 ? -6.538  -17.376 17.094  1.00 30.65 ? 43  ASP C CG  1 
ATOM   1148 O OD1 . ASP C 1 43 ? -7.354  -17.020 17.968  1.00 34.73 ? 43  ASP C OD1 1 
ATOM   1149 O OD2 . ASP C 1 43 ? -6.855  -17.521 15.894  1.00 34.77 ? 43  ASP C OD2 1 
ATOM   1150 N N   . ASN C 1 44 ? -2.312  -17.286 18.866  1.00 24.75 ? 44  ASN C N   1 
ATOM   1151 C CA  . ASN C 1 44 ? -1.042  -17.843 19.313  1.00 25.77 ? 44  ASN C CA  1 
ATOM   1152 C C   . ASN C 1 44 ? -0.734  -17.459 20.755  1.00 28.00 ? 44  ASN C C   1 
ATOM   1153 O O   . ASN C 1 44 ? -0.224  -18.276 21.523  1.00 27.27 ? 44  ASN C O   1 
ATOM   1154 C CB  . ASN C 1 44 ? 0.100   -17.393 18.394  1.00 27.84 ? 44  ASN C CB  1 
ATOM   1155 C CG  . ASN C 1 44 ? 0.240   -18.274 17.165  1.00 32.06 ? 44  ASN C CG  1 
ATOM   1156 O OD1 . ASN C 1 44 ? 0.541   -19.466 17.274  1.00 34.33 ? 44  ASN C OD1 1 
ATOM   1157 N ND2 . ASN C 1 44 ? 0.023   -17.697 15.992  1.00 30.47 ? 44  ASN C ND2 1 
ATOM   1158 N N   . VAL C 1 45 ? -1.037  -16.218 21.124  1.00 25.54 ? 45  VAL C N   1 
ATOM   1159 C CA  . VAL C 1 45 ? -0.792  -15.761 22.488  1.00 25.94 ? 45  VAL C CA  1 
ATOM   1160 C C   . VAL C 1 45 ? -1.674  -16.541 23.466  1.00 29.00 ? 45  VAL C C   1 
ATOM   1161 O O   . VAL C 1 45 ? -1.229  -16.905 24.557  1.00 29.31 ? 45  VAL C O   1 
ATOM   1162 C CB  . VAL C 1 45 ? -1.058  -14.245 22.628  1.00 24.61 ? 45  VAL C CB  1 
ATOM   1163 C CG1 . VAL C 1 45 ? -1.009  -13.828 24.101  1.00 26.12 ? 45  VAL C CG1 1 
ATOM   1164 C CG2 . VAL C 1 45 ? -0.006  -13.473 21.841  1.00 22.95 ? 45  VAL C CG2 1 
ATOM   1165 N N   . SER C 1 46 ? -2.915  -16.807 23.072  1.00 29.71 ? 46  SER C N   1 
ATOM   1166 C CA  . SER C 1 46 ? -3.824  -17.565 23.926  1.00 33.84 ? 46  SER C CA  1 
ATOM   1167 C C   . SER C 1 46 ? -3.216  -18.937 24.201  1.00 34.57 ? 46  SER C C   1 
ATOM   1168 O O   . SER C 1 46 ? -3.251  -19.427 25.330  1.00 35.50 ? 46  SER C O   1 
ATOM   1169 C CB  . SER C 1 46 ? -5.190  -17.733 23.255  1.00 35.20 ? 46  SER C CB  1 
ATOM   1170 O OG  . SER C 1 46 ? -5.866  -16.493 23.155  1.00 42.50 ? 46  SER C OG  1 
ATOM   1171 N N   . THR C 1 47 ? -2.654  -19.547 23.162  1.00 34.03 ? 47  THR C N   1 
ATOM   1172 C CA  . THR C 1 47 ? -2.025  -20.857 23.290  1.00 35.61 ? 47  THR C CA  1 
ATOM   1173 C C   . THR C 1 47 ? -0.860  -20.796 24.274  1.00 36.25 ? 47  THR C C   1 
ATOM   1174 O O   . THR C 1 47 ? -0.689  -21.691 25.103  1.00 36.15 ? 47  THR C O   1 
ATOM   1175 C CB  . THR C 1 47 ? -1.500  -21.355 21.931  1.00 36.26 ? 47  THR C CB  1 
ATOM   1176 O OG1 . THR C 1 47 ? -2.593  -21.473 21.014  1.00 33.80 ? 47  THR C OG1 1 
ATOM   1177 C CG2 . THR C 1 47 ? -0.822  -22.712 22.085  1.00 39.61 ? 47  THR C CG2 1 
ATOM   1178 N N   . ILE C 1 48 ? -0.059  -19.740 24.181  1.00 34.03 ? 48  ILE C N   1 
ATOM   1179 C CA  . ILE C 1 48 ? 1.081   -19.574 25.073  1.00 33.31 ? 48  ILE C CA  1 
ATOM   1180 C C   . ILE C 1 48 ? 0.615   -19.401 26.515  1.00 35.19 ? 48  ILE C C   1 
ATOM   1181 O O   . ILE C 1 48 ? 1.153   -20.027 27.429  1.00 37.01 ? 48  ILE C O   1 
ATOM   1182 C CB  . ILE C 1 48 ? 1.936   -18.349 24.671  1.00 31.96 ? 48  ILE C CB  1 
ATOM   1183 C CG1 . ILE C 1 48 ? 2.607   -18.607 23.318  1.00 30.92 ? 48  ILE C CG1 1 
ATOM   1184 C CG2 . ILE C 1 48 ? 2.985   -18.064 25.740  1.00 31.62 ? 48  ILE C CG2 1 
ATOM   1185 C CD1 . ILE C 1 48 ? 3.419   -17.436 22.795  1.00 31.56 ? 48  ILE C CD1 1 
ATOM   1186 N N   . LEU C 1 49 ? -0.389  -18.554 26.714  1.00 34.26 ? 49  LEU C N   1 
ATOM   1187 C CA  . LEU C 1 49 ? -0.920  -18.298 28.049  1.00 36.55 ? 49  LEU C CA  1 
ATOM   1188 C C   . LEU C 1 49 ? -1.529  -19.555 28.663  1.00 40.18 ? 49  LEU C C   1 
ATOM   1189 O O   . LEU C 1 49 ? -1.447  -19.767 29.874  1.00 39.21 ? 49  LEU C O   1 
ATOM   1190 C CB  . LEU C 1 49 ? -1.970  -17.186 27.994  1.00 33.83 ? 49  LEU C CB  1 
ATOM   1191 C CG  . LEU C 1 49 ? -1.445  -15.793 27.623  1.00 30.31 ? 49  LEU C CG  1 
ATOM   1192 C CD1 . LEU C 1 49 ? -2.608  -14.827 27.472  1.00 31.03 ? 49  LEU C CD1 1 
ATOM   1193 C CD2 . LEU C 1 49 ? -0.483  -15.303 28.697  1.00 29.86 ? 49  LEU C CD2 1 
ATOM   1194 N N   . ALA C 1 50 ? -2.135  -20.386 27.822  1.00 41.80 ? 50  ALA C N   1 
ATOM   1195 C CA  . ALA C 1 50 ? -2.758  -21.621 28.286  1.00 46.09 ? 50  ALA C CA  1 
ATOM   1196 C C   . ALA C 1 50 ? -1.721  -22.706 28.547  1.00 46.93 ? 50  ALA C C   1 
ATOM   1197 O O   . ALA C 1 50 ? -2.015  -23.711 29.195  1.00 49.48 ? 50  ALA C O   1 
ATOM   1198 C CB  . ALA C 1 50 ? -3.775  -22.106 27.259  1.00 43.51 ? 50  ALA C CB  1 
ATOM   1199 N N   . SER C 1 51 ? -0.507  -22.500 28.045  1.00 48.66 ? 51  SER C N   1 
ATOM   1200 C CA  . SER C 1 51 ? 0.570   -23.469 28.217  1.00 50.58 ? 51  SER C CA  1 
ATOM   1201 C C   . SER C 1 51 ? 1.522   -23.068 29.339  1.00 52.64 ? 51  SER C C   1 
ATOM   1202 O O   . SER C 1 51 ? 2.409   -23.837 29.716  1.00 52.12 ? 51  SER C O   1 
ATOM   1203 C CB  . SER C 1 51 ? 1.355   -23.616 26.911  1.00 51.28 ? 51  SER C CB  1 
ATOM   1204 O OG  . SER C 1 51 ? 0.501   -23.998 25.844  1.00 52.42 ? 51  SER C OG  1 
ATOM   1205 N N   . GLY C 1 52 ? 1.337   -21.863 29.867  1.00 53.23 ? 52  GLY C N   1 
ATOM   1206 C CA  . GLY C 1 52 ? 2.187   -21.383 30.941  1.00 56.14 ? 52  GLY C CA  1 
ATOM   1207 C C   . GLY C 1 52 ? 2.788   -20.022 30.643  1.00 57.28 ? 52  GLY C C   1 
ATOM   1208 O O   . GLY C 1 52 ? 2.448   -19.053 31.352  1.00 59.36 ? 52  GLY C O   1 
ATOM   1209 O OXT . GLY C 1 52 ? 3.597   -19.921 29.696  1.00 58.51 ? 52  GLY C OXT 1 
ATOM   1210 N N   . GLY D 1 1  ? -8.951  15.512  -38.018 1.00 27.60 ? 1   GLY D N   1 
ATOM   1211 C CA  . GLY D 1 1  ? -8.997  14.018  -38.017 1.00 31.87 ? 1   GLY D CA  1 
ATOM   1212 C C   . GLY D 1 1  ? -9.384  13.448  -36.665 1.00 32.19 ? 1   GLY D C   1 
ATOM   1213 O O   . GLY D 1 1  ? -9.839  14.179  -35.783 1.00 32.59 ? 1   GLY D O   1 
ATOM   1214 N N   . SER D 1 2  ? -9.197  12.142  -36.496 1.00 29.58 ? 2   SER D N   1 
ATOM   1215 C CA  . SER D 1 2  ? -9.549  11.463  -35.248 1.00 29.19 ? 2   SER D CA  1 
ATOM   1216 C C   . SER D 1 2  ? -8.373  11.365  -34.281 1.00 27.13 ? 2   SER D C   1 
ATOM   1217 O O   . SER D 1 2  ? -8.442  10.649  -33.278 1.00 27.71 ? 2   SER D O   1 
ATOM   1218 C CB  . SER D 1 2  ? -10.052 10.051  -35.557 1.00 29.66 ? 2   SER D CB  1 
ATOM   1219 O OG  . SER D 1 2  ? -9.047  9.297   -36.221 1.00 31.07 ? 2   SER D OG  1 
ATOM   1220 N N   . ILE D 1 3  ? -7.303  12.098  -34.569 1.00 24.90 ? 3   ILE D N   1 
ATOM   1221 C CA  . ILE D 1 3  ? -6.107  12.041  -33.740 1.00 26.23 ? 3   ILE D CA  1 
ATOM   1222 C C   . ILE D 1 3  ? -6.298  12.448  -32.279 1.00 25.76 ? 3   ILE D C   1 
ATOM   1223 O O   . ILE D 1 3  ? -5.610  11.929  -31.401 1.00 25.47 ? 3   ILE D O   1 
ATOM   1224 C CB  . ILE D 1 3  ? -4.964  12.877  -34.369 1.00 26.36 ? 3   ILE D CB  1 
ATOM   1225 C CG1 . ILE D 1 3  ? -3.621  12.443  -33.781 1.00 29.60 ? 3   ILE D CG1 1 
ATOM   1226 C CG2 . ILE D 1 3  ? -5.207  14.365  -34.139 1.00 26.84 ? 3   ILE D CG2 1 
ATOM   1227 C CD1 . ILE D 1 3  ? -2.420  12.987  -34.535 1.00 31.37 ? 3   ILE D CD1 1 
ATOM   1228 N N   . ILE D 1 4  ? -7.221  13.363  -32.004 1.00 26.35 ? 4   ILE D N   1 
ATOM   1229 C CA  . ILE D 1 4  ? -7.432  13.777  -30.617 1.00 28.19 ? 4   ILE D CA  1 
ATOM   1230 C C   . ILE D 1 4  ? -8.031  12.627  -29.810 1.00 28.19 ? 4   ILE D C   1 
ATOM   1231 O O   . ILE D 1 4  ? -7.621  12.377  -28.676 1.00 25.98 ? 4   ILE D O   1 
ATOM   1232 C CB  . ILE D 1 4  ? -8.338  15.028  -30.525 1.00 30.84 ? 4   ILE D CB  1 
ATOM   1233 C CG1 . ILE D 1 4  ? -7.611  16.227  -31.144 1.00 30.99 ? 4   ILE D CG1 1 
ATOM   1234 C CG2 . ILE D 1 4  ? -8.683  15.325  -29.063 1.00 32.62 ? 4   ILE D CG2 1 
ATOM   1235 C CD1 . ILE D 1 4  ? -8.368  17.539  -31.047 1.00 34.58 ? 4   ILE D CD1 1 
ATOM   1236 N N   . ASN D 1 5  ? -8.992  11.922  -30.403 1.00 28.45 ? 5   ASN D N   1 
ATOM   1237 C CA  . ASN D 1 5  ? -9.624  10.784  -29.746 1.00 30.32 ? 5   ASN D CA  1 
ATOM   1238 C C   . ASN D 1 5  ? -8.606  9.667   -29.535 1.00 27.52 ? 5   ASN D C   1 
ATOM   1239 O O   . ASN D 1 5  ? -8.546  9.061   -28.466 1.00 26.02 ? 5   ASN D O   1 
ATOM   1240 C CB  . ASN D 1 5  ? -10.783 10.254  -30.596 1.00 34.94 ? 5   ASN D CB  1 
ATOM   1241 C CG  . ASN D 1 5  ? -11.957 11.210  -30.644 1.00 41.98 ? 5   ASN D CG  1 
ATOM   1242 O OD1 . ASN D 1 5  ? -12.926 10.981  -31.366 1.00 47.31 ? 5   ASN D OD1 1 
ATOM   1243 N ND2 . ASN D 1 5  ? -11.878 12.286  -29.870 1.00 42.64 ? 5   ASN D ND2 1 
ATOM   1244 N N   . GLU D 1 6  ? -7.806  9.401   -30.565 1.00 23.99 ? 6   GLU D N   1 
ATOM   1245 C CA  . GLU D 1 6  ? -6.789  8.354   -30.500 1.00 23.43 ? 6   GLU D CA  1 
ATOM   1246 C C   . GLU D 1 6  ? -5.705  8.680   -29.483 1.00 22.63 ? 6   GLU D C   1 
ATOM   1247 O O   . GLU D 1 6  ? -5.208  7.796   -28.783 1.00 23.40 ? 6   GLU D O   1 
ATOM   1248 C CB  . GLU D 1 6  ? -6.143  8.154   -31.873 1.00 23.50 ? 6   GLU D CB  1 
ATOM   1249 C CG  . GLU D 1 6  ? -7.085  7.580   -32.913 1.00 23.25 ? 6   GLU D CG  1 
ATOM   1250 C CD  . GLU D 1 6  ? -6.431  7.452   -34.274 1.00 27.53 ? 6   GLU D CD  1 
ATOM   1251 O OE1 . GLU D 1 6  ? -7.020  7.945   -35.257 1.00 29.03 ? 6   GLU D OE1 1 
ATOM   1252 O OE2 . GLU D 1 6  ? -5.335  6.858   -34.361 1.00 27.63 ? 6   GLU D OE2 1 
ATOM   1253 N N   . THR D 1 7  ? -5.325  9.950   -29.410 1.00 23.00 ? 7   THR D N   1 
ATOM   1254 C CA  . THR D 1 7  ? -4.294  10.356  -28.467 1.00 24.53 ? 7   THR D CA  1 
ATOM   1255 C C   . THR D 1 7  ? -4.811  10.216  -27.040 1.00 23.44 ? 7   THR D C   1 
ATOM   1256 O O   . THR D 1 7  ? -4.074  9.797   -26.148 1.00 25.07 ? 7   THR D O   1 
ATOM   1257 C CB  . THR D 1 7  ? -3.836  11.802  -28.734 1.00 25.90 ? 7   THR D CB  1 
ATOM   1258 O OG1 . THR D 1 7  ? -3.292  11.883  -30.058 1.00 28.32 ? 7   THR D OG1 1 
ATOM   1259 C CG2 . THR D 1 7  ? -2.762  12.220  -27.732 1.00 25.80 ? 7   THR D CG2 1 
ATOM   1260 N N   . ALA D 1 8  ? -6.080  10.556  -26.828 1.00 23.03 ? 8   ALA D N   1 
ATOM   1261 C CA  . ALA D 1 8  ? -6.685  10.437  -25.503 1.00 25.94 ? 8   ALA D CA  1 
ATOM   1262 C C   . ALA D 1 8  ? -6.652  8.968   -25.090 1.00 27.22 ? 8   ALA D C   1 
ATOM   1263 O O   . ALA D 1 8  ? -6.308  8.636   -23.954 1.00 24.84 ? 8   ALA D O   1 
ATOM   1264 C CB  . ALA D 1 8  ? -8.122  10.943  -25.529 1.00 25.07 ? 8   ALA D CB  1 
ATOM   1265 N N   . ASP D 1 9  ? -7.007  8.088   -26.022 1.00 25.99 ? 9   ASP D N   1 
ATOM   1266 C CA  . ASP D 1 9  ? -7.004  6.657   -25.739 1.00 28.31 ? 9   ASP D CA  1 
ATOM   1267 C C   . ASP D 1 9  ? -5.596  6.172   -25.433 1.00 27.75 ? 9   ASP D C   1 
ATOM   1268 O O   . ASP D 1 9  ? -5.403  5.298   -24.587 1.00 28.72 ? 9   ASP D O   1 
ATOM   1269 C CB  . ASP D 1 9  ? -7.585  5.867   -26.919 1.00 28.78 ? 9   ASP D CB  1 
ATOM   1270 C CG  . ASP D 1 9  ? -9.103  5.898   -26.952 1.00 30.41 ? 9   ASP D CG  1 
ATOM   1271 O OD1 . ASP D 1 9  ? -9.687  5.344   -27.906 1.00 36.17 ? 9   ASP D OD1 1 
ATOM   1272 O OD2 . ASP D 1 9  ? -9.718  6.468   -26.027 1.00 34.19 ? 9   ASP D OD2 1 
ATOM   1273 N N   . ASP D 1 10 ? -4.604  6.737   -26.115 1.00 25.91 ? 10  ASP D N   1 
ATOM   1274 C CA  . ASP D 1 10 ? -3.230  6.337   -25.866 1.00 27.27 ? 10  ASP D CA  1 
ATOM   1275 C C   . ASP D 1 10 ? -2.757  6.813   -24.502 1.00 25.37 ? 10  ASP D C   1 
ATOM   1276 O O   . ASP D 1 10 ? -2.013  6.111   -23.825 1.00 23.17 ? 10  ASP D O   1 
ATOM   1277 C CB  . ASP D 1 10 ? -2.303  6.856   -26.961 1.00 32.31 ? 10  ASP D CB  1 
ATOM   1278 C CG  . ASP D 1 10 ? -1.967  5.785   -27.973 1.00 41.50 ? 10  ASP D CG  1 
ATOM   1279 O OD1 . ASP D 1 10 ? -1.343  4.778   -27.576 1.00 44.54 ? 10  ASP D OD1 1 
ATOM   1280 O OD2 . ASP D 1 10 ? -2.336  5.939   -29.155 1.00 44.55 ? 10  ASP D OD2 1 
ATOM   1281 N N   . ILE D 1 11 ? -3.190  8.003   -24.099 1.00 24.26 ? 11  ILE D N   1 
ATOM   1282 C CA  . ILE D 1 11 ? -2.806  8.528   -22.792 1.00 21.68 ? 11  ILE D CA  1 
ATOM   1283 C C   . ILE D 1 11 ? -3.401  7.627   -21.714 1.00 23.52 ? 11  ILE D C   1 
ATOM   1284 O O   . ILE D 1 11 ? -2.712  7.235   -20.770 1.00 23.03 ? 11  ILE D O   1 
ATOM   1285 C CB  . ILE D 1 11 ? -3.317  9.971   -22.598 1.00 20.78 ? 11  ILE D CB  1 
ATOM   1286 C CG1 . ILE D 1 11 ? -2.551  10.913  -23.532 1.00 22.09 ? 11  ILE D CG1 1 
ATOM   1287 C CG2 . ILE D 1 11 ? -3.150  10.401  -21.137 1.00 22.08 ? 11  ILE D CG2 1 
ATOM   1288 C CD1 . ILE D 1 11 ? -3.114  12.326  -23.586 1.00 21.87 ? 11  ILE D CD1 1 
ATOM   1289 N N   . VAL D 1 12 ? -4.678  7.295   -21.859 1.00 22.21 ? 12  VAL D N   1 
ATOM   1290 C CA  . VAL D 1 12 ? -5.341  6.432   -20.888 1.00 24.05 ? 12  VAL D CA  1 
ATOM   1291 C C   . VAL D 1 12 ? -4.679  5.059   -20.861 1.00 24.51 ? 12  VAL D C   1 
ATOM   1292 O O   . VAL D 1 12 ? -4.421  4.507   -19.791 1.00 22.79 ? 12  VAL D O   1 
ATOM   1293 C CB  . VAL D 1 12 ? -6.847  6.278   -21.206 1.00 24.87 ? 12  VAL D CB  1 
ATOM   1294 C CG1 . VAL D 1 12 ? -7.481  5.217   -20.291 1.00 23.82 ? 12  VAL D CG1 1 
ATOM   1295 C CG2 . VAL D 1 12 ? -7.550  7.617   -21.018 1.00 23.79 ? 12  VAL D CG2 1 
ATOM   1296 N N   . TYR D 1 13 ? -4.387  4.515   -22.040 1.00 22.98 ? 13  TYR D N   1 
ATOM   1297 C CA  . TYR D 1 13 ? -3.752  3.203   -22.130 1.00 25.54 ? 13  TYR D CA  1 
ATOM   1298 C C   . TYR D 1 13 ? -2.389  3.174   -21.439 1.00 24.86 ? 13  TYR D C   1 
ATOM   1299 O O   . TYR D 1 13 ? -2.106  2.278   -20.638 1.00 23.71 ? 13  TYR D O   1 
ATOM   1300 C CB  . TYR D 1 13 ? -3.573  2.793   -23.598 1.00 28.82 ? 13  TYR D CB  1 
ATOM   1301 C CG  . TYR D 1 13 ? -3.005  1.401   -23.769 1.00 33.08 ? 13  TYR D CG  1 
ATOM   1302 C CD1 . TYR D 1 13 ? -3.834  0.283   -23.729 1.00 37.89 ? 13  TYR D CD1 1 
ATOM   1303 C CD2 . TYR D 1 13 ? -1.636  1.200   -23.942 1.00 35.10 ? 13  TYR D CD2 1 
ATOM   1304 C CE1 . TYR D 1 13 ? -3.317  -1.003  -23.856 1.00 38.73 ? 13  TYR D CE1 1 
ATOM   1305 C CE2 . TYR D 1 13 ? -1.107  -0.086  -24.069 1.00 40.25 ? 13  TYR D CE2 1 
ATOM   1306 C CZ  . TYR D 1 13 ? -1.957  -1.180  -24.025 1.00 39.44 ? 13  TYR D CZ  1 
ATOM   1307 O OH  . TYR D 1 13 ? -1.450  -2.453  -24.147 1.00 44.85 ? 13  TYR D OH  1 
ATOM   1308 N N   . ARG D 1 14 ? -1.547  4.155   -21.752 1.00 22.37 ? 14  ARG D N   1 
ATOM   1309 C CA  . ARG D 1 14 ? -0.209  4.227   -21.176 1.00 22.49 ? 14  ARG D CA  1 
ATOM   1310 C C   . ARG D 1 14 ? -0.219  4.398   -19.658 1.00 21.91 ? 14  ARG D C   1 
ATOM   1311 O O   . ARG D 1 14 ? 0.544   3.739   -18.952 1.00 22.44 ? 14  ARG D O   1 
ATOM   1312 C CB  . ARG D 1 14 ? 0.586   5.369   -21.820 1.00 24.44 ? 14  ARG D CB  1 
ATOM   1313 C CG  . ARG D 1 14 ? 0.947   5.130   -23.290 1.00 25.12 ? 14  ARG D CG  1 
ATOM   1314 C CD  . ARG D 1 14 ? 1.536   6.388   -23.935 1.00 26.51 ? 14  ARG D CD  1 
ATOM   1315 N NE  . ARG D 1 14 ? 2.786   6.804   -23.305 1.00 29.73 ? 14  ARG D NE  1 
ATOM   1316 C CZ  . ARG D 1 14 ? 3.451   7.913   -23.621 1.00 31.38 ? 14  ARG D CZ  1 
ATOM   1317 N NH1 . ARG D 1 14 ? 2.984   8.722   -24.561 1.00 28.68 ? 14  ARG D NH1 1 
ATOM   1318 N NH2 . ARG D 1 14 ? 4.579   8.218   -22.993 1.00 34.29 ? 14  ARG D NH2 1 
ATOM   1319 N N   . LEU D 1 15 ? -1.076  5.278   -19.154 1.00 21.25 ? 15  LEU D N   1 
ATOM   1320 C CA  . LEU D 1 15 ? -1.131  5.494   -17.710 1.00 21.14 ? 15  LEU D CA  1 
ATOM   1321 C C   . LEU D 1 15 ? -1.777  4.315   -16.986 1.00 22.19 ? 15  LEU D C   1 
ATOM   1322 O O   . LEU D 1 15 ? -1.491  4.064   -15.813 1.00 21.53 ? 15  LEU D O   1 
ATOM   1323 C CB  . LEU D 1 15 ? -1.853  6.814   -17.397 1.00 20.14 ? 15  LEU D CB  1 
ATOM   1324 C CG  . LEU D 1 15 ? -0.956  8.030   -17.674 1.00 21.39 ? 15  LEU D CG  1 
ATOM   1325 C CD1 . LEU D 1 15 ? -1.754  9.321   -17.576 1.00 20.46 ? 15  LEU D CD1 1 
ATOM   1326 C CD2 . LEU D 1 15 ? 0.199   8.044   -16.681 1.00 22.89 ? 15  LEU D CD2 1 
ATOM   1327 N N   . THR D 1 16 ? -2.643  3.582   -17.679 1.00 21.81 ? 16  THR D N   1 
ATOM   1328 C CA  . THR D 1 16 ? -3.267  2.414   -17.062 1.00 23.28 ? 16  THR D CA  1 
ATOM   1329 C C   . THR D 1 16 ? -2.173  1.389   -16.780 1.00 23.36 ? 16  THR D C   1 
ATOM   1330 O O   . THR D 1 16 ? -2.161  0.758   -15.723 1.00 23.72 ? 16  THR D O   1 
ATOM   1331 C CB  . THR D 1 16 ? -4.339  1.785   -17.975 1.00 22.12 ? 16  THR D CB  1 
ATOM   1332 O OG1 . THR D 1 16 ? -5.449  2.684   -18.096 1.00 22.29 ? 16  THR D OG1 1 
ATOM   1333 C CG2 . THR D 1 16 ? -4.831  0.458   -17.385 1.00 23.27 ? 16  THR D CG2 1 
ATOM   1334 N N   . VAL D 1 17 ? -1.248  1.229   -17.724 1.00 21.98 ? 17  VAL D N   1 
ATOM   1335 C CA  . VAL D 1 17 ? -0.145  0.291   -17.547 1.00 21.91 ? 17  VAL D CA  1 
ATOM   1336 C C   . VAL D 1 17 ? 0.661   0.684   -16.306 1.00 22.04 ? 17  VAL D C   1 
ATOM   1337 O O   . VAL D 1 17 ? 0.982   -0.160  -15.461 1.00 21.13 ? 17  VAL D O   1 
ATOM   1338 C CB  . VAL D 1 17 ? 0.794   0.284   -18.785 1.00 23.15 ? 17  VAL D CB  1 
ATOM   1339 C CG1 . VAL D 1 17 ? 2.031   -0.558  -18.508 1.00 24.41 ? 17  VAL D CG1 1 
ATOM   1340 C CG2 . VAL D 1 17 ? 0.051   -0.267  -19.994 1.00 24.23 ? 17  VAL D CG2 1 
ATOM   1341 N N   . ILE D 1 18 ? 0.980   1.971   -16.198 1.00 22.40 ? 18  ILE D N   1 
ATOM   1342 C CA  . ILE D 1 18 ? 1.748   2.475   -15.061 1.00 21.97 ? 18  ILE D CA  1 
ATOM   1343 C C   . ILE D 1 18 ? 0.998   2.258   -13.750 1.00 22.53 ? 18  ILE D C   1 
ATOM   1344 O O   . ILE D 1 18 ? 1.547   1.729   -12.784 1.00 20.89 ? 18  ILE D O   1 
ATOM   1345 C CB  . ILE D 1 18 ? 2.040   3.988   -15.208 1.00 24.29 ? 18  ILE D CB  1 
ATOM   1346 C CG1 . ILE D 1 18 ? 2.821   4.248   -16.498 1.00 27.61 ? 18  ILE D CG1 1 
ATOM   1347 C CG2 . ILE D 1 18 ? 2.829   4.488   -13.999 1.00 24.75 ? 18  ILE D CG2 1 
ATOM   1348 C CD1 . ILE D 1 18 ? 4.147   3.535   -16.570 1.00 32.25 ? 18  ILE D CD1 1 
ATOM   1349 N N   . ILE D 1 19 ? -0.258  2.685   -13.718 1.00 20.28 ? 19  ILE D N   1 
ATOM   1350 C CA  . ILE D 1 19 ? -1.076  2.539   -12.522 1.00 21.38 ? 19  ILE D CA  1 
ATOM   1351 C C   . ILE D 1 19 ? -1.163  1.079   -12.099 1.00 23.35 ? 19  ILE D C   1 
ATOM   1352 O O   . ILE D 1 19 ? -0.984  0.748   -10.922 1.00 21.12 ? 19  ILE D O   1 
ATOM   1353 C CB  . ILE D 1 19 ? -2.501  3.081   -12.761 1.00 23.60 ? 19  ILE D CB  1 
ATOM   1354 C CG1 . ILE D 1 19 ? -2.444  4.600   -12.951 1.00 24.18 ? 19  ILE D CG1 1 
ATOM   1355 C CG2 . ILE D 1 19 ? -3.414  2.712   -11.591 1.00 23.15 ? 19  ILE D CG2 1 
ATOM   1356 C CD1 . ILE D 1 19 ? -3.753  5.204   -13.416 1.00 26.31 ? 19  ILE D CD1 1 
ATOM   1357 N N   . ASP D 1 20 ? -1.423  0.201   -13.060 1.00 19.83 ? 20  ASP D N   1 
ATOM   1358 C CA  . ASP D 1 20 ? -1.546  -1.214  -12.744 1.00 21.96 ? 20  ASP D CA  1 
ATOM   1359 C C   . ASP D 1 20 ? -0.245  -1.843  -12.274 1.00 19.08 ? 20  ASP D C   1 
ATOM   1360 O O   . ASP D 1 20 ? -0.250  -2.687  -11.375 1.00 20.30 ? 20  ASP D O   1 
ATOM   1361 C CB  . ASP D 1 20 ? -2.083  -1.996  -13.944 1.00 22.37 ? 20  ASP D CB  1 
ATOM   1362 C CG  . ASP D 1 20 ? -2.471  -3.413  -13.572 1.00 26.21 ? 20  ASP D CG  1 
ATOM   1363 O OD1 . ASP D 1 20 ? -1.756  -4.360  -13.963 1.00 24.34 ? 20  ASP D OD1 1 
ATOM   1364 O OD2 . ASP D 1 20 ? -3.486  -3.571  -12.864 1.00 23.18 ? 20  ASP D OD2 1 
ATOM   1365 N N   . ASP D 1 21 ? 0.870   -1.440  -12.875 1.00 18.55 ? 21  ASP D N   1 
ATOM   1366 C CA  . ASP D 1 21 ? 2.166   -1.990  -12.498 1.00 20.84 ? 21  ASP D CA  1 
ATOM   1367 C C   . ASP D 1 21 ? 2.508   -1.628  -11.054 1.00 20.06 ? 21  ASP D C   1 
ATOM   1368 O O   . ASP D 1 21 ? 2.989   -2.472  -10.289 1.00 18.85 ? 21  ASP D O   1 
ATOM   1369 C CB  . ASP D 1 21 ? 3.254   -1.476  -13.442 1.00 24.34 ? 21  ASP D CB  1 
ATOM   1370 C CG  . ASP D 1 21 ? 4.643   -1.918  -13.030 1.00 34.19 ? 21  ASP D CG  1 
ATOM   1371 O OD1 . ASP D 1 21 ? 5.357   -1.116  -12.394 1.00 39.64 ? 21  ASP D OD1 1 
ATOM   1372 O OD2 . ASP D 1 21 ? 5.021   -3.071  -13.332 1.00 38.59 ? 21  ASP D OD2 1 
ATOM   1373 N N   . ARG D 1 22 ? 2.252   -0.377  -10.684 1.00 19.00 ? 22  ARG D N   1 
ATOM   1374 C CA  . ARG D 1 22 ? 2.534   0.072   -9.322  1.00 18.59 ? 22  ARG D CA  1 
ATOM   1375 C C   . ARG D 1 22 ? 1.580   -0.601  -8.343  1.00 18.60 ? 22  ARG D C   1 
ATOM   1376 O O   . ARG D 1 22 ? 1.960   -0.926  -7.217  1.00 19.65 ? 22  ARG D O   1 
ATOM   1377 C CB  . ARG D 1 22 ? 2.406   1.597   -9.220  1.00 21.89 ? 22  ARG D CB  1 
ATOM   1378 C CG  . ARG D 1 22 ? 3.313   2.367   -10.170 1.00 24.52 ? 22  ARG D CG  1 
ATOM   1379 C CD  . ARG D 1 22 ? 4.789   2.037   -9.973  1.00 27.65 ? 22  ARG D CD  1 
ATOM   1380 N NE  . ARG D 1 22 ? 5.632   2.788   -10.904 1.00 29.03 ? 22  ARG D NE  1 
ATOM   1381 C CZ  . ARG D 1 22 ? 5.748   2.517   -12.201 1.00 31.88 ? 22  ARG D CZ  1 
ATOM   1382 N NH1 . ARG D 1 22 ? 5.080   1.502   -12.729 1.00 36.55 ? 22  ARG D NH1 1 
ATOM   1383 N NH2 . ARG D 1 22 ? 6.521   3.268   -12.977 1.00 29.94 ? 22  ARG D NH2 1 
ATOM   1384 N N   . TYR D 1 23 ? 0.337   -0.806  -8.769  1.00 18.53 ? 23  TYR D N   1 
ATOM   1385 C CA  . TYR D 1 23 ? -0.645  -1.470  -7.918  1.00 19.49 ? 23  TYR D CA  1 
ATOM   1386 C C   . TYR D 1 23 ? -0.196  -2.898  -7.626  1.00 19.74 ? 23  TYR D C   1 
ATOM   1387 O O   . TYR D 1 23 ? -0.197  -3.335  -6.476  1.00 18.30 ? 23  TYR D O   1 
ATOM   1388 C CB  . TYR D 1 23 ? -2.025  -1.505  -8.590  1.00 19.90 ? 23  TYR D CB  1 
ATOM   1389 C CG  . TYR D 1 23 ? -2.925  -2.590  -8.032  1.00 21.47 ? 23  TYR D CG  1 
ATOM   1390 C CD1 . TYR D 1 23 ? -3.064  -3.814  -8.689  1.00 21.45 ? 23  TYR D CD1 1 
ATOM   1391 C CD2 . TYR D 1 23 ? -3.586  -2.416  -6.816  1.00 19.25 ? 23  TYR D CD2 1 
ATOM   1392 C CE1 . TYR D 1 23 ? -3.838  -4.842  -8.145  1.00 22.88 ? 23  TYR D CE1 1 
ATOM   1393 C CE2 . TYR D 1 23 ? -4.360  -3.435  -6.263  1.00 22.52 ? 23  TYR D CE2 1 
ATOM   1394 C CZ  . TYR D 1 23 ? -4.481  -4.644  -6.931  1.00 25.17 ? 23  TYR D CZ  1 
ATOM   1395 O OH  . TYR D 1 23 ? -5.228  -5.657  -6.378  1.00 24.11 ? 23  TYR D OH  1 
ATOM   1396 N N   . GLU D 1 24 ? 0.173   -3.627  -8.676  1.00 18.06 ? 24  GLU D N   1 
ATOM   1397 C CA  . GLU D 1 24 ? 0.620   -5.004  -8.513  1.00 19.26 ? 24  GLU D CA  1 
ATOM   1398 C C   . GLU D 1 24 ? 1.837   -5.078  -7.597  1.00 18.84 ? 24  GLU D C   1 
ATOM   1399 O O   . GLU D 1 24 ? 1.937   -5.983  -6.767  1.00 19.70 ? 24  GLU D O   1 
ATOM   1400 C CB  . GLU D 1 24 ? 0.954   -5.628  -9.870  1.00 19.75 ? 24  GLU D CB  1 
ATOM   1401 C CG  . GLU D 1 24 ? -0.262  -6.018  -10.709 1.00 22.75 ? 24  GLU D CG  1 
ATOM   1402 C CD  . GLU D 1 24 ? -1.123  -7.085  -10.047 1.00 25.67 ? 24  GLU D CD  1 
ATOM   1403 O OE1 . GLU D 1 24 ? -0.560  -8.012  -9.427  1.00 26.65 ? 24  GLU D OE1 1 
ATOM   1404 O OE2 . GLU D 1 24 ? -2.363  -7.008  -10.162 1.00 26.41 ? 24  GLU D OE2 1 
ATOM   1405 N N   . SER D 1 25 ? 2.759   -4.133  -7.748  1.00 18.53 ? 25  SER D N   1 
ATOM   1406 C CA  . SER D 1 25 ? 3.952   -4.114  -6.912  1.00 19.27 ? 25  SER D CA  1 
ATOM   1407 C C   . SER D 1 25 ? 3.589   -3.932  -5.446  1.00 18.84 ? 25  SER D C   1 
ATOM   1408 O O   . SER D 1 25 ? 4.135   -4.611  -4.583  1.00 18.08 ? 25  SER D O   1 
ATOM   1409 C CB  . SER D 1 25 ? 4.908   -2.997  -7.343  1.00 21.92 ? 25  SER D CB  1 
ATOM   1410 O OG  . SER D 1 25 ? 5.481   -3.288  -8.605  1.00 24.07 ? 25  SER D OG  1 
ATOM   1411 N N   . LEU D 1 26 ? 2.668   -3.015  -5.159  1.00 18.29 ? 26  LEU D N   1 
ATOM   1412 C CA  . LEU D 1 26 ? 2.261   -2.791  -3.775  1.00 19.40 ? 26  LEU D CA  1 
ATOM   1413 C C   . LEU D 1 26 ? 1.469   -3.984  -3.259  1.00 18.31 ? 26  LEU D C   1 
ATOM   1414 O O   . LEU D 1 26 ? 1.634   -4.398  -2.111  1.00 19.09 ? 26  LEU D O   1 
ATOM   1415 C CB  . LEU D 1 26 ? 1.421   -1.518  -3.654  1.00 19.80 ? 26  LEU D CB  1 
ATOM   1416 C CG  . LEU D 1 26 ? 2.176   -0.200  -3.855  1.00 22.04 ? 26  LEU D CG  1 
ATOM   1417 C CD1 . LEU D 1 26 ? 1.190   0.959   -3.808  1.00 25.58 ? 26  LEU D CD1 1 
ATOM   1418 C CD2 . LEU D 1 26 ? 3.238   -0.036  -2.767  1.00 25.46 ? 26  LEU D CD2 1 
ATOM   1419 N N   . LYS D 1 27 ? 0.611   -4.539  -4.109  1.00 17.63 ? 27  LYS D N   1 
ATOM   1420 C CA  . LYS D 1 27 ? -0.185  -5.694  -3.713  1.00 18.43 ? 27  LYS D CA  1 
ATOM   1421 C C   . LYS D 1 27 ? 0.755   -6.834  -3.327  1.00 17.86 ? 27  LYS D C   1 
ATOM   1422 O O   . LYS D 1 27 ? 0.592   -7.468  -2.285  1.00 17.25 ? 27  LYS D O   1 
ATOM   1423 C CB  . LYS D 1 27 ? -1.085  -6.149  -4.870  1.00 18.18 ? 27  LYS D CB  1 
ATOM   1424 C CG  . LYS D 1 27 ? -2.029  -7.286  -4.500  1.00 23.42 ? 27  LYS D CG  1 
ATOM   1425 C CD  . LYS D 1 27 ? -2.466  -8.075  -5.730  1.00 28.88 ? 27  LYS D CD  1 
ATOM   1426 C CE  . LYS D 1 27 ? -1.310  -8.906  -6.269  1.00 34.18 ? 27  LYS D CE  1 
ATOM   1427 N NZ  . LYS D 1 27 ? -1.691  -9.737  -7.439  1.00 34.07 ? 27  LYS D NZ  1 
ATOM   1428 N N   . ASN D 1 28 ? 1.751   -7.082  -4.169  1.00 18.56 ? 28  ASN D N   1 
ATOM   1429 C CA  . ASN D 1 28 ? 2.698   -8.153  -3.901  1.00 17.50 ? 28  ASN D CA  1 
ATOM   1430 C C   . ASN D 1 28 ? 3.525   -7.894  -2.652  1.00 18.88 ? 28  ASN D C   1 
ATOM   1431 O O   . ASN D 1 28 ? 3.786   -8.816  -1.872  1.00 17.10 ? 28  ASN D O   1 
ATOM   1432 C CB  . ASN D 1 28 ? 3.612   -8.373  -5.112  1.00 21.59 ? 28  ASN D CB  1 
ATOM   1433 C CG  . ASN D 1 28 ? 2.863   -8.950  -6.303  1.00 23.84 ? 28  ASN D CG  1 
ATOM   1434 O OD1 . ASN D 1 28 ? 1.884   -9.680  -6.136  1.00 23.68 ? 28  ASN D OD1 1 
ATOM   1435 N ND2 . ASN D 1 28 ? 3.327   -8.637  -7.509  1.00 24.58 ? 28  ASN D ND2 1 
ATOM   1436 N N   . LEU D 1 29 ? 3.930   -6.642  -2.452  1.00 16.84 ? 29  LEU D N   1 
ATOM   1437 C CA  . LEU D 1 29 ? 4.726   -6.294  -1.279  1.00 17.58 ? 29  LEU D CA  1 
ATOM   1438 C C   . LEU D 1 29 ? 3.928   -6.492  0.002   1.00 17.42 ? 29  LEU D C   1 
ATOM   1439 O O   . LEU D 1 29 ? 4.416   -7.090  0.958   1.00 17.06 ? 29  LEU D O   1 
ATOM   1440 C CB  . LEU D 1 29 ? 5.204   -4.840  -1.367  1.00 18.94 ? 29  LEU D CB  1 
ATOM   1441 C CG  . LEU D 1 29 ? 5.957   -4.308  -0.143  1.00 20.68 ? 29  LEU D CG  1 
ATOM   1442 C CD1 . LEU D 1 29 ? 7.263   -5.075  0.051   1.00 23.31 ? 29  LEU D CD1 1 
ATOM   1443 C CD2 . LEU D 1 29 ? 6.233   -2.820  -0.335  1.00 21.12 ? 29  LEU D CD2 1 
ATOM   1444 N N   . ILE D 1 30 ? 2.700   -5.988  0.025   1.00 16.39 ? 30  ILE D N   1 
ATOM   1445 C CA  . ILE D 1 30 ? 1.856   -6.125  1.208   1.00 16.77 ? 30  ILE D CA  1 
ATOM   1446 C C   . ILE D 1 30 ? 1.620   -7.597  1.533   1.00 18.06 ? 30  ILE D C   1 
ATOM   1447 O O   . ILE D 1 30 ? 1.690   -8.013  2.690   1.00 16.51 ? 30  ILE D O   1 
ATOM   1448 C CB  . ILE D 1 30 ? 0.509   -5.413  0.987   1.00 17.02 ? 30  ILE D CB  1 
ATOM   1449 C CG1 . ILE D 1 30 ? 0.747   -3.899  0.932   1.00 15.85 ? 30  ILE D CG1 1 
ATOM   1450 C CG2 . ILE D 1 30 ? -0.481  -5.794  2.080   1.00 19.32 ? 30  ILE D CG2 1 
ATOM   1451 C CD1 . ILE D 1 30 ? -0.434  -3.114  0.393   1.00 19.59 ? 30  ILE D CD1 1 
ATOM   1452 N N   . THR D 1 31 ? 1.353   -8.386  0.499   1.00 16.64 ? 31  THR D N   1 
ATOM   1453 C CA  . THR D 1 31 ? 1.102   -9.812  0.675   1.00 17.26 ? 31  THR D CA  1 
ATOM   1454 C C   . THR D 1 31 ? 2.350   -10.523 1.202   1.00 17.00 ? 31  THR D C   1 
ATOM   1455 O O   . THR D 1 31 ? 2.265   -11.355 2.105   1.00 18.18 ? 31  THR D O   1 
ATOM   1456 C CB  . THR D 1 31 ? 0.663   -10.441 -0.659  1.00 17.81 ? 31  THR D CB  1 
ATOM   1457 O OG1 . THR D 1 31 ? -0.508  -9.760  -1.130  1.00 18.22 ? 31  THR D OG1 1 
ATOM   1458 C CG2 . THR D 1 31 ? 0.341   -11.920 -0.483  1.00 19.95 ? 31  THR D CG2 1 
ATOM   1459 N N   . LEU D 1 32 ? 3.505   -10.181 0.640   1.00 17.33 ? 32  LEU D N   1 
ATOM   1460 C CA  . LEU D 1 32 ? 4.769   -10.778 1.054   1.00 18.47 ? 32  LEU D CA  1 
ATOM   1461 C C   . LEU D 1 32 ? 5.093   -10.460 2.509   1.00 18.05 ? 32  LEU D C   1 
ATOM   1462 O O   . LEU D 1 32 ? 5.472   -11.349 3.271   1.00 17.20 ? 32  LEU D O   1 
ATOM   1463 C CB  . LEU D 1 32 ? 5.910   -10.278 0.167   1.00 19.23 ? 32  LEU D CB  1 
ATOM   1464 C CG  . LEU D 1 32 ? 7.325   -10.703 0.573   1.00 21.62 ? 32  LEU D CG  1 
ATOM   1465 C CD1 . LEU D 1 32 ? 7.440   -12.223 0.532   1.00 25.18 ? 32  LEU D CD1 1 
ATOM   1466 C CD2 . LEU D 1 32 ? 8.337   -10.063 -0.363  1.00 25.78 ? 32  LEU D CD2 1 
ATOM   1467 N N   . ARG D 1 33 ? 4.946   -9.196  2.900   1.00 16.40 ? 33  ARG D N   1 
ATOM   1468 C CA  . ARG D 1 33 ? 5.257   -8.827  4.277   1.00 16.63 ? 33  ARG D CA  1 
ATOM   1469 C C   . ARG D 1 33 ? 4.268   -9.453  5.256   1.00 17.45 ? 33  ARG D C   1 
ATOM   1470 O O   . ARG D 1 33 ? 4.637   -9.810  6.375   1.00 18.11 ? 33  ARG D O   1 
ATOM   1471 C CB  . ARG D 1 33 ? 5.296   -7.300  4.435   1.00 17.27 ? 33  ARG D CB  1 
ATOM   1472 C CG  . ARG D 1 33 ? 6.351   -6.594  3.551   1.00 17.39 ? 33  ARG D CG  1 
ATOM   1473 C CD  . ARG D 1 33 ? 7.734   -7.257  3.613   1.00 17.85 ? 33  ARG D CD  1 
ATOM   1474 N NE  . ARG D 1 33 ? 8.282   -7.328  4.967   1.00 20.75 ? 33  ARG D NE  1 
ATOM   1475 C CZ  . ARG D 1 33 ? 9.230   -6.527  5.450   1.00 20.02 ? 33  ARG D CZ  1 
ATOM   1476 N NH1 . ARG D 1 33 ? 9.762   -5.574  4.693   1.00 21.29 ? 33  ARG D NH1 1 
ATOM   1477 N NH2 . ARG D 1 33 ? 9.647   -6.680  6.701   1.00 18.25 ? 33  ARG D NH2 1 
ATOM   1478 N N   . ALA D 1 34 ? 3.016   -9.600  4.831   1.00 17.02 ? 34  ALA D N   1 
ATOM   1479 C CA  . ALA D 1 34 ? 2.005   -10.208 5.683   1.00 18.06 ? 34  ALA D CA  1 
ATOM   1480 C C   . ALA D 1 34 ? 2.357   -11.683 5.870   1.00 19.23 ? 34  ALA D C   1 
ATOM   1481 O O   . ALA D 1 34 ? 2.319   -12.200 6.988   1.00 17.56 ? 34  ALA D O   1 
ATOM   1482 C CB  . ALA D 1 34 ? 0.620   -10.070 5.051   1.00 18.43 ? 34  ALA D CB  1 
ATOM   1483 N N   . ASP D 1 35 ? 2.709   -12.355 4.777   1.00 17.72 ? 35  ASP D N   1 
ATOM   1484 C CA  . ASP D 1 35 ? 3.076   -13.770 4.856   1.00 17.06 ? 35  ASP D CA  1 
ATOM   1485 C C   . ASP D 1 35 ? 4.317   -13.964 5.722   1.00 19.31 ? 35  ASP D C   1 
ATOM   1486 O O   . ASP D 1 35 ? 4.379   -14.898 6.523   1.00 19.20 ? 35  ASP D O   1 
ATOM   1487 C CB  . ASP D 1 35 ? 3.341   -14.361 3.464   1.00 18.74 ? 35  ASP D CB  1 
ATOM   1488 C CG  . ASP D 1 35 ? 2.073   -14.544 2.647   1.00 19.15 ? 35  ASP D CG  1 
ATOM   1489 O OD1 . ASP D 1 35 ? 0.996   -14.739 3.247   1.00 18.18 ? 35  ASP D OD1 1 
ATOM   1490 O OD2 . ASP D 1 35 ? 2.160   -14.512 1.398   1.00 19.41 ? 35  ASP D OD2 1 
ATOM   1491 N N   . ARG D 1 36 ? 5.305   -13.085 5.560   1.00 17.55 ? 36  ARG D N   1 
ATOM   1492 C CA  . ARG D 1 36 ? 6.532   -13.178 6.351   1.00 20.17 ? 36  ARG D CA  1 
ATOM   1493 C C   . ARG D 1 36 ? 6.225   -13.067 7.838   1.00 20.63 ? 36  ARG D C   1 
ATOM   1494 O O   . ARG D 1 36 ? 6.729   -13.845 8.646   1.00 19.36 ? 36  ARG D O   1 
ATOM   1495 C CB  . ARG D 1 36 ? 7.519   -12.071 5.976   1.00 20.25 ? 36  ARG D CB  1 
ATOM   1496 C CG  . ARG D 1 36 ? 8.346   -12.320 4.735   1.00 28.22 ? 36  ARG D CG  1 
ATOM   1497 C CD  . ARG D 1 36 ? 9.314   -11.163 4.515   1.00 30.09 ? 36  ARG D CD  1 
ATOM   1498 N NE  . ARG D 1 36 ? 10.186  -10.928 5.669   1.00 29.92 ? 36  ARG D NE  1 
ATOM   1499 C CZ  . ARG D 1 36 ? 11.248  -11.669 5.974   1.00 35.63 ? 36  ARG D CZ  1 
ATOM   1500 N NH1 . ARG D 1 36 ? 11.586  -12.702 5.212   1.00 35.78 ? 36  ARG D NH1 1 
ATOM   1501 N NH2 . ARG D 1 36 ? 11.978  -11.376 7.043   1.00 35.71 ? 36  ARG D NH2 1 
ATOM   1502 N N   . LEU D 1 37 ? 5.406   -12.085 8.205   1.00 19.82 ? 37  LEU D N   1 
ATOM   1503 C CA  . LEU D 1 37 ? 5.055   -11.901 9.607   1.00 18.95 ? 37  LEU D CA  1 
ATOM   1504 C C   . LEU D 1 37 ? 4.312   -13.103 10.177  1.00 20.09 ? 37  LEU D C   1 
ATOM   1505 O O   . LEU D 1 37 ? 4.571   -13.513 11.309  1.00 21.42 ? 37  LEU D O   1 
ATOM   1506 C CB  . LEU D 1 37 ? 4.222   -10.624 9.783   1.00 18.04 ? 37  LEU D CB  1 
ATOM   1507 C CG  . LEU D 1 37 ? 5.074   -9.349  9.814   1.00 21.33 ? 37  LEU D CG  1 
ATOM   1508 C CD1 . LEU D 1 37 ? 4.209   -8.112  9.611   1.00 22.86 ? 37  LEU D CD1 1 
ATOM   1509 C CD2 . LEU D 1 37 ? 5.808   -9.284  11.147  1.00 21.49 ? 37  LEU D CD2 1 
ATOM   1510 N N   . GLU D 1 38 ? 3.401   -13.677 9.399   1.00 20.09 ? 38  GLU D N   1 
ATOM   1511 C CA  . GLU D 1 38 ? 2.652   -14.837 9.872   1.00 21.06 ? 38  GLU D CA  1 
ATOM   1512 C C   . GLU D 1 38 ? 3.589   -16.014 10.135  1.00 21.48 ? 38  GLU D C   1 
ATOM   1513 O O   . GLU D 1 38 ? 3.471   -16.691 11.154  1.00 22.60 ? 38  GLU D O   1 
ATOM   1514 C CB  . GLU D 1 38 ? 1.577   -15.245 8.857   1.00 21.48 ? 38  GLU D CB  1 
ATOM   1515 C CG  . GLU D 1 38 ? 0.493   -14.194 8.649   1.00 22.94 ? 38  GLU D CG  1 
ATOM   1516 C CD  . GLU D 1 38 ? -0.650  -14.680 7.771   1.00 26.20 ? 38  GLU D CD  1 
ATOM   1517 O OE1 . GLU D 1 38 ? -1.469  -13.838 7.354   1.00 26.23 ? 38  GLU D OE1 1 
ATOM   1518 O OE2 . GLU D 1 38 ? -0.736  -15.897 7.503   1.00 21.99 ? 38  GLU D OE2 1 
ATOM   1519 N N   . MET D 1 39 ? 4.524   -16.249 9.222   1.00 20.87 ? 39  MET D N   1 
ATOM   1520 C CA  . MET D 1 39 ? 5.469   -17.351 9.378   1.00 24.26 ? 39  MET D CA  1 
ATOM   1521 C C   . MET D 1 39 ? 6.374   -17.120 10.586  1.00 23.29 ? 39  MET D C   1 
ATOM   1522 O O   . MET D 1 39 ? 6.627   -18.040 11.368  1.00 23.73 ? 39  MET D O   1 
ATOM   1523 C CB  . MET D 1 39 ? 6.316   -17.510 8.112   1.00 24.41 ? 39  MET D CB  1 
ATOM   1524 C CG  . MET D 1 39 ? 7.225   -18.731 8.128   1.00 31.55 ? 39  MET D CG  1 
ATOM   1525 S SD  . MET D 1 39 ? 6.310   -20.265 8.422   1.00 35.57 ? 39  MET D SD  1 
ATOM   1526 C CE  . MET D 1 39 ? 5.699   -20.630 6.766   1.00 37.03 ? 39  MET D CE  1 
ATOM   1527 N N   . ILE D 1 40 ? 6.856   -15.890 10.736  1.00 21.46 ? 40  ILE D N   1 
ATOM   1528 C CA  . ILE D 1 40 ? 7.723   -15.544 11.860  1.00 24.10 ? 40  ILE D CA  1 
ATOM   1529 C C   . ILE D 1 40 ? 6.992   -15.777 13.177  1.00 22.97 ? 40  ILE D C   1 
ATOM   1530 O O   . ILE D 1 40 ? 7.548   -16.358 14.111  1.00 24.41 ? 40  ILE D O   1 
ATOM   1531 C CB  . ILE D 1 40 ? 8.177   -14.062 11.774  1.00 23.11 ? 40  ILE D CB  1 
ATOM   1532 C CG1 . ILE D 1 40 ? 9.156   -13.895 10.608  1.00 25.38 ? 40  ILE D CG1 1 
ATOM   1533 C CG2 . ILE D 1 40 ? 8.827   -13.629 13.086  1.00 27.78 ? 40  ILE D CG2 1 
ATOM   1534 C CD1 . ILE D 1 40 ? 9.548   -12.451 10.325  1.00 26.56 ? 40  ILE D CD1 1 
ATOM   1535 N N   . ILE D 1 41 ? 5.746   -15.324 13.247  1.00 22.14 ? 41  ILE D N   1 
ATOM   1536 C CA  . ILE D 1 41 ? 4.943   -15.486 14.450  1.00 25.20 ? 41  ILE D CA  1 
ATOM   1537 C C   . ILE D 1 41 ? 4.719   -16.964 14.751  1.00 28.72 ? 41  ILE D C   1 
ATOM   1538 O O   . ILE D 1 41 ? 4.921   -17.415 15.882  1.00 28.28 ? 41  ILE D O   1 
ATOM   1539 C CB  . ILE D 1 41 ? 3.581   -14.771 14.301  1.00 23.86 ? 41  ILE D CB  1 
ATOM   1540 C CG1 . ILE D 1 41 ? 3.804   -13.258 14.252  1.00 26.09 ? 41  ILE D CG1 1 
ATOM   1541 C CG2 . ILE D 1 41 ? 2.659   -15.137 15.457  1.00 25.89 ? 41  ILE D CG2 1 
ATOM   1542 C CD1 . ILE D 1 41 ? 2.570   -12.463 13.898  1.00 27.91 ? 41  ILE D CD1 1 
ATOM   1543 N N   . ASN D 1 42 ? 4.316   -17.722 13.737  1.00 26.85 ? 42  ASN D N   1 
ATOM   1544 C CA  . ASN D 1 42 ? 4.079   -19.145 13.929  1.00 30.54 ? 42  ASN D CA  1 
ATOM   1545 C C   . ASN D 1 42 ? 5.346   -19.891 14.342  1.00 29.74 ? 42  ASN D C   1 
ATOM   1546 O O   . ASN D 1 42 ? 5.303   -20.728 15.244  1.00 31.33 ? 42  ASN D O   1 
ATOM   1547 C CB  . ASN D 1 42 ? 3.479   -19.765 12.665  1.00 32.64 ? 42  ASN D CB  1 
ATOM   1548 C CG  . ASN D 1 42 ? 2.053   -19.305 12.415  1.00 36.98 ? 42  ASN D CG  1 
ATOM   1549 O OD1 . ASN D 1 42 ? 1.241   -19.241 13.340  1.00 37.98 ? 42  ASN D OD1 1 
ATOM   1550 N ND2 . ASN D 1 42 ? 1.738   -18.991 11.164  1.00 38.97 ? 42  ASN D ND2 1 
ATOM   1551 N N   . ASP D 1 43 ? 6.470   -19.584 13.701  1.00 28.15 ? 43  ASP D N   1 
ATOM   1552 C CA  . ASP D 1 43 ? 7.726   -20.246 14.042  1.00 29.74 ? 43  ASP D CA  1 
ATOM   1553 C C   . ASP D 1 43 ? 8.175   -19.917 15.462  1.00 31.51 ? 43  ASP D C   1 
ATOM   1554 O O   . ASP D 1 43 ? 8.571   -20.809 16.216  1.00 30.39 ? 43  ASP D O   1 
ATOM   1555 C CB  . ASP D 1 43 ? 8.846   -19.856 13.070  1.00 29.25 ? 43  ASP D CB  1 
ATOM   1556 C CG  . ASP D 1 43 ? 8.663   -20.457 11.689  1.00 33.68 ? 43  ASP D CG  1 
ATOM   1557 O OD1 . ASP D 1 43 ? 7.895   -21.433 11.554  1.00 35.17 ? 43  ASP D OD1 1 
ATOM   1558 O OD2 . ASP D 1 43 ? 9.306   -19.958 10.741  1.00 34.41 ? 43  ASP D OD2 1 
ATOM   1559 N N   . ASN D 1 44 ? 8.124   -18.638 15.827  1.00 28.42 ? 44  ASN D N   1 
ATOM   1560 C CA  . ASN D 1 44 ? 8.544   -18.225 17.164  1.00 30.16 ? 44  ASN D CA  1 
ATOM   1561 C C   . ASN D 1 44 ? 7.652   -18.799 18.256  1.00 30.80 ? 44  ASN D C   1 
ATOM   1562 O O   . ASN D 1 44 ? 8.135   -19.164 19.332  1.00 30.60 ? 44  ASN D O   1 
ATOM   1563 C CB  . ASN D 1 44 ? 8.575   -16.698 17.279  1.00 31.00 ? 44  ASN D CB  1 
ATOM   1564 C CG  . ASN D 1 44 ? 9.734   -16.080 16.526  1.00 36.01 ? 44  ASN D CG  1 
ATOM   1565 O OD1 . ASN D 1 44 ? 10.867  -16.560 16.602  1.00 38.96 ? 44  ASN D OD1 1 
ATOM   1566 N ND2 . ASN D 1 44 ? 9.462   -14.999 15.809  1.00 40.01 ? 44  ASN D ND2 1 
ATOM   1567 N N   . VAL D 1 45 ? 6.354   -18.875 17.989  1.00 29.66 ? 45  VAL D N   1 
ATOM   1568 C CA  . VAL D 1 45 ? 5.424   -19.422 18.966  1.00 33.10 ? 45  VAL D CA  1 
ATOM   1569 C C   . VAL D 1 45 ? 5.756   -20.892 19.219  1.00 33.47 ? 45  VAL D C   1 
ATOM   1570 O O   . VAL D 1 45 ? 5.732   -21.353 20.360  1.00 32.37 ? 45  VAL D O   1 
ATOM   1571 C CB  . VAL D 1 45 ? 3.963   -19.288 18.485  1.00 33.09 ? 45  VAL D CB  1 
ATOM   1572 C CG1 . VAL D 1 45 ? 3.027   -20.031 19.428  1.00 35.47 ? 45  VAL D CG1 1 
ATOM   1573 C CG2 . VAL D 1 45 ? 3.577   -17.813 18.428  1.00 35.45 ? 45  VAL D CG2 1 
ATOM   1574 N N   . SER D 1 46 ? 6.078   -21.621 18.154  1.00 34.78 ? 46  SER D N   1 
ATOM   1575 C CA  . SER D 1 46 ? 6.432   -23.030 18.287  1.00 37.85 ? 46  SER D CA  1 
ATOM   1576 C C   . SER D 1 46 ? 7.654   -23.157 19.188  1.00 36.72 ? 46  SER D C   1 
ATOM   1577 O O   . SER D 1 46 ? 7.691   -23.999 20.085  1.00 37.32 ? 46  SER D O   1 
ATOM   1578 C CB  . SER D 1 46 ? 6.743   -23.642 16.918  1.00 38.57 ? 46  SER D CB  1 
ATOM   1579 O OG  . SER D 1 46 ? 5.594   -23.649 16.088  1.00 44.41 ? 46  SER D OG  1 
ATOM   1580 N N   . THR D 1 47 ? 8.651   -22.311 18.944  1.00 35.01 ? 47  THR D N   1 
ATOM   1581 C CA  . THR D 1 47 ? 9.878   -22.319 19.731  1.00 36.41 ? 47  THR D CA  1 
ATOM   1582 C C   . THR D 1 47 ? 9.575   -22.057 21.202  1.00 37.72 ? 47  THR D C   1 
ATOM   1583 O O   . THR D 1 47 ? 10.094  -22.745 22.081  1.00 38.20 ? 47  THR D O   1 
ATOM   1584 C CB  . THR D 1 47 ? 10.868  -21.252 19.227  1.00 36.72 ? 47  THR D CB  1 
ATOM   1585 O OG1 . THR D 1 47 ? 11.192  -21.516 17.857  1.00 37.41 ? 47  THR D OG1 1 
ATOM   1586 C CG2 . THR D 1 47 ? 12.145  -21.271 20.055  1.00 35.87 ? 47  THR D CG2 1 
ATOM   1587 N N   . ILE D 1 48 ? 8.732   -21.062 21.464  1.00 34.82 ? 48  ILE D N   1 
ATOM   1588 C CA  . ILE D 1 48 ? 8.359   -20.723 22.831  1.00 35.82 ? 48  ILE D CA  1 
ATOM   1589 C C   . ILE D 1 48 ? 7.624   -21.884 23.502  1.00 38.30 ? 48  ILE D C   1 
ATOM   1590 O O   . ILE D 1 48 ? 7.943   -22.260 24.631  1.00 38.63 ? 48  ILE D O   1 
ATOM   1591 C CB  . ILE D 1 48 ? 7.460   -19.465 22.867  1.00 33.20 ? 48  ILE D CB  1 
ATOM   1592 C CG1 . ILE D 1 48 ? 8.257   -18.247 22.391  1.00 32.29 ? 48  ILE D CG1 1 
ATOM   1593 C CG2 . ILE D 1 48 ? 6.932   -19.234 24.278  1.00 33.75 ? 48  ILE D CG2 1 
ATOM   1594 C CD1 . ILE D 1 48 ? 7.433   -16.971 22.273  1.00 31.29 ? 48  ILE D CD1 1 
ATOM   1595 N N   . LEU D 1 49 ? 6.649   -22.453 22.800  1.00 39.29 ? 49  LEU D N   1 
ATOM   1596 C CA  . LEU D 1 49 ? 5.878   -23.571 23.334  1.00 43.21 ? 49  LEU D CA  1 
ATOM   1597 C C   . LEU D 1 49 ? 6.772   -24.771 23.632  1.00 45.32 ? 49  LEU D C   1 
ATOM   1598 O O   . LEU D 1 49 ? 6.538   -25.506 24.592  1.00 46.66 ? 49  LEU D O   1 
ATOM   1599 C CB  . LEU D 1 49 ? 4.779   -23.979 22.348  1.00 40.10 ? 49  LEU D CB  1 
ATOM   1600 C CG  . LEU D 1 49 ? 3.652   -22.969 22.111  1.00 40.92 ? 49  LEU D CG  1 
ATOM   1601 C CD1 . LEU D 1 49 ? 2.721   -23.488 21.027  1.00 39.51 ? 49  LEU D CD1 1 
ATOM   1602 C CD2 . LEU D 1 49 ? 2.887   -22.735 23.406  1.00 38.55 ? 49  LEU D CD2 1 
ATOM   1603 N N   . ALA D 1 50 ? 7.796   -24.963 22.806  1.00 46.38 ? 50  ALA D N   1 
ATOM   1604 C CA  . ALA D 1 50 ? 8.727   -26.073 22.979  1.00 48.22 ? 50  ALA D CA  1 
ATOM   1605 C C   . ALA D 1 50 ? 9.638   -25.831 24.179  1.00 50.67 ? 50  ALA D C   1 
ATOM   1606 O O   . ALA D 1 50 ? 10.410  -26.707 24.572  1.00 50.23 ? 50  ALA D O   1 
ATOM   1607 C CB  . ALA D 1 50 ? 9.561   -26.254 21.718  1.00 46.89 ? 50  ALA D CB  1 
ATOM   1608 N N   . SER D 1 51 ? 9.545   -24.637 24.754  1.00 52.37 ? 51  SER D N   1 
ATOM   1609 C CA  . SER D 1 51 ? 10.353  -24.278 25.913  1.00 54.43 ? 51  SER D CA  1 
ATOM   1610 C C   . SER D 1 51 ? 9.456   -24.175 27.141  1.00 55.00 ? 51  SER D C   1 
ATOM   1611 O O   . SER D 1 51 ? 9.932   -24.198 28.275  1.00 56.84 ? 51  SER D O   1 
ATOM   1612 C CB  . SER D 1 51 ? 11.059  -22.940 25.675  1.00 55.08 ? 51  SER D CB  1 
ATOM   1613 O OG  . SER D 1 51 ? 11.907  -23.004 24.542  1.00 57.51 ? 51  SER D OG  1 
ATOM   1614 N N   . GLY D 1 52 ? 8.153   -24.064 26.898  1.00 56.35 ? 52  GLY D N   1 
ATOM   1615 C CA  . GLY D 1 52 ? 7.196   -23.956 27.983  1.00 57.72 ? 52  GLY D CA  1 
ATOM   1616 C C   . GLY D 1 52 ? 6.378   -22.684 27.880  1.00 58.84 ? 52  GLY D C   1 
ATOM   1617 O O   . GLY D 1 52 ? 5.150   -22.777 27.670  1.00 59.20 ? 52  GLY D O   1 
ATOM   1618 O OXT . GLY D 1 52 ? 6.966   -21.589 28.000  1.00 60.98 ? 52  GLY D OXT 1 
HETATM 1619 O O   . HOH E 2 .  ? 9.231   8.050   1.654   1.00 34.38 ? 110 HOH A O   1 
HETATM 1620 O O   . HOH E 2 .  ? -0.368  18.010  -33.249 1.00 23.32 ? 114 HOH A O   1 
HETATM 1621 O O   . HOH E 2 .  ? 7.049   -8.659  7.069   1.00 21.47 ? 117 HOH A O   1 
HETATM 1622 O O   . HOH E 2 .  ? 14.036  -3.667  4.536   1.00 26.09 ? 118 HOH A O   1 
HETATM 1623 O O   . HOH E 2 .  ? 15.928  -6.333  24.789  1.00 32.91 ? 121 HOH A O   1 
HETATM 1624 O O   . HOH E 2 .  ? 8.092   5.695   5.547   1.00 20.72 ? 122 HOH A O   1 
HETATM 1625 O O   . HOH E 2 .  ? 9.583   17.197  -33.794 1.00 23.79 ? 123 HOH A O   1 
HETATM 1626 O O   . HOH E 2 .  ? 3.603   5.437   10.089  1.00 33.32 ? 126 HOH A O   1 
HETATM 1627 O O   . HOH E 2 .  ? 8.598   9.377   -2.868  1.00 29.17 ? 128 HOH A O   1 
HETATM 1628 O O   . HOH E 2 .  ? 11.410  -7.459  24.468  1.00 26.60 ? 131 HOH A O   1 
HETATM 1629 O O   . HOH E 2 .  ? 9.180   -4.208  22.414  1.00 30.21 ? 133 HOH A O   1 
HETATM 1630 O O   . HOH E 2 .  ? 4.993   11.071  -1.999  1.00 34.05 ? 135 HOH A O   1 
HETATM 1631 O O   . HOH E 2 .  ? 11.653  -0.354  10.798  1.00 24.42 ? 139 HOH A O   1 
HETATM 1632 O O   . HOH E 2 .  ? 11.470  2.628   4.392   1.00 30.62 ? 140 HOH A O   1 
HETATM 1633 O O   . HOH E 2 .  ? 6.979   6.805   3.310   1.00 22.78 ? 143 HOH A O   1 
HETATM 1634 O O   . HOH E 2 .  ? 5.654   6.809   -18.219 1.00 28.37 ? 145 HOH A O   1 
HETATM 1635 O O   . HOH E 2 .  ? 10.554  19.895  -33.192 1.00 31.94 ? 151 HOH A O   1 
HETATM 1636 O O   . HOH E 2 .  ? 5.200   15.647  -12.348 1.00 27.76 ? 159 HOH A O   1 
HETATM 1637 O O   . HOH E 2 .  ? 11.562  -4.275  21.357  1.00 33.73 ? 162 HOH A O   1 
HETATM 1638 O O   . HOH E 2 .  ? 6.099   10.370  -21.814 1.00 30.73 ? 168 HOH A O   1 
HETATM 1639 O O   . HOH E 2 .  ? 13.487  -6.831  6.123   1.00 38.71 ? 169 HOH A O   1 
HETATM 1640 O O   . HOH E 2 .  ? 7.340   6.946   7.781   1.00 33.41 ? 173 HOH A O   1 
HETATM 1641 O O   . HOH E 2 .  ? 13.428  -5.979  10.758  1.00 28.45 ? 176 HOH A O   1 
HETATM 1642 O O   . HOH E 2 .  ? 6.308   16.137  -9.849  1.00 39.16 ? 182 HOH A O   1 
HETATM 1643 O O   . HOH E 2 .  ? 9.858   -6.199  26.275  1.00 34.69 ? 183 HOH A O   1 
HETATM 1644 O O   . HOH E 2 .  ? 16.602  -15.129 24.878  1.00 33.34 ? 184 HOH A O   1 
HETATM 1645 O O   . HOH E 2 .  ? 7.417   16.192  -13.744 1.00 39.16 ? 187 HOH A O   1 
HETATM 1646 O O   . HOH E 2 .  ? 12.323  5.435   -2.443  1.00 40.20 ? 196 HOH A O   1 
HETATM 1647 O O   . HOH E 2 .  ? 12.739  -11.150 11.100  1.00 31.45 ? 215 HOH A O   1 
HETATM 1648 O O   . HOH E 2 .  ? 7.489   -3.084  -3.893  1.00 38.58 ? 220 HOH A O   1 
HETATM 1649 O O   . HOH E 2 .  ? 10.443  9.364   -4.913  1.00 38.94 ? 223 HOH A O   1 
HETATM 1650 O O   . HOH E 2 .  ? 9.711   -1.088  -6.627  1.00 40.02 ? 226 HOH A O   1 
HETATM 1651 O O   . HOH E 2 .  ? 0.738   3.295   -6.606  1.00 43.03 ? 234 HOH A O   1 
HETATM 1652 O O   . HOH E 2 .  ? 6.827   16.032  -24.503 1.00 35.22 ? 237 HOH A O   1 
HETATM 1653 O O   . HOH E 2 .  ? 15.197  -6.780  17.229  1.00 39.19 ? 238 HOH A O   1 
HETATM 1654 O O   . HOH E 2 .  ? 10.496  -3.133  0.123   1.00 33.61 ? 239 HOH A O   1 
HETATM 1655 O O   . HOH E 2 .  ? 16.928  -8.022  21.146  1.00 37.37 ? 241 HOH A O   1 
HETATM 1656 O O   . HOH E 2 .  ? 10.026  -3.909  -2.277  1.00 36.61 ? 250 HOH A O   1 
HETATM 1657 O O   . HOH E 2 .  ? 14.569  -13.546 18.714  1.00 39.48 ? 260 HOH A O   1 
HETATM 1658 O O   . HOH E 2 .  ? 4.983   12.813  -33.357 1.00 32.43 ? 262 HOH A O   1 
HETATM 1659 O O   . HOH E 2 .  ? 6.323   19.722  -30.929 1.00 38.64 ? 267 HOH A O   1 
HETATM 1660 O O   . HOH E 2 .  ? 4.834   8.069   4.140   1.00 41.92 ? 270 HOH A O   1 
HETATM 1661 O O   . HOH E 2 .  ? 8.863   21.053  -31.425 1.00 43.99 ? 274 HOH A O   1 
HETATM 1662 O O   . HOH E 2 .  ? 6.869   9.099   -19.483 1.00 43.06 ? 282 HOH A O   1 
HETATM 1663 O O   . HOH E 2 .  ? 15.069  -18.956 30.112  1.00 44.56 ? 285 HOH A O   1 
HETATM 1664 O O   . HOH E 2 .  ? 12.496  -8.408  4.149   1.00 52.83 ? 286 HOH A O   1 
HETATM 1665 O O   . HOH E 2 .  ? 9.385   3.980   -8.796  1.00 46.40 ? 287 HOH A O   1 
HETATM 1666 O O   . HOH E 2 .  ? 9.847   8.497   -7.298  1.00 37.71 ? 289 HOH A O   1 
HETATM 1667 O O   . HOH E 2 .  ? 4.751   20.856  -18.952 1.00 54.07 ? 297 HOH A O   1 
HETATM 1668 O O   . HOH E 2 .  ? 11.342  7.311   3.398   1.00 35.96 ? 300 HOH A O   1 
HETATM 1669 O O   . HOH E 2 .  ? 9.935   15.806  -12.530 1.00 50.53 ? 303 HOH A O   1 
HETATM 1670 O O   . HOH E 2 .  ? 13.148  -7.718  8.661   1.00 44.13 ? 305 HOH A O   1 
HETATM 1671 O O   . HOH E 2 .  ? 8.931   5.211   -13.958 1.00 44.36 ? 306 HOH A O   1 
HETATM 1672 O O   . HOH E 2 .  ? 5.485   20.638  -28.495 1.00 38.33 ? 307 HOH A O   1 
HETATM 1673 O O   . HOH E 2 .  ? 14.678  -7.218  27.032  1.00 45.01 ? 311 HOH A O   1 
HETATM 1674 O O   . HOH E 2 .  ? 4.127   19.688  -24.827 1.00 40.51 ? 312 HOH A O   1 
HETATM 1675 O O   . HOH E 2 .  ? 9.500   8.724   -11.913 1.00 48.01 ? 315 HOH A O   1 
HETATM 1676 O O   . HOH E 2 .  ? 17.359  -17.354 26.357  1.00 47.36 ? 320 HOH A O   1 
HETATM 1677 O O   . HOH E 2 .  ? 0.867   5.848   -6.799  1.00 38.45 ? 322 HOH A O   1 
HETATM 1678 O O   . HOH E 2 .  ? 5.747   23.425  -28.456 1.00 56.83 ? 330 HOH A O   1 
HETATM 1679 O O   . HOH E 2 .  ? 8.410   13.423  -26.035 1.00 49.82 ? 331 HOH A O   1 
HETATM 1680 O O   . HOH E 2 .  ? 7.808   15.413  -21.562 1.00 56.10 ? 332 HOH A O   1 
HETATM 1681 O O   . HOH E 2 .  ? 3.504   17.794  -12.530 1.00 51.44 ? 333 HOH A O   1 
HETATM 1682 O O   . HOH E 2 .  ? 9.105   10.125  -9.382  1.00 40.37 ? 334 HOH A O   1 
HETATM 1683 O O   . HOH E 2 .  ? 10.417  8.880   -14.565 1.00 59.87 ? 335 HOH A O   1 
HETATM 1684 O O   . HOH E 2 .  ? 10.787  6.425   -8.524  1.00 54.74 ? 336 HOH A O   1 
HETATM 1685 O O   . HOH E 2 .  ? 11.278  1.068   -6.408  1.00 47.25 ? 337 HOH A O   1 
HETATM 1686 O O   . HOH E 2 .  ? 4.700   -13.771 20.849  1.00 57.40 ? 338 HOH A O   1 
HETATM 1687 O O   . HOH E 2 .  ? 11.347  0.486   0.703   1.00 49.61 ? 340 HOH A O   1 
HETATM 1688 O O   . HOH E 2 .  ? 11.456  -13.575 15.257  1.00 47.23 ? 341 HOH A O   1 
HETATM 1689 O O   . HOH E 2 .  ? 10.964  -11.046 13.543  1.00 33.66 ? 342 HOH A O   1 
HETATM 1690 O O   . HOH E 2 .  ? 15.686  -7.837  14.595  1.00 50.40 ? 343 HOH A O   1 
HETATM 1691 O O   . HOH E 2 .  ? 14.085  -20.743 26.665  1.00 53.77 ? 344 HOH A O   1 
HETATM 1692 O O   . HOH E 2 .  ? 16.953  -15.774 22.220  1.00 51.83 ? 345 HOH A O   1 
HETATM 1693 O O   . HOH E 2 .  ? 15.082  -15.668 20.293  1.00 52.45 ? 346 HOH A O   1 
HETATM 1694 O O   . HOH E 2 .  ? 10.885  -10.380 31.581  1.00 57.75 ? 347 HOH A O   1 
HETATM 1695 O O   . HOH F 2 .  ? -10.612 -3.274  19.128  1.00 34.98 ? 103 HOH B O   1 
HETATM 1696 O O   . HOH F 2 .  ? 5.330   -0.945  12.498  1.00 19.04 ? 108 HOH B O   1 
HETATM 1697 O O   . HOH F 2 .  ? 6.984   2.382   17.329  1.00 23.00 ? 112 HOH B O   1 
HETATM 1698 O O   . HOH F 2 .  ? -7.555  5.802   5.496   1.00 27.32 ? 127 HOH B O   1 
HETATM 1699 O O   . HOH F 2 .  ? 3.027   -2.915  30.091  1.00 28.89 ? 147 HOH B O   1 
HETATM 1700 O O   . HOH F 2 .  ? -9.201  -1.368  8.446   1.00 32.88 ? 148 HOH B O   1 
HETATM 1701 O O   . HOH F 2 .  ? 6.654   5.005   16.897  1.00 27.34 ? 150 HOH B O   1 
HETATM 1702 O O   . HOH F 2 .  ? 6.220   -5.540  22.577  1.00 33.86 ? 153 HOH B O   1 
HETATM 1703 O O   . HOH F 2 .  ? -7.389  4.853   8.024   1.00 28.95 ? 156 HOH B O   1 
HETATM 1704 O O   . HOH F 2 .  ? -9.535  16.157  -9.347  1.00 29.89 ? 157 HOH B O   1 
HETATM 1705 O O   . HOH F 2 .  ? -7.936  9.019   5.477   1.00 40.22 ? 166 HOH B O   1 
HETATM 1706 O O   . HOH F 2 .  ? 0.895   17.661  -10.520 1.00 32.14 ? 167 HOH B O   1 
HETATM 1707 O O   . HOH F 2 .  ? 0.611   -1.559  30.264  1.00 31.89 ? 181 HOH B O   1 
HETATM 1708 O O   . HOH F 2 .  ? -2.852  5.065   15.020  1.00 34.67 ? 185 HOH B O   1 
HETATM 1709 O O   . HOH F 2 .  ? 0.956   1.579   18.460  1.00 29.66 ? 186 HOH B O   1 
HETATM 1710 O O   . HOH F 2 .  ? 5.475   0.086   19.808  1.00 37.21 ? 188 HOH B O   1 
HETATM 1711 O O   . HOH F 2 .  ? -2.826  7.130   -5.270  1.00 34.67 ? 191 HOH B O   1 
HETATM 1712 O O   . HOH F 2 .  ? -3.747  6.903   10.496  1.00 34.88 ? 198 HOH B O   1 
HETATM 1713 O O   . HOH F 2 .  ? -7.333  11.429  1.537   1.00 34.22 ? 200 HOH B O   1 
HETATM 1714 O O   . HOH F 2 .  ? -9.532  8.497   -0.753  1.00 39.39 ? 206 HOH B O   1 
HETATM 1715 O O   . HOH F 2 .  ? 7.597   -2.443  21.343  1.00 36.50 ? 210 HOH B O   1 
HETATM 1716 O O   . HOH F 2 .  ? 1.100   7.120   14.150  1.00 30.97 ? 211 HOH B O   1 
HETATM 1717 O O   . HOH F 2 .  ? 3.321   2.517   17.932  1.00 35.86 ? 212 HOH B O   1 
HETATM 1718 O O   . HOH F 2 .  ? -9.417  3.358   8.600   1.00 35.21 ? 214 HOH B O   1 
HETATM 1719 O O   . HOH F 2 .  ? -5.655  15.846  -3.129  1.00 36.86 ? 222 HOH B O   1 
HETATM 1720 O O   . HOH F 2 .  ? -7.963  1.256   16.364  1.00 35.77 ? 224 HOH B O   1 
HETATM 1721 O O   . HOH F 2 .  ? 2.199   18.260  -8.124  1.00 42.68 ? 235 HOH B O   1 
HETATM 1722 O O   . HOH F 2 .  ? -6.756  6.723   9.962   1.00 39.53 ? 236 HOH B O   1 
HETATM 1723 O O   . HOH F 2 .  ? 8.603   -12.456 33.062  1.00 48.65 ? 242 HOH B O   1 
HETATM 1724 O O   . HOH F 2 .  ? 3.432   4.713   15.959  1.00 34.31 ? 243 HOH B O   1 
HETATM 1725 O O   . HOH F 2 .  ? -3.694  12.740  5.157   1.00 43.63 ? 244 HOH B O   1 
HETATM 1726 O O   . HOH F 2 .  ? -0.710  21.068  -13.780 1.00 41.54 ? 248 HOH B O   1 
HETATM 1727 O O   . HOH F 2 .  ? 0.097   14.229  -0.578  1.00 46.54 ? 249 HOH B O   1 
HETATM 1728 O O   . HOH F 2 .  ? -13.059 11.139  -6.805  1.00 51.70 ? 254 HOH B O   1 
HETATM 1729 O O   . HOH F 2 .  ? -4.890  14.814  -0.665  1.00 44.06 ? 266 HOH B O   1 
HETATM 1730 O O   . HOH F 2 .  ? -4.041  2.607   15.378  1.00 43.56 ? 269 HOH B O   1 
HETATM 1731 O O   . HOH F 2 .  ? -11.060 15.660  -6.973  1.00 42.18 ? 281 HOH B O   1 
HETATM 1732 O O   . HOH F 2 .  ? -3.984  6.728   13.138  1.00 53.21 ? 292 HOH B O   1 
HETATM 1733 O O   . HOH F 2 .  ? -6.343  13.958  1.422   1.00 44.13 ? 299 HOH B O   1 
HETATM 1734 O O   . HOH F 2 .  ? 5.118   -16.225 36.530  1.00 59.86 ? 308 HOH B O   1 
HETATM 1735 O O   . HOH F 2 .  ? -3.637  1.668   17.758  1.00 40.51 ? 309 HOH B O   1 
HETATM 1736 O O   . HOH F 2 .  ? -0.327  20.019  -11.356 1.00 41.00 ? 310 HOH B O   1 
HETATM 1737 O O   . HOH F 2 .  ? -8.880  -0.207  12.322  1.00 51.13 ? 321 HOH B O   1 
HETATM 1738 O O   . HOH F 2 .  ? -0.530  6.139   -4.553  1.00 58.17 ? 323 HOH B O   1 
HETATM 1739 O O   . HOH F 2 .  ? -0.090  -2.243  7.812   1.00 56.36 ? 326 HOH B O   1 
HETATM 1740 O O   . HOH F 2 .  ? 2.267   -3.350  8.622   1.00 48.01 ? 327 HOH B O   1 
HETATM 1741 O O   . HOH F 2 .  ? 5.963   -5.379  25.610  1.00 50.28 ? 328 HOH B O   1 
HETATM 1742 O O   . HOH F 2 .  ? -4.965  16.203  -24.576 1.00 57.16 ? 329 HOH B O   1 
HETATM 1743 O O   . HOH F 2 .  ? 3.652   11.704  2.719   1.00 39.60 ? 339 HOH B O   1 
HETATM 1744 O O   . HOH F 2 .  ? -5.757  23.274  -29.671 1.00 49.86 ? 349 HOH B O   1 
HETATM 1745 O O   . HOH F 2 .  ? -5.626  23.858  -14.252 1.00 52.81 ? 350 HOH B O   1 
HETATM 1746 O O   . HOH F 2 .  ? -0.726  19.697  -6.041  1.00 61.29 ? 351 HOH B O   1 
HETATM 1747 O O   . HOH F 2 .  ? -9.465  18.904  -8.898  1.00 43.67 ? 352 HOH B O   1 
HETATM 1748 O O   . HOH F 2 .  ? -12.579 16.503  -12.188 1.00 54.37 ? 353 HOH B O   1 
HETATM 1749 O O   . HOH F 2 .  ? -9.539  16.527  -2.704  1.00 57.51 ? 354 HOH B O   1 
HETATM 1750 O O   . HOH F 2 .  ? -9.423  0.861   9.571   1.00 53.36 ? 355 HOH B O   1 
HETATM 1751 O O   . HOH F 2 .  ? 1.591   0.662   21.159  1.00 60.86 ? 356 HOH B O   1 
HETATM 1752 O O   . HOH F 2 .  ? 0.790   -2.250  25.694  1.00 44.29 ? 357 HOH B O   1 
HETATM 1753 O O   . HOH G 2 .  ? -1.032  -15.387 1.493   1.00 18.52 ? 102 HOH C O   1 
HETATM 1754 O O   . HOH G 2 .  ? -3.912  -3.833  12.392  1.00 19.17 ? 106 HOH C O   1 
HETATM 1755 O O   . HOH G 2 .  ? -3.945  -11.898 0.175   1.00 24.20 ? 113 HOH C O   1 
HETATM 1756 O O   . HOH G 2 .  ? -12.126 12.500  -11.306 1.00 30.55 ? 116 HOH C O   1 
HETATM 1757 O O   . HOH G 2 .  ? -8.400  -4.192  -8.658  1.00 25.24 ? 132 HOH C O   1 
HETATM 1758 O O   . HOH G 2 .  ? -11.627 -2.902  -6.395  1.00 28.33 ? 134 HOH C O   1 
HETATM 1759 O O   . HOH G 2 .  ? -9.102  -11.201 7.280   1.00 29.23 ? 136 HOH C O   1 
HETATM 1760 O O   . HOH G 2 .  ? -1.250  -18.589 4.670   1.00 28.22 ? 137 HOH C O   1 
HETATM 1761 O O   . HOH G 2 .  ? -13.774 2.268   -10.124 1.00 27.30 ? 141 HOH C O   1 
HETATM 1762 O O   . HOH G 2 .  ? -11.735 3.535   -17.198 1.00 28.68 ? 142 HOH C O   1 
HETATM 1763 O O   . HOH G 2 .  ? -0.277  -21.072 4.401   1.00 34.83 ? 149 HOH C O   1 
HETATM 1764 O O   . HOH G 2 .  ? -8.785  -9.831  13.675  1.00 30.30 ? 163 HOH C O   1 
HETATM 1765 O O   . HOH G 2 .  ? -7.798  -6.806  -2.573  1.00 26.11 ? 170 HOH C O   1 
HETATM 1766 O O   . HOH G 2 .  ? -11.998 -4.648  -8.488  1.00 26.15 ? 172 HOH C O   1 
HETATM 1767 O O   . HOH G 2 .  ? -11.375 -9.517  7.836   1.00 38.31 ? 178 HOH C O   1 
HETATM 1768 O O   . HOH G 2 .  ? -8.020  -15.298 6.836   1.00 33.28 ? 192 HOH C O   1 
HETATM 1769 O O   . HOH G 2 .  ? -9.251  -7.114  14.161  1.00 38.82 ? 197 HOH C O   1 
HETATM 1770 O O   . HOH G 2 .  ? -4.803  3.584   -7.227  1.00 34.64 ? 201 HOH C O   1 
HETATM 1771 O O   . HOH G 2 .  ? -8.916  -7.256  -6.673  1.00 51.68 ? 203 HOH C O   1 
HETATM 1772 O O   . HOH G 2 .  ? -6.721  -5.565  -10.231 1.00 36.14 ? 205 HOH C O   1 
HETATM 1773 O O   . HOH G 2 .  ? -6.535  -11.286 0.179   1.00 53.82 ? 207 HOH C O   1 
HETATM 1774 O O   . HOH G 2 .  ? -11.918 4.954   1.474   1.00 44.28 ? 209 HOH C O   1 
HETATM 1775 O O   . HOH G 2 .  ? -5.714  -19.788 5.965   1.00 48.42 ? 213 HOH C O   1 
HETATM 1776 O O   . HOH G 2 .  ? -12.999 4.933   -4.201  1.00 48.31 ? 217 HOH C O   1 
HETATM 1777 O O   . HOH G 2 .  ? -11.776 -4.432  -4.176  1.00 44.22 ? 225 HOH C O   1 
HETATM 1778 O O   . HOH G 2 .  ? -5.265  -18.169 13.983  1.00 38.95 ? 229 HOH C O   1 
HETATM 1779 O O   . HOH G 2 .  ? -12.312 -5.212  9.305   1.00 43.96 ? 231 HOH C O   1 
HETATM 1780 O O   . HOH G 2 .  ? -17.188 3.849   -15.758 1.00 45.91 ? 233 HOH C O   1 
HETATM 1781 O O   . HOH G 2 .  ? -9.069  -12.813 9.554   1.00 40.55 ? 246 HOH C O   1 
HETATM 1782 O O   . HOH G 2 .  ? -10.559 2.098   6.219   1.00 46.96 ? 252 HOH C O   1 
HETATM 1783 O O   . HOH G 2 .  ? -11.983 -4.384  3.677   1.00 37.81 ? 253 HOH C O   1 
HETATM 1784 O O   . HOH G 2 .  ? -13.911 1.568   -7.617  1.00 38.27 ? 256 HOH C O   1 
HETATM 1785 O O   . HOH G 2 .  ? -7.625  -8.871  -0.703  1.00 35.59 ? 258 HOH C O   1 
HETATM 1786 O O   . HOH G 2 .  ? -3.150  -20.289 6.452   1.00 44.82 ? 261 HOH C O   1 
HETATM 1787 O O   . HOH G 2 .  ? -13.948 14.119  -15.799 1.00 39.03 ? 265 HOH C O   1 
HETATM 1788 O O   . HOH G 2 .  ? -10.571 -6.881  -8.921  1.00 41.82 ? 283 HOH C O   1 
HETATM 1789 O O   . HOH G 2 .  ? -13.938 12.590  -13.490 1.00 46.31 ? 284 HOH C O   1 
HETATM 1790 O O   . HOH G 2 .  ? -8.963  -13.108 5.496   1.00 49.58 ? 288 HOH C O   1 
HETATM 1791 O O   . HOH G 2 .  ? -10.434 -0.555  6.266   1.00 46.10 ? 290 HOH C O   1 
HETATM 1792 O O   . HOH G 2 .  ? -13.738 12.402  -9.167  1.00 45.36 ? 291 HOH C O   1 
HETATM 1793 O O   . HOH G 2 .  ? -9.504  3.944   4.752   1.00 51.58 ? 293 HOH C O   1 
HETATM 1794 O O   . HOH G 2 .  ? -13.948 -1.433  -6.613  1.00 49.42 ? 294 HOH C O   1 
HETATM 1795 O O   . HOH G 2 .  ? -10.205 -7.254  -3.153  1.00 40.31 ? 301 HOH C O   1 
HETATM 1796 O O   . HOH G 2 .  ? -5.661  -20.309 20.448  1.00 43.59 ? 313 HOH C O   1 
HETATM 1797 O O   . HOH G 2 .  ? -11.474 -2.720  9.846   1.00 52.45 ? 318 HOH C O   1 
HETATM 1798 O O   . HOH G 2 .  ? -10.585 -5.256  12.757  1.00 45.54 ? 319 HOH C O   1 
HETATM 1799 O O   . HOH G 2 .  ? -4.182  4.797   -5.092  1.00 49.76 ? 324 HOH C O   1 
HETATM 1800 O O   . HOH G 2 .  ? -17.168 16.672  -20.721 1.00 50.43 ? 360 HOH C O   1 
HETATM 1801 O O   . HOH G 2 .  ? -16.651 11.270  -19.509 1.00 59.54 ? 361 HOH C O   1 
HETATM 1802 O O   . HOH G 2 .  ? -11.636 10.499  -25.523 1.00 50.41 ? 362 HOH C O   1 
HETATM 1803 O O   . HOH G 2 .  ? -13.778 7.389   -24.707 1.00 52.44 ? 363 HOH C O   1 
HETATM 1804 O O   . HOH G 2 .  ? -14.683 5.671   -9.640  1.00 51.04 ? 365 HOH C O   1 
HETATM 1805 O O   . HOH G 2 .  ? -4.272  -3.305  -16.188 1.00 38.98 ? 366 HOH C O   1 
HETATM 1806 O O   . HOH G 2 .  ? -15.163 -1.293  -3.679  1.00 50.83 ? 367 HOH C O   1 
HETATM 1807 O O   . HOH G 2 .  ? -12.178 -1.670  -0.429  1.00 38.64 ? 368 HOH C O   1 
HETATM 1808 O O   . HOH G 2 .  ? -11.376 -11.120 11.096  1.00 61.13 ? 369 HOH C O   1 
HETATM 1809 O O   . HOH G 2 .  ? -12.465 -8.258  11.943  1.00 58.15 ? 370 HOH C O   1 
HETATM 1810 O O   . HOH G 2 .  ? -1.158  -21.613 31.905  1.00 52.65 ? 376 HOH C O   1 
HETATM 1811 O O   . HOH G 2 .  ? 0.186   -23.810 18.284  1.00 58.75 ? 386 HOH C O   1 
HETATM 1812 O O   . HOH G 2 .  ? 2.604   -21.373 16.422  1.00 60.66 ? 387 HOH C O   1 
HETATM 1813 O O   . HOH H 2 .  ? 6.331   -6.921  -8.386  1.00 29.72 ? 100 HOH D O   1 
HETATM 1814 O O   . HOH H 2 .  ? -2.138  -11.322 6.972   1.00 20.14 ? 101 HOH D O   1 
HETATM 1815 O O   . HOH H 2 .  ? -2.842  -10.937 -2.021  1.00 20.96 ? 104 HOH D O   1 
HETATM 1816 O O   . HOH H 2 .  ? -7.446  1.331   -19.701 1.00 22.57 ? 105 HOH D O   1 
HETATM 1817 O O   . HOH H 2 .  ? -3.432  -0.450  -20.608 1.00 26.50 ? 107 HOH D O   1 
HETATM 1818 O O   . HOH H 2 .  ? 0.698   -16.576 5.251   1.00 24.37 ? 109 HOH D O   1 
HETATM 1819 O O   . HOH H 2 .  ? 3.300   -17.351 5.971   1.00 25.68 ? 111 HOH D O   1 
HETATM 1820 O O   . HOH H 2 .  ? 5.743   -20.283 3.184   1.00 24.74 ? 115 HOH D O   1 
HETATM 1821 O O   . HOH H 2 .  ? -7.266  3.557   -23.876 1.00 29.09 ? 119 HOH D O   1 
HETATM 1822 O O   . HOH H 2 .  ? 7.232   -7.853  -2.942  1.00 25.93 ? 120 HOH D O   1 
HETATM 1823 O O   . HOH H 2 .  ? 6.513   -5.778  -4.885  1.00 23.74 ? 124 HOH D O   1 
HETATM 1824 O O   . HOH H 2 .  ? 10.402  -5.259  1.940   1.00 27.52 ? 125 HOH D O   1 
HETATM 1825 O O   . HOH H 2 .  ? 3.873   -11.565 -2.788  1.00 30.16 ? 129 HOH D O   1 
HETATM 1826 O O   . HOH H 2 .  ? 4.589   -14.386 0.269   1.00 26.97 ? 130 HOH D O   1 
HETATM 1827 O O   . HOH H 2 .  ? -5.974  -7.613  -7.907  1.00 29.90 ? 138 HOH D O   1 
HETATM 1828 O O   . HOH H 2 .  ? -9.879  13.966  -33.184 1.00 31.92 ? 144 HOH D O   1 
HETATM 1829 O O   . HOH H 2 .  ? -3.662  5.647   -32.619 1.00 25.48 ? 146 HOH D O   1 
HETATM 1830 O O   . HOH H 2 .  ? -7.902  15.236  -40.707 1.00 30.33 ? 152 HOH D O   1 
HETATM 1831 O O   . HOH H 2 .  ? -7.014  -1.296  -20.180 1.00 36.96 ? 155 HOH D O   1 
HETATM 1832 O O   . HOH H 2 .  ? 3.907   -15.082 -2.410  1.00 35.68 ? 158 HOH D O   1 
HETATM 1833 O O   . HOH H 2 .  ? -0.412  -18.181 8.628   1.00 29.99 ? 160 HOH D O   1 
HETATM 1834 O O   . HOH H 2 .  ? 6.212   -1.203  -10.170 1.00 30.50 ? 161 HOH D O   1 
HETATM 1835 O O   . HOH H 2 .  ? 5.229   -17.742 4.056   1.00 28.58 ? 164 HOH D O   1 
HETATM 1836 O O   . HOH H 2 .  ? 2.909   2.906   -20.115 1.00 25.55 ? 165 HOH D O   1 
HETATM 1837 O O   . HOH H 2 .  ? -4.838  -9.915  -3.699  1.00 31.49 ? 174 HOH D O   1 
HETATM 1838 O O   . HOH H 2 .  ? 9.653   -7.216  -2.090  1.00 33.79 ? 175 HOH D O   1 
HETATM 1839 O O   . HOH H 2 .  ? 6.338   -16.118 1.514   1.00 37.65 ? 177 HOH D O   1 
HETATM 1840 O O   . HOH H 2 .  ? -4.031  -8.772  -9.224  1.00 29.75 ? 179 HOH D O   1 
HETATM 1841 O O   . HOH H 2 .  ? 4.382   -4.807  -11.022 1.00 28.55 ? 180 HOH D O   1 
HETATM 1842 O O   . HOH H 2 .  ? -4.238  -5.841  -11.776 1.00 29.43 ? 189 HOH D O   1 
HETATM 1843 O O   . HOH H 2 .  ? 2.796   -5.915  -13.105 1.00 37.60 ? 190 HOH D O   1 
HETATM 1844 O O   . HOH H 2 .  ? 12.854  -5.524  2.889   1.00 38.52 ? 193 HOH D O   1 
HETATM 1845 O O   . HOH H 2 .  ? 2.607   -13.996 -4.674  1.00 34.16 ? 194 HOH D O   1 
HETATM 1846 O O   . HOH H 2 .  ? 0.193   9.845   -28.479 1.00 36.09 ? 195 HOH D O   1 
HETATM 1847 O O   . HOH H 2 .  ? 0.713   -2.999  -16.396 1.00 35.16 ? 199 HOH D O   1 
HETATM 1848 O O   . HOH H 2 .  ? 1.667   -9.211  -9.913  1.00 34.02 ? 202 HOH D O   1 
HETATM 1849 O O   . HOH H 2 .  ? -1.178  2.396   -8.764  1.00 35.94 ? 204 HOH D O   1 
HETATM 1850 O O   . HOH H 2 .  ? -5.670  14.339  -26.144 1.00 51.91 ? 208 HOH D O   1 
HETATM 1851 O O   . HOH H 2 .  ? 2.651   1.358   -22.362 1.00 37.73 ? 216 HOH D O   1 
HETATM 1852 O O   . HOH H 2 .  ? 4.305   -11.747 -7.965  1.00 43.28 ? 218 HOH D O   1 
HETATM 1853 O O   . HOH H 2 .  ? 10.640  -17.562 10.906  1.00 43.18 ? 221 HOH D O   1 
HETATM 1854 O O   . HOH H 2 .  ? -1.742  7.578   -31.921 1.00 45.32 ? 227 HOH D O   1 
HETATM 1855 O O   . HOH H 2 .  ? 6.707   -10.389 -3.911  1.00 33.22 ? 228 HOH D O   1 
HETATM 1856 O O   . HOH H 2 .  ? -2.814  1.685   -6.823  1.00 47.49 ? 230 HOH D O   1 
HETATM 1857 O O   . HOH H 2 .  ? -5.381  -7.155  -3.827  1.00 38.46 ? 232 HOH D O   1 
HETATM 1858 O O   . HOH H 2 .  ? -3.261  -4.510  -25.263 1.00 39.80 ? 240 HOH D O   1 
HETATM 1859 O O   . HOH H 2 .  ? 4.850   3.836   -24.379 1.00 47.79 ? 245 HOH D O   1 
HETATM 1860 O O   . HOH H 2 .  ? -5.011  -6.201  -14.926 1.00 58.07 ? 247 HOH D O   1 
HETATM 1861 O O   . HOH H 2 .  ? 10.654  -13.642 2.528   1.00 38.29 ? 251 HOH D O   1 
HETATM 1862 O O   . HOH H 2 .  ? 2.631   2.281   -24.880 1.00 43.82 ? 255 HOH D O   1 
HETATM 1863 O O   . HOH H 2 .  ? -4.516  -7.027  -23.960 1.00 45.34 ? 257 HOH D O   1 
HETATM 1864 O O   . HOH H 2 .  ? 0.763   -4.868  -14.447 1.00 32.78 ? 263 HOH D O   1 
HETATM 1865 O O   . HOH H 2 .  ? 10.512  -7.441  0.505   1.00 44.57 ? 264 HOH D O   1 
HETATM 1866 O O   . HOH H 2 .  ? 2.464   -19.160 7.782   1.00 41.72 ? 271 HOH D O   1 
HETATM 1867 O O   . HOH H 2 .  ? -11.479 16.425  -37.786 1.00 37.76 ? 272 HOH D O   1 
HETATM 1868 O O   . HOH H 2 .  ? -2.222  -6.983  -13.842 1.00 42.47 ? 273 HOH D O   1 
HETATM 1869 O O   . HOH H 2 .  ? -0.974  -5.736  6.643   1.00 50.29 ? 275 HOH D O   1 
HETATM 1870 O O   . HOH H 2 .  ? 6.215   -26.352 19.869  1.00 39.92 ? 276 HOH D O   1 
HETATM 1871 O O   . HOH H 2 .  ? 4.300   5.074   -21.559 1.00 45.54 ? 277 HOH D O   1 
HETATM 1872 O O   . HOH H 2 .  ? 7.183   -15.877 4.232   1.00 49.23 ? 278 HOH D O   1 
HETATM 1873 O O   . HOH H 2 .  ? -0.242  11.736  -30.273 1.00 36.06 ? 279 HOH D O   1 
HETATM 1874 O O   . HOH H 2 .  ? 5.123   1.423   -19.019 1.00 42.81 ? 280 HOH D O   1 
HETATM 1875 O O   . HOH H 2 .  ? -6.375  1.415   -22.170 1.00 36.96 ? 295 HOH D O   1 
HETATM 1876 O O   . HOH H 2 .  ? -1.761  -3.418  -17.489 1.00 41.28 ? 296 HOH D O   1 
HETATM 1877 O O   . HOH H 2 .  ? 9.894   -22.937 15.175  1.00 42.88 ? 298 HOH D O   1 
HETATM 1878 O O   . HOH H 2 .  ? 3.930   -25.842 18.366  1.00 52.30 ? 302 HOH D O   1 
HETATM 1879 O O   . HOH H 2 .  ? -1.299  8.047   -29.473 1.00 46.64 ? 304 HOH D O   1 
HETATM 1880 O O   . HOH H 2 .  ? -1.644  3.503   -5.149  1.00 51.23 ? 314 HOH D O   1 
HETATM 1881 O O   . HOH H 2 .  ? -2.668  -2.935  -20.054 1.00 48.29 ? 316 HOH D O   1 
HETATM 1882 O O   . HOH H 2 .  ? 10.682  -9.309  2.377   1.00 46.69 ? 317 HOH D O   1 
HETATM 1883 O O   . HOH H 2 .  ? 1.365   -6.457  5.515   1.00 59.69 ? 325 HOH D O   1 
HETATM 1884 O O   . HOH H 2 .  ? -12.815 15.550  -35.561 1.00 50.93 ? 359 HOH D O   1 
HETATM 1885 O O   . HOH H 2 .  ? -9.968  1.886   -19.160 1.00 41.81 ? 364 HOH D O   1 
HETATM 1886 O O   . HOH H 2 .  ? -1.270  -19.748 13.292  1.00 50.68 ? 371 HOH D O   1 
HETATM 1887 O O   . HOH H 2 .  ? 3.080   -20.942 9.596   1.00 49.29 ? 372 HOH D O   1 
HETATM 1888 O O   . HOH H 2 .  ? -0.443  -22.382 9.597   1.00 59.81 ? 373 HOH D O   1 
HETATM 1889 O O   . HOH H 2 .  ? -13.087 12.685  -34.326 1.00 53.17 ? 378 HOH D O   1 
HETATM 1890 O O   . HOH H 2 .  ? 0.590   8.924   -25.827 1.00 54.19 ? 381 HOH D O   1 
HETATM 1891 O O   . HOH H 2 .  ? -5.703  -1.161  -22.182 1.00 47.23 ? 382 HOH D O   1 
HETATM 1892 O O   . HOH H 2 .  ? 3.296   -1.452  -22.177 1.00 53.71 ? 383 HOH D O   1 
HETATM 1893 O O   . HOH H 2 .  ? 7.712   2.221   -15.403 1.00 58.39 ? 384 HOH D O   1 
HETATM 1894 O O   . HOH H 2 .  ? 11.922  -19.365 16.216  1.00 48.21 ? 385 HOH D O   1 
HETATM 1895 O O   . HOH H 2 .  ? 3.023   -5.658  7.297   1.00 57.05 ? 388 HOH D O   1 
# 
